data_3PDM
# 
_entry.id   3PDM 
# 
_audit_conform.dict_name       mmcif_pdbx.dic 
_audit_conform.dict_version    5.388 
_audit_conform.dict_location   http://mmcif.pdb.org/dictionaries/ascii/mmcif_pdbx.dic 
# 
loop_
_database_2.database_id 
_database_2.database_code 
_database_2.pdbx_database_accession 
_database_2.pdbx_DOI 
PDB   3PDM         pdb_00003pdm 10.2210/pdb3pdm/pdb 
NDB   NA0834       ?            ?                   
RCSB  RCSB062249   ?            ?                   
WWPDB D_1000062249 ?            ?                   
# 
loop_
_pdbx_audit_revision_history.ordinal 
_pdbx_audit_revision_history.data_content_type 
_pdbx_audit_revision_history.major_revision 
_pdbx_audit_revision_history.minor_revision 
_pdbx_audit_revision_history.revision_date 
1 'Structure model' 1 0 2011-01-12 
2 'Structure model' 1 1 2011-07-13 
3 'Structure model' 1 2 2017-11-08 
4 'Structure model' 1 3 2024-03-20 
# 
_pdbx_audit_revision_details.ordinal             1 
_pdbx_audit_revision_details.revision_ordinal    1 
_pdbx_audit_revision_details.data_content_type   'Structure model' 
_pdbx_audit_revision_details.provider            repository 
_pdbx_audit_revision_details.type                'Initial release' 
_pdbx_audit_revision_details.description         ? 
_pdbx_audit_revision_details.details             ? 
# 
loop_
_pdbx_audit_revision_group.ordinal 
_pdbx_audit_revision_group.revision_ordinal 
_pdbx_audit_revision_group.data_content_type 
_pdbx_audit_revision_group.group 
1 2 'Structure model' 'Version format compliance' 
2 3 'Structure model' 'Refinement description'    
3 4 'Structure model' 'Data collection'           
4 4 'Structure model' 'Database references'       
5 4 'Structure model' 'Derived calculations'      
# 
loop_
_pdbx_audit_revision_category.ordinal 
_pdbx_audit_revision_category.revision_ordinal 
_pdbx_audit_revision_category.data_content_type 
_pdbx_audit_revision_category.category 
1 3 'Structure model' software              
2 4 'Structure model' chem_comp_atom        
3 4 'Structure model' chem_comp_bond        
4 4 'Structure model' database_2            
5 4 'Structure model' pdbx_struct_oper_list 
# 
loop_
_pdbx_audit_revision_item.ordinal 
_pdbx_audit_revision_item.revision_ordinal 
_pdbx_audit_revision_item.data_content_type 
_pdbx_audit_revision_item.item 
1 3 'Structure model' '_software.name'                            
2 4 'Structure model' '_database_2.pdbx_DOI'                      
3 4 'Structure model' '_database_2.pdbx_database_accession'       
4 4 'Structure model' '_pdbx_struct_oper_list.name'               
5 4 'Structure model' '_pdbx_struct_oper_list.symmetry_operation' 
6 4 'Structure model' '_pdbx_struct_oper_list.type'               
# 
_pdbx_database_status.status_code                     REL 
_pdbx_database_status.entry_id                        3PDM 
_pdbx_database_status.recvd_initial_deposition_date   2010-10-22 
_pdbx_database_status.deposit_site                    RCSB 
_pdbx_database_status.process_site                    PDBJ 
_pdbx_database_status.status_code_sf                  REL 
_pdbx_database_status.status_code_mr                  ? 
_pdbx_database_status.SG_entry                        ? 
_pdbx_database_status.status_code_cs                  ? 
_pdbx_database_status.pdb_format_compatible           Y 
_pdbx_database_status.methods_development_category    ? 
_pdbx_database_status.status_code_nmr_data            ? 
# 
loop_
_audit_author.name 
_audit_author.pdbx_ordinal 
'Tewary, S.K.'    1 
'Wong, S.M.'      2 
'Swaminathan, K.' 3 
# 
_citation.id                        primary 
_citation.title                     
'Structure of Hibiscus latent Singapore virus by fiber diffraction: A non-conserved His122 contributes to coat protein stability' 
_citation.journal_abbrev            J.Mol.Biol. 
_citation.journal_volume            ? 
_citation.page_first                ? 
_citation.page_last                 ? 
_citation.year                      2010 
_citation.journal_id_ASTM           JMOBAK 
_citation.country                   UK 
_citation.journal_id_ISSN           1089-8638 
_citation.journal_id_CSD            0070 
_citation.book_publisher            ? 
_citation.pdbx_database_id_PubMed   21195089 
_citation.pdbx_database_id_DOI      10.1016/j.jmb.2010.12.032 
# 
loop_
_citation_author.citation_id 
_citation_author.name 
_citation_author.ordinal 
_citation_author.identifier_ORCID 
primary 'Tewary, S.K.'    1 ? 
primary 'Oda, T.'         2 ? 
primary 'Kendall, A.'     3 ? 
primary 'Bian, W.'        4 ? 
primary 'Stubbs, G.'      5 ? 
primary 'Wong, S.M.'      6 ? 
primary 'Swaminathan, K.' 7 ? 
# 
loop_
_entity.id 
_entity.type 
_entity.src_method 
_entity.pdbx_description 
_entity.formula_weight 
_entity.pdbx_number_of_molecules 
_entity.pdbx_ec 
_entity.pdbx_mutation 
_entity.pdbx_fragment 
_entity.details 
1 polymer syn 
;RNA (5'-R(P*GP*AP*A)-3')
;
958.660   1 ? ? ? ? 
2 polymer nat 'Coat protein'             18079.273 1 ? ? ? ? 
# 
loop_
_entity_poly.entity_id 
_entity_poly.type 
_entity_poly.nstd_linkage 
_entity_poly.nstd_monomer 
_entity_poly.pdbx_seq_one_letter_code 
_entity_poly.pdbx_seq_one_letter_code_can 
_entity_poly.pdbx_strand_id 
_entity_poly.pdbx_target_identifier 
1 polyribonucleotide no no GAA GAA R ? 
2 'polypeptide(L)'   no no 
;PYLNLTPLNLIYTSGTFAPYDVFLEILVKSRSNSFQTQAGRDTLREQLINSLQIVANLNTRYPLLGFYVWVRNPTLAPVF
EALLRATDTKNRIIEVEEESRPTTAETLNATQRVDDATVAIHKEIDNILLLLQGGTAVYDRTAFEVASGLSWADPTTTST
TT
;
;PYLNLTPLNLIYTSGTFAPYDVFLEILVKSRSNSFQTQAGRDTLREQLINSLQIVANLNTRYPLLGFYVWVRNPTLAPVF
EALLRATDTKNRIIEVEEESRPTTAETLNATQRVDDATVAIHKEIDNILLLLQGGTAVYDRTAFEVASGLSWADPTTTST
TT
;
P ? 
# 
loop_
_entity_poly_seq.entity_id 
_entity_poly_seq.num 
_entity_poly_seq.mon_id 
_entity_poly_seq.hetero 
1 1   G   n 
1 2   A   n 
1 3   A   n 
2 1   PRO n 
2 2   TYR n 
2 3   LEU n 
2 4   ASN n 
2 5   LEU n 
2 6   THR n 
2 7   PRO n 
2 8   LEU n 
2 9   ASN n 
2 10  LEU n 
2 11  ILE n 
2 12  TYR n 
2 13  THR n 
2 14  SER n 
2 15  GLY n 
2 16  THR n 
2 17  PHE n 
2 18  ALA n 
2 19  PRO n 
2 20  TYR n 
2 21  ASP n 
2 22  VAL n 
2 23  PHE n 
2 24  LEU n 
2 25  GLU n 
2 26  ILE n 
2 27  LEU n 
2 28  VAL n 
2 29  LYS n 
2 30  SER n 
2 31  ARG n 
2 32  SER n 
2 33  ASN n 
2 34  SER n 
2 35  PHE n 
2 36  GLN n 
2 37  THR n 
2 38  GLN n 
2 39  ALA n 
2 40  GLY n 
2 41  ARG n 
2 42  ASP n 
2 43  THR n 
2 44  LEU n 
2 45  ARG n 
2 46  GLU n 
2 47  GLN n 
2 48  LEU n 
2 49  ILE n 
2 50  ASN n 
2 51  SER n 
2 52  LEU n 
2 53  GLN n 
2 54  ILE n 
2 55  VAL n 
2 56  ALA n 
2 57  ASN n 
2 58  LEU n 
2 59  ASN n 
2 60  THR n 
2 61  ARG n 
2 62  TYR n 
2 63  PRO n 
2 64  LEU n 
2 65  LEU n 
2 66  GLY n 
2 67  PHE n 
2 68  TYR n 
2 69  VAL n 
2 70  TRP n 
2 71  VAL n 
2 72  ARG n 
2 73  ASN n 
2 74  PRO n 
2 75  THR n 
2 76  LEU n 
2 77  ALA n 
2 78  PRO n 
2 79  VAL n 
2 80  PHE n 
2 81  GLU n 
2 82  ALA n 
2 83  LEU n 
2 84  LEU n 
2 85  ARG n 
2 86  ALA n 
2 87  THR n 
2 88  ASP n 
2 89  THR n 
2 90  LYS n 
2 91  ASN n 
2 92  ARG n 
2 93  ILE n 
2 94  ILE n 
2 95  GLU n 
2 96  VAL n 
2 97  GLU n 
2 98  GLU n 
2 99  GLU n 
2 100 SER n 
2 101 ARG n 
2 102 PRO n 
2 103 THR n 
2 104 THR n 
2 105 ALA n 
2 106 GLU n 
2 107 THR n 
2 108 LEU n 
2 109 ASN n 
2 110 ALA n 
2 111 THR n 
2 112 GLN n 
2 113 ARG n 
2 114 VAL n 
2 115 ASP n 
2 116 ASP n 
2 117 ALA n 
2 118 THR n 
2 119 VAL n 
2 120 ALA n 
2 121 ILE n 
2 122 HIS n 
2 123 LYS n 
2 124 GLU n 
2 125 ILE n 
2 126 ASP n 
2 127 ASN n 
2 128 ILE n 
2 129 LEU n 
2 130 LEU n 
2 131 LEU n 
2 132 LEU n 
2 133 GLN n 
2 134 GLY n 
2 135 GLY n 
2 136 THR n 
2 137 ALA n 
2 138 VAL n 
2 139 TYR n 
2 140 ASP n 
2 141 ARG n 
2 142 THR n 
2 143 ALA n 
2 144 PHE n 
2 145 GLU n 
2 146 VAL n 
2 147 ALA n 
2 148 SER n 
2 149 GLY n 
2 150 LEU n 
2 151 SER n 
2 152 TRP n 
2 153 ALA n 
2 154 ASP n 
2 155 PRO n 
2 156 THR n 
2 157 THR n 
2 158 THR n 
2 159 SER n 
2 160 THR n 
2 161 THR n 
2 162 THR n 
# 
_entity_src_nat.entity_id                  2 
_entity_src_nat.pdbx_src_id                1 
_entity_src_nat.pdbx_alt_source_flag       sample 
_entity_src_nat.pdbx_beg_seq_num           ? 
_entity_src_nat.pdbx_end_seq_num           ? 
_entity_src_nat.common_name                ? 
_entity_src_nat.pdbx_organism_scientific   'Hibiscus latent Singapore virus' 
_entity_src_nat.pdbx_ncbi_taxonomy_id      185955 
_entity_src_nat.genus                      ? 
_entity_src_nat.species                    ? 
_entity_src_nat.strain                     ? 
_entity_src_nat.tissue                     ? 
_entity_src_nat.tissue_fraction            ? 
_entity_src_nat.pdbx_secretion             ? 
_entity_src_nat.pdbx_fragment              ? 
_entity_src_nat.pdbx_variant               ? 
_entity_src_nat.pdbx_cell_line             ? 
_entity_src_nat.pdbx_atcc                  ? 
_entity_src_nat.pdbx_cellular_location     ? 
_entity_src_nat.pdbx_organ                 ? 
_entity_src_nat.pdbx_organelle             ? 
_entity_src_nat.pdbx_cell                  ? 
_entity_src_nat.pdbx_plasmid_name          ? 
_entity_src_nat.pdbx_plasmid_details       ? 
_entity_src_nat.details                    ? 
# 
_pdbx_entity_src_syn.entity_id              1 
_pdbx_entity_src_syn.pdbx_src_id            1 
_pdbx_entity_src_syn.pdbx_alt_source_flag   sample 
_pdbx_entity_src_syn.pdbx_beg_seq_num       ? 
_pdbx_entity_src_syn.pdbx_end_seq_num       ? 
_pdbx_entity_src_syn.organism_scientific    ? 
_pdbx_entity_src_syn.organism_common_name   ? 
_pdbx_entity_src_syn.ncbi_taxonomy_id       ? 
_pdbx_entity_src_syn.details                'synthetic RNA' 
# 
loop_
_chem_comp.id 
_chem_comp.type 
_chem_comp.mon_nstd_flag 
_chem_comp.name 
_chem_comp.pdbx_synonyms 
_chem_comp.formula 
_chem_comp.formula_weight 
A   'RNA linking'       y "ADENOSINE-5'-MONOPHOSPHATE" ? 'C10 H14 N5 O7 P' 347.221 
ALA 'L-peptide linking' y ALANINE                      ? 'C3 H7 N O2'      89.093  
ARG 'L-peptide linking' y ARGININE                     ? 'C6 H15 N4 O2 1'  175.209 
ASN 'L-peptide linking' y ASPARAGINE                   ? 'C4 H8 N2 O3'     132.118 
ASP 'L-peptide linking' y 'ASPARTIC ACID'              ? 'C4 H7 N O4'      133.103 
G   'RNA linking'       y "GUANOSINE-5'-MONOPHOSPHATE" ? 'C10 H14 N5 O8 P' 363.221 
GLN 'L-peptide linking' y GLUTAMINE                    ? 'C5 H10 N2 O3'    146.144 
GLU 'L-peptide linking' y 'GLUTAMIC ACID'              ? 'C5 H9 N O4'      147.129 
GLY 'peptide linking'   y GLYCINE                      ? 'C2 H5 N O2'      75.067  
HIS 'L-peptide linking' y HISTIDINE                    ? 'C6 H10 N3 O2 1'  156.162 
ILE 'L-peptide linking' y ISOLEUCINE                   ? 'C6 H13 N O2'     131.173 
LEU 'L-peptide linking' y LEUCINE                      ? 'C6 H13 N O2'     131.173 
LYS 'L-peptide linking' y LYSINE                       ? 'C6 H15 N2 O2 1'  147.195 
PHE 'L-peptide linking' y PHENYLALANINE                ? 'C9 H11 N O2'     165.189 
PRO 'L-peptide linking' y PROLINE                      ? 'C5 H9 N O2'      115.130 
SER 'L-peptide linking' y SERINE                       ? 'C3 H7 N O3'      105.093 
THR 'L-peptide linking' y THREONINE                    ? 'C4 H9 N O3'      119.119 
TRP 'L-peptide linking' y TRYPTOPHAN                   ? 'C11 H12 N2 O2'   204.225 
TYR 'L-peptide linking' y TYROSINE                     ? 'C9 H11 N O3'     181.189 
VAL 'L-peptide linking' y VALINE                       ? 'C5 H11 N O2'     117.146 
# 
loop_
_pdbx_poly_seq_scheme.asym_id 
_pdbx_poly_seq_scheme.entity_id 
_pdbx_poly_seq_scheme.seq_id 
_pdbx_poly_seq_scheme.mon_id 
_pdbx_poly_seq_scheme.ndb_seq_num 
_pdbx_poly_seq_scheme.pdb_seq_num 
_pdbx_poly_seq_scheme.auth_seq_num 
_pdbx_poly_seq_scheme.pdb_mon_id 
_pdbx_poly_seq_scheme.auth_mon_id 
_pdbx_poly_seq_scheme.pdb_strand_id 
_pdbx_poly_seq_scheme.pdb_ins_code 
_pdbx_poly_seq_scheme.hetero 
A 1 1   G   1   1   1   G   G   R . n 
A 1 2   A   2   2   2   A   A   R . n 
A 1 3   A   3   3   3   A   A   R . n 
B 2 1   PRO 1   1   1   PRO PRO P . n 
B 2 2   TYR 2   2   2   TYR TYR P . n 
B 2 3   LEU 3   3   3   LEU LEU P . n 
B 2 4   ASN 4   4   4   ASN ASN P . n 
B 2 5   LEU 5   5   5   LEU LEU P . n 
B 2 6   THR 6   6   6   THR THR P . n 
B 2 7   PRO 7   7   7   PRO PRO P . n 
B 2 8   LEU 8   8   8   LEU LEU P . n 
B 2 9   ASN 9   9   9   ASN ASN P . n 
B 2 10  LEU 10  10  10  LEU LEU P . n 
B 2 11  ILE 11  11  11  ILE ILE P . n 
B 2 12  TYR 12  12  12  TYR TYR P . n 
B 2 13  THR 13  13  13  THR THR P . n 
B 2 14  SER 14  14  14  SER SER P . n 
B 2 15  GLY 15  15  15  GLY GLY P . n 
B 2 16  THR 16  16  16  THR THR P . n 
B 2 17  PHE 17  17  17  PHE PHE P . n 
B 2 18  ALA 18  18  18  ALA ALA P . n 
B 2 19  PRO 19  19  19  PRO PRO P . n 
B 2 20  TYR 20  20  20  TYR TYR P . n 
B 2 21  ASP 21  21  21  ASP ASP P . n 
B 2 22  VAL 22  22  22  VAL VAL P . n 
B 2 23  PHE 23  23  23  PHE PHE P . n 
B 2 24  LEU 24  24  24  LEU LEU P . n 
B 2 25  GLU 25  25  25  GLU GLU P . n 
B 2 26  ILE 26  26  26  ILE ILE P . n 
B 2 27  LEU 27  27  27  LEU LEU P . n 
B 2 28  VAL 28  28  28  VAL VAL P . n 
B 2 29  LYS 29  29  29  LYS LYS P . n 
B 2 30  SER 30  30  30  SER SER P . n 
B 2 31  ARG 31  31  31  ARG ARG P . n 
B 2 32  SER 32  32  32  SER SER P . n 
B 2 33  ASN 33  33  33  ASN ASN P . n 
B 2 34  SER 34  34  34  SER SER P . n 
B 2 35  PHE 35  35  35  PHE PHE P . n 
B 2 36  GLN 36  36  36  GLN GLN P . n 
B 2 37  THR 37  37  37  THR THR P . n 
B 2 38  GLN 38  38  38  GLN GLN P . n 
B 2 39  ALA 39  39  39  ALA ALA P . n 
B 2 40  GLY 40  40  40  GLY GLY P . n 
B 2 41  ARG 41  41  41  ARG ARG P . n 
B 2 42  ASP 42  42  42  ASP ASP P . n 
B 2 43  THR 43  43  43  THR THR P . n 
B 2 44  LEU 44  44  44  LEU LEU P . n 
B 2 45  ARG 45  45  45  ARG ARG P . n 
B 2 46  GLU 46  46  46  GLU GLU P . n 
B 2 47  GLN 47  47  47  GLN GLN P . n 
B 2 48  LEU 48  48  48  LEU LEU P . n 
B 2 49  ILE 49  49  49  ILE ILE P . n 
B 2 50  ASN 50  50  50  ASN ASN P . n 
B 2 51  SER 51  51  51  SER SER P . n 
B 2 52  LEU 52  52  52  LEU LEU P . n 
B 2 53  GLN 53  53  53  GLN GLN P . n 
B 2 54  ILE 54  54  54  ILE ILE P . n 
B 2 55  VAL 55  55  55  VAL VAL P . n 
B 2 56  ALA 56  56  56  ALA ALA P . n 
B 2 57  ASN 57  57  57  ASN ASN P . n 
B 2 58  LEU 58  58  58  LEU LEU P . n 
B 2 59  ASN 59  59  59  ASN ASN P . n 
B 2 60  THR 60  60  60  THR THR P . n 
B 2 61  ARG 61  61  61  ARG ARG P . n 
B 2 62  TYR 62  62  62  TYR TYR P . n 
B 2 63  PRO 63  63  63  PRO PRO P . n 
B 2 64  LEU 64  64  64  LEU LEU P . n 
B 2 65  LEU 65  65  65  LEU LEU P . n 
B 2 66  GLY 66  66  66  GLY GLY P . n 
B 2 67  PHE 67  67  67  PHE PHE P . n 
B 2 68  TYR 68  68  68  TYR TYR P . n 
B 2 69  VAL 69  69  69  VAL VAL P . n 
B 2 70  TRP 70  70  70  TRP TRP P . n 
B 2 71  VAL 71  71  71  VAL VAL P . n 
B 2 72  ARG 72  72  72  ARG ARG P . n 
B 2 73  ASN 73  73  73  ASN ASN P . n 
B 2 74  PRO 74  74  74  PRO PRO P . n 
B 2 75  THR 75  75  75  THR THR P . n 
B 2 76  LEU 76  76  76  LEU LEU P . n 
B 2 77  ALA 77  77  77  ALA ALA P . n 
B 2 78  PRO 78  78  78  PRO PRO P . n 
B 2 79  VAL 79  79  79  VAL VAL P . n 
B 2 80  PHE 80  80  80  PHE PHE P . n 
B 2 81  GLU 81  81  81  GLU GLU P . n 
B 2 82  ALA 82  82  82  ALA ALA P . n 
B 2 83  LEU 83  83  83  LEU LEU P . n 
B 2 84  LEU 84  84  84  LEU LEU P . n 
B 2 85  ARG 85  85  85  ARG ARG P . n 
B 2 86  ALA 86  86  86  ALA ALA P . n 
B 2 87  THR 87  87  87  THR THR P . n 
B 2 88  ASP 88  88  88  ASP ASP P . n 
B 2 89  THR 89  89  89  THR THR P . n 
B 2 90  LYS 90  90  90  LYS LYS P . n 
B 2 91  ASN 91  91  91  ASN ASN P . n 
B 2 92  ARG 92  92  92  ARG ARG P . n 
B 2 93  ILE 93  93  93  ILE ILE P . n 
B 2 94  ILE 94  94  94  ILE ILE P . n 
B 2 95  GLU 95  95  95  GLU GLU P . n 
B 2 96  VAL 96  96  96  VAL VAL P . n 
B 2 97  GLU 97  97  97  GLU GLU P . n 
B 2 98  GLU 98  98  98  GLU GLU P . n 
B 2 99  GLU 99  99  99  GLU GLU P . n 
B 2 100 SER 100 100 100 SER SER P . n 
B 2 101 ARG 101 101 101 ARG ARG P . n 
B 2 102 PRO 102 102 102 PRO PRO P . n 
B 2 103 THR 103 103 103 THR THR P . n 
B 2 104 THR 104 104 104 THR THR P . n 
B 2 105 ALA 105 105 105 ALA ALA P . n 
B 2 106 GLU 106 106 106 GLU GLU P . n 
B 2 107 THR 107 107 107 THR THR P . n 
B 2 108 LEU 108 108 108 LEU LEU P . n 
B 2 109 ASN 109 109 109 ASN ASN P . n 
B 2 110 ALA 110 110 110 ALA ALA P . n 
B 2 111 THR 111 111 111 THR THR P . n 
B 2 112 GLN 112 112 112 GLN GLN P . n 
B 2 113 ARG 113 113 113 ARG ARG P . n 
B 2 114 VAL 114 114 114 VAL VAL P . n 
B 2 115 ASP 115 115 115 ASP ASP P . n 
B 2 116 ASP 116 116 116 ASP ASP P . n 
B 2 117 ALA 117 117 117 ALA ALA P . n 
B 2 118 THR 118 118 118 THR THR P . n 
B 2 119 VAL 119 119 119 VAL VAL P . n 
B 2 120 ALA 120 120 120 ALA ALA P . n 
B 2 121 ILE 121 121 121 ILE ILE P . n 
B 2 122 HIS 122 122 122 HIS HIS P . n 
B 2 123 LYS 123 123 123 LYS LYS P . n 
B 2 124 GLU 124 124 124 GLU GLU P . n 
B 2 125 ILE 125 125 125 ILE ILE P . n 
B 2 126 ASP 126 126 126 ASP ASP P . n 
B 2 127 ASN 127 127 127 ASN ASN P . n 
B 2 128 ILE 128 128 128 ILE ILE P . n 
B 2 129 LEU 129 129 129 LEU LEU P . n 
B 2 130 LEU 130 130 130 LEU LEU P . n 
B 2 131 LEU 131 131 131 LEU LEU P . n 
B 2 132 LEU 132 132 132 LEU LEU P . n 
B 2 133 GLN 133 133 133 GLN GLN P . n 
B 2 134 GLY 134 134 134 GLY GLY P . n 
B 2 135 GLY 135 135 135 GLY GLY P . n 
B 2 136 THR 136 136 136 THR THR P . n 
B 2 137 ALA 137 137 137 ALA ALA P . n 
B 2 138 VAL 138 138 138 VAL VAL P . n 
B 2 139 TYR 139 139 139 TYR TYR P . n 
B 2 140 ASP 140 140 140 ASP ASP P . n 
B 2 141 ARG 141 141 141 ARG ARG P . n 
B 2 142 THR 142 142 142 THR THR P . n 
B 2 143 ALA 143 143 143 ALA ALA P . n 
B 2 144 PHE 144 144 144 PHE PHE P . n 
B 2 145 GLU 145 145 145 GLU GLU P . n 
B 2 146 VAL 146 146 146 VAL VAL P . n 
B 2 147 ALA 147 147 147 ALA ALA P . n 
B 2 148 SER 148 148 148 SER SER P . n 
B 2 149 GLY 149 149 149 GLY GLY P . n 
B 2 150 LEU 150 150 150 LEU LEU P . n 
B 2 151 SER 151 151 151 SER SER P . n 
B 2 152 TRP 152 152 152 TRP TRP P . n 
B 2 153 ALA 153 153 153 ALA ALA P . n 
B 2 154 ASP 154 154 154 ASP ASP P . n 
B 2 155 PRO 155 155 155 PRO PRO P . n 
B 2 156 THR 156 156 156 THR THR P . n 
B 2 157 THR 157 157 157 THR THR P . n 
B 2 158 THR 158 158 158 THR THR P . n 
B 2 159 SER 159 159 159 SER SER P . n 
B 2 160 THR 160 160 160 THR THR P . n 
B 2 161 THR 161 161 161 THR THR P . n 
B 2 162 THR 162 162 162 THR THR P . n 
# 
loop_
_software.name 
_software.classification 
_software.version 
_software.citation_id 
_software.pdbx_ordinal 
ADSC   'data collection' Quantum ? 1  
X-PLOR 'model building'  .       ? 2  
X-PLOR refinement        .       ? 3  
WCEN   'data reduction'  .       ? 4  
RAD    'data reduction'  .       ? 5  
CORR   'data reduction'  .       ? 6  
WCEN   'data scaling'    .       ? 7  
RAD    'data scaling'    .       ? 8  
CORR   'data scaling'    .       ? 9  
X-PLOR phasing           .       ? 10 
# 
_cell.entry_id           3PDM 
_cell.length_a           1.000 
_cell.length_b           1.000 
_cell.length_c           1.000 
_cell.angle_alpha        90.00 
_cell.angle_beta         90.00 
_cell.angle_gamma        90.00 
_cell.Z_PDB              1 
_cell.pdbx_unique_axis   ? 
_cell.length_a_esd       ? 
_cell.length_b_esd       ? 
_cell.length_c_esd       ? 
_cell.angle_alpha_esd    ? 
_cell.angle_beta_esd     ? 
_cell.angle_gamma_esd    ? 
# 
_symmetry.entry_id                         3PDM 
_symmetry.space_group_name_H-M             'P 1' 
_symmetry.pdbx_full_space_group_name_H-M   ? 
_symmetry.cell_setting                     ? 
_symmetry.Int_Tables_number                1 
_symmetry.space_group_name_Hall            ? 
# 
_exptl.entry_id          3PDM 
_exptl.method            'FIBER DIFFRACTION' 
_exptl.crystals_number   1 
# 
_exptl_crystal.id                    1 
_exptl_crystal.density_meas          ? 
_exptl_crystal.density_Matthews      ? 
_exptl_crystal.density_percent_sol   ? 
_exptl_crystal.description           ? 
_exptl_crystal.F_000                 ? 
_exptl_crystal.preparation           ? 
# 
_exptl_crystal_grow.crystal_id      1 
_exptl_crystal_grow.method          'Oriented sol' 
_exptl_crystal_grow.temp            ? 
_exptl_crystal_grow.temp_details    ? 
_exptl_crystal_grow.pH              ? 
_exptl_crystal_grow.pdbx_details    'Oriented sol' 
_exptl_crystal_grow.pdbx_pH_range   ? 
# 
_diffrn.id                     1 
_diffrn.ambient_temp           ? 
_diffrn.ambient_temp_details   ? 
_diffrn.crystal_id             1 
# 
_diffrn_detector.diffrn_id              1 
_diffrn_detector.detector               CCD 
_diffrn_detector.type                   'ADSC QUANTUM 315' 
_diffrn_detector.pdbx_collection_date   ? 
_diffrn_detector.details                ? 
# 
_diffrn_radiation.diffrn_id                        1 
_diffrn_radiation.wavelength_id                    1 
_diffrn_radiation.pdbx_monochromatic_or_laue_m_l   M 
_diffrn_radiation.monochromator                    ? 
_diffrn_radiation.pdbx_diffrn_protocol             'SINGLE WAVELENGTH' 
_diffrn_radiation.pdbx_scattering_type             x-ray 
# 
_diffrn_radiation_wavelength.id           1 
_diffrn_radiation_wavelength.wavelength   0.9002 
_diffrn_radiation_wavelength.wt           1.0 
# 
_diffrn_source.diffrn_id                   1 
_diffrn_source.source                      SYNCHROTRON 
_diffrn_source.type                        'APS BEAMLINE 14-BM-C' 
_diffrn_source.pdbx_synchrotron_site       APS 
_diffrn_source.pdbx_synchrotron_beamline   14-BM-C 
_diffrn_source.pdbx_wavelength             ? 
_diffrn_source.pdbx_wavelength_list        0.9002 
# 
_reflns.entry_id                     3PDM 
_reflns.observed_criterion_sigma_I   ? 
_reflns.observed_criterion_sigma_F   1 
_reflns.d_resolution_low             50 
_reflns.d_resolution_high            3.5 
_reflns.number_obs                   3486 
_reflns.number_all                   3486 
_reflns.percent_possible_obs         100 
_reflns.pdbx_Rmerge_I_obs            ? 
_reflns.pdbx_Rsym_value              ? 
_reflns.pdbx_netI_over_sigmaI        ? 
_reflns.B_iso_Wilson_estimate        ? 
_reflns.pdbx_redundancy              ? 
_reflns.R_free_details               ? 
_reflns.limit_h_max                  ? 
_reflns.limit_h_min                  ? 
_reflns.limit_k_max                  ? 
_reflns.limit_k_min                  ? 
_reflns.limit_l_max                  ? 
_reflns.limit_l_min                  ? 
_reflns.observed_criterion_F_max     ? 
_reflns.observed_criterion_F_min     ? 
_reflns.pdbx_chi_squared             ? 
_reflns.pdbx_scaling_rejects         ? 
_reflns.pdbx_diffrn_id               1 
_reflns.pdbx_ordinal                 1 
# 
_refine.entry_id                                 3PDM 
_refine.ls_number_reflns_obs                     3486 
_refine.ls_number_reflns_all                     3486 
_refine.pdbx_ls_sigma_I                          ? 
_refine.pdbx_ls_sigma_F                          1 
_refine.pdbx_data_cutoff_high_absF               ? 
_refine.pdbx_data_cutoff_low_absF                ? 
_refine.pdbx_data_cutoff_high_rms_absF           ? 
_refine.ls_d_res_low                             50 
_refine.ls_d_res_high                            3.5 
_refine.ls_percent_reflns_obs                    ? 
_refine.ls_R_factor_obs                          0.096 
_refine.ls_R_factor_all                          ? 
_refine.ls_R_factor_R_work                       0.096 
_refine.ls_R_factor_R_free                       ? 
_refine.ls_R_factor_R_free_error                 ? 
_refine.ls_R_factor_R_free_error_details         ? 
_refine.ls_percent_reflns_R_free                 ? 
_refine.ls_number_reflns_R_free                  ? 
_refine.ls_number_parameters                     ? 
_refine.ls_number_restraints                     ? 
_refine.occupancy_min                            ? 
_refine.occupancy_max                            ? 
_refine.correlation_coeff_Fo_to_Fc               ? 
_refine.correlation_coeff_Fo_to_Fc_free          ? 
_refine.B_iso_mean                               ? 
_refine.aniso_B[1][1]                            ? 
_refine.aniso_B[2][2]                            ? 
_refine.aniso_B[3][3]                            ? 
_refine.aniso_B[1][2]                            ? 
_refine.aniso_B[1][3]                            ? 
_refine.aniso_B[2][3]                            ? 
_refine.solvent_model_details                    ? 
_refine.solvent_model_param_ksol                 ? 
_refine.solvent_model_param_bsol                 ? 
_refine.pdbx_solvent_vdw_probe_radii             ? 
_refine.pdbx_solvent_ion_probe_radii             ? 
_refine.pdbx_solvent_shrinkage_radii             ? 
_refine.pdbx_ls_cross_valid_method               ? 
_refine.details                                  
;THE STRUCTURE WAS DETERMINED BY FIBER DIFFRACTION USING MOLECULAR REPLACEMENT WITH LAYER-LINE SPLITTING, SOLVENT FLATTENING REFINEMENT AND RESTRAINED LEAST SQUARES COORDINATE REFINEMENT. THE STRUCTURE INCLUDES 162 OF THE 163 AMINO ACIDS AND THREE RNA NUCLEOTIDES MODELLED AS GAA BUT REPRESENTING THE ENTIRE NUCLEIC ACID CONTENT.
;
_refine.pdbx_starting_model                      ? 
_refine.pdbx_method_to_determine_struct          'MOLECULAR REPLACEMENT' 
_refine.pdbx_isotropic_thermal_model             ? 
_refine.pdbx_stereochemistry_target_values       'Engh & Huber' 
_refine.pdbx_stereochem_target_val_spec_case     ? 
_refine.pdbx_R_Free_selection_details            ? 
_refine.pdbx_overall_ESU_R_Free                  ? 
_refine.overall_SU_ML                            ? 
_refine.overall_SU_B                             ? 
_refine.overall_SU_R_Cruickshank_DPI             ? 
_refine.ls_redundancy_reflns_obs                 ? 
_refine.B_iso_min                                ? 
_refine.B_iso_max                                ? 
_refine.overall_SU_R_free                        ? 
_refine.ls_wR_factor_R_free                      ? 
_refine.ls_wR_factor_R_work                      ? 
_refine.overall_FOM_free_R_set                   ? 
_refine.overall_FOM_work_R_set                   ? 
_refine.pdbx_overall_phase_error                 ? 
_refine.pdbx_refine_id                           'FIBER DIFFRACTION' 
_refine.pdbx_overall_ESU_R                       ? 
_refine.pdbx_diffrn_id                           1 
_refine.pdbx_TLS_residual_ADP_flag               ? 
_refine.pdbx_overall_SU_R_free_Cruickshank_DPI   ? 
_refine.pdbx_overall_SU_R_Blow_DPI               ? 
_refine.pdbx_overall_SU_R_free_Blow_DPI          ? 
# 
_refine_hist.pdbx_refine_id                   'FIBER DIFFRACTION' 
_refine_hist.cycle_id                         LAST 
_refine_hist.pdbx_number_atoms_protein        1277 
_refine_hist.pdbx_number_atoms_nucleic_acid   64 
_refine_hist.pdbx_number_atoms_ligand         0 
_refine_hist.number_atoms_solvent             0 
_refine_hist.number_atoms_total               1341 
_refine_hist.d_res_high                       3.5 
_refine_hist.d_res_low                        50 
# 
_struct.entry_id                  3PDM 
_struct.title                     'Hibiscus Latent Singapore virus' 
_struct.pdbx_model_details        ? 
_struct.pdbx_CASP_flag            ? 
_struct.pdbx_model_type_details   ? 
# 
_struct_keywords.entry_id        3PDM 
_struct_keywords.pdbx_keywords   VIRUS 
_struct_keywords.text            'HELICAL VIRUS, VIRUS-RNA COMPLEX, VIRUS' 
# 
loop_
_struct_asym.id 
_struct_asym.pdbx_blank_PDB_chainid_flag 
_struct_asym.pdbx_modified 
_struct_asym.entity_id 
_struct_asym.details 
A N N 1 ? 
B N N 2 ? 
# 
loop_
_struct_ref.id 
_struct_ref.db_name 
_struct_ref.db_code 
_struct_ref.pdbx_db_accession 
_struct_ref.entity_id 
_struct_ref.pdbx_seq_one_letter_code 
_struct_ref.pdbx_align_begin 
_struct_ref.pdbx_db_isoform 
1 PDB 3PDM         3PDM   1 ? 1 ? 
2 UNP Q8BE68_9VIRU Q8BE68 2 
;PYLNLTPLNLIYTSGTFAPYDVFLEILVKSRSNSFQTQAGRDTLREQLINSLQIVANLNTRYPLLGFYVWVRNPTLAPVF
EALLRATDTKNRIIEVEEESRPTTAETLNATQRVDDATVAIHKEIDNILLLLQGGTAVYDRTAFEVASGLSWADPTTTST
TT
;
2 ? 
# 
loop_
_struct_ref_seq.align_id 
_struct_ref_seq.ref_id 
_struct_ref_seq.pdbx_PDB_id_code 
_struct_ref_seq.pdbx_strand_id 
_struct_ref_seq.seq_align_beg 
_struct_ref_seq.pdbx_seq_align_beg_ins_code 
_struct_ref_seq.seq_align_end 
_struct_ref_seq.pdbx_seq_align_end_ins_code 
_struct_ref_seq.pdbx_db_accession 
_struct_ref_seq.db_align_beg 
_struct_ref_seq.pdbx_db_align_beg_ins_code 
_struct_ref_seq.db_align_end 
_struct_ref_seq.pdbx_db_align_end_ins_code 
_struct_ref_seq.pdbx_auth_seq_align_beg 
_struct_ref_seq.pdbx_auth_seq_align_end 
1 1 3PDM R 1 ? 3   ? 3PDM   1 ? 3   ? 1 3   
2 2 3PDM P 1 ? 162 ? Q8BE68 2 ? 163 ? 1 162 
# 
loop_
_pdbx_struct_assembly.id 
_pdbx_struct_assembly.details 
_pdbx_struct_assembly.method_details 
_pdbx_struct_assembly.oligomeric_details 
_pdbx_struct_assembly.oligomeric_count 
1 'representative helical assembly'            ? 98-meric 98 
2 'helical asymmetric unit'                    ? dimeric  2  
3 'helical asymmetric unit, std helical frame' ? dimeric  2  
# 
loop_
_pdbx_struct_assembly_gen.assembly_id 
_pdbx_struct_assembly_gen.oper_expression 
_pdbx_struct_assembly_gen.asym_id_list 
1 '(1-49)' A,B 
2 25       A,B 
3 H        A,B 
# 
loop_
_pdbx_struct_oper_list.id 
_pdbx_struct_oper_list.type 
_pdbx_struct_oper_list.name 
_pdbx_struct_oper_list.symmetry_operation 
_pdbx_struct_oper_list.matrix[1][1] 
_pdbx_struct_oper_list.matrix[1][2] 
_pdbx_struct_oper_list.matrix[1][3] 
_pdbx_struct_oper_list.vector[1] 
_pdbx_struct_oper_list.matrix[2][1] 
_pdbx_struct_oper_list.matrix[2][2] 
_pdbx_struct_oper_list.matrix[2][3] 
_pdbx_struct_oper_list.vector[2] 
_pdbx_struct_oper_list.matrix[3][1] 
_pdbx_struct_oper_list.matrix[3][2] 
_pdbx_struct_oper_list.matrix[3][3] 
_pdbx_struct_oper_list.vector[3] 
H  'identity operation'         1_555 x,y,z 1.00000000  0.00000000  0.00000000  0.00000   0.00000000  1.00000000  0.00000000  0.00000   0.00000000  0.00000000  1.00000000 0.00000   
1  'helical symmetry operation' ?     ?     -0.95187777 0.03277745  0.30472010  82.62419  -0.28856949 -0.43074732 -0.85509321 90.62567  0.10322959  -0.90187715 0.41947737 3.72256   
2  'helical symmetry operation' ?     ?     -0.81058193 0.34002693  0.47680040  63.66390  -0.57730227 -0.32717595 -0.74811630 98.61765  -0.09838206 -0.88166751 0.46150123 13.20541  
3  'helical symmetry operation' ?     ?     -0.54861372 0.58814092  0.59423332  41.70412  -0.79108553 -0.13515044 -0.59658867 99.55157  -0.27056731 -0.79738611 0.53941516 18.69940  
4  'helical symmetry operation' ?     ?     -0.20426475 0.74085288  0.63985383  19.98042  -0.89867083 0.11726104  -0.42265896 93.18002  -0.38815803 -0.66135230 0.64183057 19.57836  
5  'helical symmetry operation' ?     ?     0.17213188  0.77584107  0.60699361  1.69388   -0.88433253 0.39316380  -0.25175026 80.32343  -0.43396611 -0.49344996 0.75377752 15.89067  
6  'helical symmetry operation' ?     ?     0.52555868  0.68799131  0.50045583  -10.45682 -0.75016647 0.65222943  -0.10884413 62.75014  -0.40129584 -0.31822120 0.85889284 8.35223   
7  'helical symmetry operation' ?     ?     0.80435566  0.49014448  0.33581298  -14.66989 -0.51578351 0.85659061  -0.01482898 42.91792  -0.29492258 -0.16127902 0.94181195 -1.75823  
8  'helical symmetry operation' ?     ?     0.96777137  0.21121966  0.13713072  -10.30375 -0.21544320 0.97637607  0.01655308  23.61472  -0.13039482 -0.04556348 0.99041464 -12.78599 
9  'helical symmetry operation' ?     ?     0.99191951  -0.10801304 -0.06654977 2.02916   0.10695409  0.99407691  -0.01928501 7.55118   0.06823862  0.01201141  0.99759672 -22.94229 
10 'helical symmetry operation' ?     ?     0.87327038  -0.42089171 -0.24545674 20.55188  0.40428389  0.90710583  -0.11710485 -3.03562  0.27194370  0.00302999  0.96230839 -30.56573 
11 'helical symmetry operation' ?     ?     0.62916679  -0.68168324 -0.37343957 42.58273  0.63308584  0.72817528  -0.26260822 -6.70910  0.45094509  -0.07119493 0.88970771 -34.36513 
12 'helical symmetry operation' ?     ?     0.29528909  -0.85226801 -0.43179114 64.92724  0.75991620  0.48343935  -0.43452705 -3.04321  0.57907834  -0.19981399 0.79040663 -33.60827 
13 'helical symmetry operation' ?     ?     -0.07956019 -0.90771184 -0.41198228 84.34507  0.76623633  0.20867082  -0.60773216 7.31530   0.63761436  -0.36402707 0.67891989 -28.22892 
14 'helical symmetry operation' ?     ?     -0.44058974 -0.83991056 -0.31690841 98.02369  0.65112241  -0.05596771 -0.75690635 22.74146  0.61799700  -0.53983133 0.57154339 -18.83651 
15 'helical symmetry operation' ?     ?     -0.73502827 -0.65877461 -0.16046637 103.98947 0.43140052  -0.27179430 -0.86024499 40.86953  0.52309371  -0.70152966 0.48397221 -6.62706  
16 'helical symmetry operation' ?     ?     -0.91983803 -0.39078044 0.03447686  101.39614 0.13918718  -0.40726184 -0.90264319 58.93887  0.36677641  -0.82548679 0.42900655 6.79166   
17 'helical symmetry operation' ?     ?     -0.96800558 -0.07510045 0.23942665  90.64851  -0.18280513 -0.44256917 -0.87790365 74.19740  0.17189381  -0.89358405 0.41468068 19.63510  
18 'helical symmetry operation' ?     ?     -0.87249032 0.24212276  0.42442572  73.34331  -0.48751114 -0.37255546 -0.78964252 84.30390  -0.03306830 -0.89586773 0.44308859 30.20283  
19 'helical symmetry operation' ?     ?     -0.64725363 0.51452104  0.56243297  52.03576  -0.73039233 -0.20745455 -0.65076083 87.67023  -0.21815086 -0.83200404 0.51007792 37.12703  
20 'helical symmetry operation' ?     ?     -0.32521808 0.70227821  0.63327602  29.86612  -0.87594700 0.02860095  -0.48155878 83.69342  -0.35630053 -0.71132785 0.60585694 39.57246  
21 'helical symmetry operation' ?     ?     0.04654473  0.77795003  0.62659983  10.10063  -0.90289959 0.30110708  -0.30676842 72.84387  -0.42732414 -0.55147827 0.71642571 37.35854  
22 'helical symmetry operation' ?     ?     0.41369466  0.73047563  0.54338024  -4.34584  -0.80731048 0.57023191  -0.15193867 56.59656  -0.42084025 -0.37582034 0.82562253 30.98574  
23 'helical symmetry operation' ?     ?     0.72256580  0.56679429  0.39578137  -11.33592 -0.60315182 0.79663776  -0.03970084 37.21543  -0.33779660 -0.21002979 0.91748621 21.56243  
24 'helical symmetry operation' ?     ?     0.92801080  0.31083113  0.20537759  -9.82213  -0.32026526 0.94723115  0.01353941  17.42250  -0.19033158 -0.07834002 0.97858915 10.64286  
25 'identity operation'         1_555 x,y,z 1.00000000  0.00000000  0.00000000  0.00000   0.00000000  1.00000000  0.00000000  0.00000   0.00000000  0.00000000  1.00000000 0.00000   
26 'helical symmetry operation' ?     ?     0.92801080  -0.32026526 -0.19033158 16.72054  0.31083113  0.94723115  -0.07834002 -12.61635 0.20537759  0.01353941  0.97858915 -8.63363  
27 'helical symmetry operation' ?     ?     0.72256580  -0.60315182 -0.33779660 37.92121  0.56679429  0.79663776  -0.21002979 -18.69333 0.39578137  -0.03970084 0.91748621 -13.81920 
28 'helical symmetry operation' ?     ?     0.41369466  -0.80731048 -0.42084025 60.52889  0.73047563  0.57023191  -0.37582034 -17.45357 0.54338024  -0.15193867 0.82562253 -14.62188 
29 'helical symmetry operation' ?     ?     0.04654473  -0.90289959 -0.42732414 81.26478  0.77795003  0.30110708  -0.55147827 -9.18917  0.62659983  -0.30676842 0.71642571 -10.74748 
30 'helical symmetry operation' ?     ?     -0.32521808 -0.87594700 -0.35630053 97.12369  0.70227821  0.02860095  -0.71132785 4.78096   0.63327602  -0.48155878 0.60585694 -2.58544  
31 'helical symmetry operation' ?     ?     -0.64725363 -0.73039233 -0.21815086 105.81329 0.51452104  -0.20745455 -0.83200404 22.30393  0.56243297  -0.65076083 0.51007792 8.84804   
32 'helical symmetry operation' ?     ?     -0.87249032 -0.48751114 -0.03306830 106.08918 0.24212276  -0.37255546 -0.89586773 40.70754  0.42442572  -0.78964252 0.44308859 22.05863  
33 'helical symmetry operation' ?     ?     -0.96800558 -0.18280513 0.17189381  97.93678  -0.07510045 -0.44256917 -0.89358405 57.19084  0.23942665  -0.87790365 0.41468068 35.29220  
34 'helical symmetry operation' ?     ?     -0.91983803 0.13918718  0.36677641  82.57347  -0.39078044 -0.40726184 -0.82548679 69.23360  0.03447686  -0.90264319 0.42900655 46.79129  
35 'helical symmetry operation' ?     ?     -0.73502827 0.43140052  0.52309371  62.27064  -0.65877461 -0.27179430 -0.70152966 74.96465  -0.16046637 -0.86024499 0.48397221 55.05194  
36 'helical symmetry operation' ?     ?     -0.44058974 0.65112241  0.61799700  40.02167  -0.83991056 -0.05596771 -0.53983133 73.43538  -0.31690841 -0.75690635 0.57154339 59.04357  
37 'helical symmetry operation' ?     ?     -0.07956019 0.76623633  0.63761436  19.10442  -0.90771184 0.20867082  -0.36402707 64.75844  -0.41198228 -0.60773216 0.67891989 58.35959  
38 'helical symmetry operation' ?     ?     0.29528909  0.75991620  0.57907834  2.60210   -0.85226801 0.48343935  -0.19981399 50.09121  -0.43179114 -0.43452705 0.79040663 53.27684  
39 'helical symmetry operation' ?     ?     0.62916679  0.63308584  0.45094509  -7.04742  -0.68168324 0.72817528  -0.07119493 31.46671  -0.37343957 -0.26260822 0.88970771 44.71513  
40 'helical symmetry operation' ?     ?     0.87327038  0.40428389  0.27194370  -8.40794  -0.42089171 0.90710583  0.00302999  11.49636  -0.24545674 -0.11710485 0.96230839 34.10277  
41 'helical symmetry operation' ?     ?     0.99191951  0.10695409  0.06823862  -1.25484  -0.10801304 0.99407691  0.01201141  -7.01171  -0.06654977 -0.01928501 0.99759672 23.16782  
42 'helical symmetry operation' ?     ?     0.96777137  -0.21544320 -0.13039482 13.39207  0.21121966  0.97637607  -0.04556348 -21.46307 0.13713072  0.01655308  0.99041464 13.68550  
43 'helical symmetry operation' ?     ?     0.80435566  -0.51578351 -0.29492258 33.41762  0.49014448  0.85659061  -0.16127902 -29.85629 0.33581298  -0.01482898 0.94181195 7.21869   
44 'helical symmetry operation' ?     ?     0.52555868  -0.75016647 -0.40129584 55.92044  0.68799131  0.65222943  -0.31822120 -31.07543 0.50045583  -0.10884413 0.85889284 4.88949   
45 'helical symmetry operation' ?     ?     0.17213188  -0.88433253 -0.43396611 77.63707  0.77584107  0.39316380  -0.49344996 -25.05320 0.60699361  -0.25175026 0.75377752 7.21524   
46 'helical symmetry operation' ?     ?     -0.20426475 -0.89867083 -0.38815803 95.41896  0.74085288  0.11726104  -0.66135230 -12.78074 0.63985383  -0.42265896 0.64183057 14.03283  
47 'helical symmetry operation' ?     ?     -0.54861372 -0.79108553 -0.27056731 106.69270 0.58814092  -0.13515044 -0.79738611 3.83718   0.59423332  -0.59658867 0.53941516 24.52262  
48 'helical symmetry operation' ?     ?     -0.81058193 -0.57730227 -0.09838206 109.83618 0.34002693  -0.32717595 -0.88166751 22.26066  0.47680040  -0.74811630 0.46150123 37.32818  
49 'helical symmetry operation' ?     ?     -0.95187777 -0.28856949 0.10322959  104.41565 0.03277745  -0.43074732 -0.90187715 39.68585  0.30472010  -0.85509321 0.41947737 50.75461  
# 
_struct_biol.id        1 
_struct_biol.details   
;HLSV IS A ROD-SHAPED VIRUS 3000 ANGSTROMS LONG AND 180
ANGSTROMS IN DIAMETER, WITH A CENTRAL HOLE OF DIAMETER 40
ANGSTROMS.  APPROXIMATELY 2150 IDENTICAL PROTEIN SUBUNITS
OF MOLECULAR WEIGHT 17500 FORM A RIGHT-HANDED HELIX OF
PITCH 23.5 ANGSTROMS AND LENGTH 70.5 ANGTROMS WITH 49 SUBUNITS
IN THREE TURNS.  A SINGLE STRAND OF RNA FOLLOWS THE BASIC
HELIX BETWEEN THE PROTEIN SUBUNITS AT A DISTANCE OF 40
ANGSTROMS.  THERE ARE THREE NUCLEOTIDES BOUND TO EACH
PROTEIN SUBUNIT.
THE ASSEMBLY REPRESENTED IN THIS ENTRY HAS REGULAR
HELICAL SYMMETRY WITH THE FOLLOWING PARAMETERS:
ROTATION PER SUBUNIT (TWIST) = 1080.00/49 DEGREES
RISE PER SUBUNIT (HEIGHT) = 70.5/49 ANGSTROMS

COORDINATES FOR A COMPLETE MULTIMER REPRESENTING THE KNOWN
BIOLOGICALLY SIGNIFICANT OLIGOMERIZATION STATE OF THE
MOLECULE CAN BE GENERATED BY APPLYING BIOMT TRANSFORMATIONS
GIVEN BELOW.  BOTH NON-CRYSTALLOGRAPHIC AND
CRYSTALLOGRAPHIC OPERATIONS ARE GIVEN.
;
# 
loop_
_struct_conf.conf_type_id 
_struct_conf.id 
_struct_conf.pdbx_PDB_helix_id 
_struct_conf.beg_label_comp_id 
_struct_conf.beg_label_asym_id 
_struct_conf.beg_label_seq_id 
_struct_conf.pdbx_beg_PDB_ins_code 
_struct_conf.end_label_comp_id 
_struct_conf.end_label_asym_id 
_struct_conf.end_label_seq_id 
_struct_conf.pdbx_end_PDB_ins_code 
_struct_conf.beg_auth_comp_id 
_struct_conf.beg_auth_asym_id 
_struct_conf.beg_auth_seq_id 
_struct_conf.end_auth_comp_id 
_struct_conf.end_auth_asym_id 
_struct_conf.end_auth_seq_id 
_struct_conf.pdbx_PDB_helix_class 
_struct_conf.details 
_struct_conf.pdbx_PDB_helix_length 
HELX_P HELX_P1 1 TYR B 20  ? LYS B 29  ? TYR P 20  LYS P 29  1 ? 10 
HELX_P HELX_P2 2 ALA B 39  ? ASN B 50  ? ALA P 39  ASN P 50  1 ? 12 
HELX_P HELX_P3 3 LEU B 76  ? ARG B 85  ? LEU P 76  ARG P 85  1 ? 10 
HELX_P HELX_P4 4 PRO B 102 ? GLU B 106 ? PRO P 102 GLU P 106 5 ? 5  
HELX_P HELX_P5 5 THR B 111 ? THR B 118 ? THR P 111 THR P 118 1 ? 8  
HELX_P HELX_P6 6 VAL B 119 ? LEU B 132 ? VAL P 119 LEU P 132 1 ? 14 
HELX_P HELX_P7 7 ARG B 141 ? GLY B 149 ? ARG P 141 GLY P 149 1 ? 9  
HELX_P HELX_P8 8 THR B 156 ? THR B 161 ? THR P 156 THR P 161 1 ? 6  
# 
_struct_conf_type.id          HELX_P 
_struct_conf_type.criteria    ? 
_struct_conf_type.reference   ? 
# 
_pdbx_validate_close_contact.id               1 
_pdbx_validate_close_contact.PDB_model_num    1 
_pdbx_validate_close_contact.auth_atom_id_1   H3 
_pdbx_validate_close_contact.auth_asym_id_1   P 
_pdbx_validate_close_contact.auth_comp_id_1   PRO 
_pdbx_validate_close_contact.auth_seq_id_1    1 
_pdbx_validate_close_contact.PDB_ins_code_1   ? 
_pdbx_validate_close_contact.label_alt_id_1   ? 
_pdbx_validate_close_contact.auth_atom_id_2   O 
_pdbx_validate_close_contact.auth_asym_id_2   P 
_pdbx_validate_close_contact.auth_comp_id_2   ALA 
_pdbx_validate_close_contact.auth_seq_id_2    153 
_pdbx_validate_close_contact.PDB_ins_code_2   ? 
_pdbx_validate_close_contact.label_alt_id_2   ? 
_pdbx_validate_close_contact.dist             1.59 
# 
loop_
_pdbx_validate_rmsd_angle.id 
_pdbx_validate_rmsd_angle.PDB_model_num 
_pdbx_validate_rmsd_angle.auth_atom_id_1 
_pdbx_validate_rmsd_angle.auth_asym_id_1 
_pdbx_validate_rmsd_angle.auth_comp_id_1 
_pdbx_validate_rmsd_angle.auth_seq_id_1 
_pdbx_validate_rmsd_angle.PDB_ins_code_1 
_pdbx_validate_rmsd_angle.label_alt_id_1 
_pdbx_validate_rmsd_angle.auth_atom_id_2 
_pdbx_validate_rmsd_angle.auth_asym_id_2 
_pdbx_validate_rmsd_angle.auth_comp_id_2 
_pdbx_validate_rmsd_angle.auth_seq_id_2 
_pdbx_validate_rmsd_angle.PDB_ins_code_2 
_pdbx_validate_rmsd_angle.label_alt_id_2 
_pdbx_validate_rmsd_angle.auth_atom_id_3 
_pdbx_validate_rmsd_angle.auth_asym_id_3 
_pdbx_validate_rmsd_angle.auth_comp_id_3 
_pdbx_validate_rmsd_angle.auth_seq_id_3 
_pdbx_validate_rmsd_angle.PDB_ins_code_3 
_pdbx_validate_rmsd_angle.label_alt_id_3 
_pdbx_validate_rmsd_angle.angle_value 
_pdbx_validate_rmsd_angle.angle_target_value 
_pdbx_validate_rmsd_angle.angle_deviation 
_pdbx_validate_rmsd_angle.angle_standard_deviation 
_pdbx_validate_rmsd_angle.linker_flag 
1 1 "O5'" R A   2   ? ? P     R A   2   ? ? OP1   R A   2   ? ? 98.88  105.70 -6.82  0.90 N 
2 1 N9    R A   3   ? ? "C1'" R A   3   ? ? "C2'" R A   3   ? ? 103.60 112.00 -8.40  1.10 N 
3 1 C     P TYR 62  ? ? N     P PRO 63  ? ? CA    P PRO 63  ? ? 135.39 119.30 16.09  1.50 Y 
4 1 C     P TYR 62  ? ? N     P PRO 63  ? ? CD    P PRO 63  ? ? 114.43 128.40 -13.97 2.10 Y 
5 1 CA    P LEU 64  ? ? CB    P LEU 64  ? ? CG    P LEU 64  ? ? 134.21 115.30 18.91  2.30 N 
6 1 CA    P LEU 65  ? ? CB    P LEU 65  ? ? CG    P LEU 65  ? ? 131.97 115.30 16.67  2.30 N 
7 1 CA    P LEU 108 ? ? CB    P LEU 108 ? ? CG    P LEU 108 ? ? 130.87 115.30 15.57  2.30 N 
8 1 CA    P LEU 132 ? ? CB    P LEU 132 ? ? CG    P LEU 132 ? ? 129.18 115.30 13.88  2.30 N 
9 1 N     P GLY 135 ? ? CA    P GLY 135 ? ? C     P GLY 135 ? ? 129.62 113.10 16.52  2.50 N 
# 
loop_
_pdbx_validate_torsion.id 
_pdbx_validate_torsion.PDB_model_num 
_pdbx_validate_torsion.auth_comp_id 
_pdbx_validate_torsion.auth_asym_id 
_pdbx_validate_torsion.auth_seq_id 
_pdbx_validate_torsion.PDB_ins_code 
_pdbx_validate_torsion.label_alt_id 
_pdbx_validate_torsion.phi 
_pdbx_validate_torsion.psi 
1  1 LEU P 5   ? ? -2.01   -98.99  
2  1 PRO P 7   ? ? -33.23  -13.70  
3  1 ASN P 9   ? ? 158.08  -36.32  
4  1 LEU P 10  ? ? -72.63  32.31   
5  1 ILE P 11  ? ? -130.92 -89.42  
6  1 THR P 13  ? ? -171.18 -36.01  
7  1 ALA P 18  ? ? 164.38  -83.02  
8  1 PRO P 19  ? ? -114.50 -148.11 
9  1 TYR P 20  ? ? -138.96 -90.21  
10 1 VAL P 22  ? ? -56.51  -99.19  
11 1 LEU P 24  ? ? -41.39  -75.80  
12 1 ILE P 26  ? ? -63.84  21.03   
13 1 SER P 32  ? ? -75.36  27.90   
14 1 ASN P 33  ? ? -152.98 -112.84 
15 1 GLN P 38  ? ? -53.07  -5.29   
16 1 ALA P 39  ? ? -77.20  -85.14  
17 1 ARG P 45  ? ? -9.44   -79.47  
18 1 SER P 51  ? ? -141.15 32.78   
19 1 LEU P 52  ? ? -162.43 78.72   
20 1 ILE P 54  ? ? -45.60  78.13   
21 1 ALA P 56  ? ? 45.68   23.55   
22 1 ASN P 57  ? ? -54.12  -169.79 
23 1 THR P 60  ? ? 175.09  -119.62 
24 1 ARG P 61  ? ? 166.99  178.75  
25 1 PRO P 63  ? ? -28.04  116.82  
26 1 LEU P 64  ? ? -47.78  -93.13  
27 1 LEU P 65  ? ? -84.20  33.95   
28 1 VAL P 71  ? ? -90.94  -79.16  
29 1 ARG P 72  ? ? -50.35  107.66  
30 1 THR P 75  ? ? -102.99 -70.11  
31 1 ALA P 77  ? ? -27.20  -71.82  
32 1 PRO P 78  ? ? -61.43  7.28    
33 1 PHE P 80  ? ? -57.84  -73.74  
34 1 LEU P 84  ? ? -29.83  -51.42  
35 1 ASP P 88  ? ? -157.82 47.00   
36 1 THR P 89  ? ? -141.93 -9.07   
37 1 LYS P 90  ? ? -65.93  49.56   
38 1 ASN P 91  ? ? 84.31   -169.50 
39 1 ARG P 92  ? ? -171.82 -10.51  
40 1 GLU P 95  ? ? -58.85  85.50   
41 1 VAL P 96  ? ? -119.75 -168.66 
42 1 GLU P 97  ? ? 167.19  -117.57 
43 1 THR P 103 ? ? -65.38  29.16   
44 1 THR P 107 ? ? 169.27  70.96   
45 1 LEU P 108 ? ? -160.10 -91.59  
46 1 THR P 111 ? ? 5.21    -52.41  
47 1 ALA P 120 ? ? -53.39  -7.45   
48 1 LYS P 123 ? ? -58.63  -89.03  
49 1 GLU P 124 ? ? -38.06  -8.90   
50 1 ALA P 137 ? ? 89.50   -54.30  
51 1 VAL P 138 ? ? -37.52  144.11  
52 1 TYR P 139 ? ? 178.47  135.99  
53 1 ASP P 140 ? ? -25.14  -65.74  
54 1 ARG P 141 ? ? 168.96  -46.58  
55 1 VAL P 146 ? ? -75.69  -71.94  
56 1 ALA P 147 ? ? -59.91  12.93   
57 1 SER P 148 ? ? -135.87 -33.26  
58 1 LEU P 150 ? ? -54.99  108.13  
59 1 ASP P 154 ? ? 107.28  105.39  
60 1 SER P 159 ? ? 92.10   0.17    
61 1 THR P 160 ? ? -167.12 41.49   
62 1 THR P 161 ? ? -23.40  138.14  
# 
_pdbx_validate_planes.id              1 
_pdbx_validate_planes.PDB_model_num   1 
_pdbx_validate_planes.auth_comp_id    A 
_pdbx_validate_planes.auth_asym_id    R 
_pdbx_validate_planes.auth_seq_id     3 
_pdbx_validate_planes.PDB_ins_code    ? 
_pdbx_validate_planes.label_alt_id    ? 
_pdbx_validate_planes.rmsd            0.060 
_pdbx_validate_planes.type            'SIDE CHAIN' 
# 
_pdbx_helical_symmetry.entry_id                  3PDM 
_pdbx_helical_symmetry.number_of_operations      49 
_pdbx_helical_symmetry.rotation_per_n_subunits   22.041000 
_pdbx_helical_symmetry.rise_per_n_subunits       1.439000 
_pdbx_helical_symmetry.n_subunits_divisor        1 
_pdbx_helical_symmetry.dyad_axis                 no 
_pdbx_helical_symmetry.circular_symmetry         1 
# 
loop_
_chem_comp_atom.comp_id 
_chem_comp_atom.atom_id 
_chem_comp_atom.type_symbol 
_chem_comp_atom.pdbx_aromatic_flag 
_chem_comp_atom.pdbx_stereo_config 
_chem_comp_atom.pdbx_ordinal 
A   OP3    O N N 1   
A   P      P N N 2   
A   OP1    O N N 3   
A   OP2    O N N 4   
A   "O5'"  O N N 5   
A   "C5'"  C N N 6   
A   "C4'"  C N R 7   
A   "O4'"  O N N 8   
A   "C3'"  C N S 9   
A   "O3'"  O N N 10  
A   "C2'"  C N R 11  
A   "O2'"  O N N 12  
A   "C1'"  C N R 13  
A   N9     N Y N 14  
A   C8     C Y N 15  
A   N7     N Y N 16  
A   C5     C Y N 17  
A   C6     C Y N 18  
A   N6     N N N 19  
A   N1     N Y N 20  
A   C2     C Y N 21  
A   N3     N Y N 22  
A   C4     C Y N 23  
A   HOP3   H N N 24  
A   HOP2   H N N 25  
A   "H5'"  H N N 26  
A   "H5''" H N N 27  
A   "H4'"  H N N 28  
A   "H3'"  H N N 29  
A   "HO3'" H N N 30  
A   "H2'"  H N N 31  
A   "HO2'" H N N 32  
A   "H1'"  H N N 33  
A   H8     H N N 34  
A   H61    H N N 35  
A   H62    H N N 36  
A   H2     H N N 37  
ALA N      N N N 38  
ALA CA     C N S 39  
ALA C      C N N 40  
ALA O      O N N 41  
ALA CB     C N N 42  
ALA OXT    O N N 43  
ALA H      H N N 44  
ALA H2     H N N 45  
ALA HA     H N N 46  
ALA HB1    H N N 47  
ALA HB2    H N N 48  
ALA HB3    H N N 49  
ALA HXT    H N N 50  
ARG N      N N N 51  
ARG CA     C N S 52  
ARG C      C N N 53  
ARG O      O N N 54  
ARG CB     C N N 55  
ARG CG     C N N 56  
ARG CD     C N N 57  
ARG NE     N N N 58  
ARG CZ     C N N 59  
ARG NH1    N N N 60  
ARG NH2    N N N 61  
ARG OXT    O N N 62  
ARG H      H N N 63  
ARG H2     H N N 64  
ARG HA     H N N 65  
ARG HB2    H N N 66  
ARG HB3    H N N 67  
ARG HG2    H N N 68  
ARG HG3    H N N 69  
ARG HD2    H N N 70  
ARG HD3    H N N 71  
ARG HE     H N N 72  
ARG HH11   H N N 73  
ARG HH12   H N N 74  
ARG HH21   H N N 75  
ARG HH22   H N N 76  
ARG HXT    H N N 77  
ASN N      N N N 78  
ASN CA     C N S 79  
ASN C      C N N 80  
ASN O      O N N 81  
ASN CB     C N N 82  
ASN CG     C N N 83  
ASN OD1    O N N 84  
ASN ND2    N N N 85  
ASN OXT    O N N 86  
ASN H      H N N 87  
ASN H2     H N N 88  
ASN HA     H N N 89  
ASN HB2    H N N 90  
ASN HB3    H N N 91  
ASN HD21   H N N 92  
ASN HD22   H N N 93  
ASN HXT    H N N 94  
ASP N      N N N 95  
ASP CA     C N S 96  
ASP C      C N N 97  
ASP O      O N N 98  
ASP CB     C N N 99  
ASP CG     C N N 100 
ASP OD1    O N N 101 
ASP OD2    O N N 102 
ASP OXT    O N N 103 
ASP H      H N N 104 
ASP H2     H N N 105 
ASP HA     H N N 106 
ASP HB2    H N N 107 
ASP HB3    H N N 108 
ASP HD2    H N N 109 
ASP HXT    H N N 110 
G   OP3    O N N 111 
G   P      P N N 112 
G   OP1    O N N 113 
G   OP2    O N N 114 
G   "O5'"  O N N 115 
G   "C5'"  C N N 116 
G   "C4'"  C N R 117 
G   "O4'"  O N N 118 
G   "C3'"  C N S 119 
G   "O3'"  O N N 120 
G   "C2'"  C N R 121 
G   "O2'"  O N N 122 
G   "C1'"  C N R 123 
G   N9     N Y N 124 
G   C8     C Y N 125 
G   N7     N Y N 126 
G   C5     C Y N 127 
G   C6     C N N 128 
G   O6     O N N 129 
G   N1     N N N 130 
G   C2     C N N 131 
G   N2     N N N 132 
G   N3     N N N 133 
G   C4     C Y N 134 
G   HOP3   H N N 135 
G   HOP2   H N N 136 
G   "H5'"  H N N 137 
G   "H5''" H N N 138 
G   "H4'"  H N N 139 
G   "H3'"  H N N 140 
G   "HO3'" H N N 141 
G   "H2'"  H N N 142 
G   "HO2'" H N N 143 
G   "H1'"  H N N 144 
G   H8     H N N 145 
G   H1     H N N 146 
G   H21    H N N 147 
G   H22    H N N 148 
GLN N      N N N 149 
GLN CA     C N S 150 
GLN C      C N N 151 
GLN O      O N N 152 
GLN CB     C N N 153 
GLN CG     C N N 154 
GLN CD     C N N 155 
GLN OE1    O N N 156 
GLN NE2    N N N 157 
GLN OXT    O N N 158 
GLN H      H N N 159 
GLN H2     H N N 160 
GLN HA     H N N 161 
GLN HB2    H N N 162 
GLN HB3    H N N 163 
GLN HG2    H N N 164 
GLN HG3    H N N 165 
GLN HE21   H N N 166 
GLN HE22   H N N 167 
GLN HXT    H N N 168 
GLU N      N N N 169 
GLU CA     C N S 170 
GLU C      C N N 171 
GLU O      O N N 172 
GLU CB     C N N 173 
GLU CG     C N N 174 
GLU CD     C N N 175 
GLU OE1    O N N 176 
GLU OE2    O N N 177 
GLU OXT    O N N 178 
GLU H      H N N 179 
GLU H2     H N N 180 
GLU HA     H N N 181 
GLU HB2    H N N 182 
GLU HB3    H N N 183 
GLU HG2    H N N 184 
GLU HG3    H N N 185 
GLU HE2    H N N 186 
GLU HXT    H N N 187 
GLY N      N N N 188 
GLY CA     C N N 189 
GLY C      C N N 190 
GLY O      O N N 191 
GLY OXT    O N N 192 
GLY H      H N N 193 
GLY H2     H N N 194 
GLY HA2    H N N 195 
GLY HA3    H N N 196 
GLY HXT    H N N 197 
HIS N      N N N 198 
HIS CA     C N S 199 
HIS C      C N N 200 
HIS O      O N N 201 
HIS CB     C N N 202 
HIS CG     C Y N 203 
HIS ND1    N Y N 204 
HIS CD2    C Y N 205 
HIS CE1    C Y N 206 
HIS NE2    N Y N 207 
HIS OXT    O N N 208 
HIS H      H N N 209 
HIS H2     H N N 210 
HIS HA     H N N 211 
HIS HB2    H N N 212 
HIS HB3    H N N 213 
HIS HD1    H N N 214 
HIS HD2    H N N 215 
HIS HE1    H N N 216 
HIS HE2    H N N 217 
HIS HXT    H N N 218 
ILE N      N N N 219 
ILE CA     C N S 220 
ILE C      C N N 221 
ILE O      O N N 222 
ILE CB     C N S 223 
ILE CG1    C N N 224 
ILE CG2    C N N 225 
ILE CD1    C N N 226 
ILE OXT    O N N 227 
ILE H      H N N 228 
ILE H2     H N N 229 
ILE HA     H N N 230 
ILE HB     H N N 231 
ILE HG12   H N N 232 
ILE HG13   H N N 233 
ILE HG21   H N N 234 
ILE HG22   H N N 235 
ILE HG23   H N N 236 
ILE HD11   H N N 237 
ILE HD12   H N N 238 
ILE HD13   H N N 239 
ILE HXT    H N N 240 
LEU N      N N N 241 
LEU CA     C N S 242 
LEU C      C N N 243 
LEU O      O N N 244 
LEU CB     C N N 245 
LEU CG     C N N 246 
LEU CD1    C N N 247 
LEU CD2    C N N 248 
LEU OXT    O N N 249 
LEU H      H N N 250 
LEU H2     H N N 251 
LEU HA     H N N 252 
LEU HB2    H N N 253 
LEU HB3    H N N 254 
LEU HG     H N N 255 
LEU HD11   H N N 256 
LEU HD12   H N N 257 
LEU HD13   H N N 258 
LEU HD21   H N N 259 
LEU HD22   H N N 260 
LEU HD23   H N N 261 
LEU HXT    H N N 262 
LYS N      N N N 263 
LYS CA     C N S 264 
LYS C      C N N 265 
LYS O      O N N 266 
LYS CB     C N N 267 
LYS CG     C N N 268 
LYS CD     C N N 269 
LYS CE     C N N 270 
LYS NZ     N N N 271 
LYS OXT    O N N 272 
LYS H      H N N 273 
LYS H2     H N N 274 
LYS HA     H N N 275 
LYS HB2    H N N 276 
LYS HB3    H N N 277 
LYS HG2    H N N 278 
LYS HG3    H N N 279 
LYS HD2    H N N 280 
LYS HD3    H N N 281 
LYS HE2    H N N 282 
LYS HE3    H N N 283 
LYS HZ1    H N N 284 
LYS HZ2    H N N 285 
LYS HZ3    H N N 286 
LYS HXT    H N N 287 
PHE N      N N N 288 
PHE CA     C N S 289 
PHE C      C N N 290 
PHE O      O N N 291 
PHE CB     C N N 292 
PHE CG     C Y N 293 
PHE CD1    C Y N 294 
PHE CD2    C Y N 295 
PHE CE1    C Y N 296 
PHE CE2    C Y N 297 
PHE CZ     C Y N 298 
PHE OXT    O N N 299 
PHE H      H N N 300 
PHE H2     H N N 301 
PHE HA     H N N 302 
PHE HB2    H N N 303 
PHE HB3    H N N 304 
PHE HD1    H N N 305 
PHE HD2    H N N 306 
PHE HE1    H N N 307 
PHE HE2    H N N 308 
PHE HZ     H N N 309 
PHE HXT    H N N 310 
PRO N      N N N 311 
PRO CA     C N S 312 
PRO C      C N N 313 
PRO O      O N N 314 
PRO CB     C N N 315 
PRO CG     C N N 316 
PRO CD     C N N 317 
PRO OXT    O N N 318 
PRO H      H N N 319 
PRO HA     H N N 320 
PRO HB2    H N N 321 
PRO HB3    H N N 322 
PRO HG2    H N N 323 
PRO HG3    H N N 324 
PRO HD2    H N N 325 
PRO HD3    H N N 326 
PRO HXT    H N N 327 
SER N      N N N 328 
SER CA     C N S 329 
SER C      C N N 330 
SER O      O N N 331 
SER CB     C N N 332 
SER OG     O N N 333 
SER OXT    O N N 334 
SER H      H N N 335 
SER H2     H N N 336 
SER HA     H N N 337 
SER HB2    H N N 338 
SER HB3    H N N 339 
SER HG     H N N 340 
SER HXT    H N N 341 
THR N      N N N 342 
THR CA     C N S 343 
THR C      C N N 344 
THR O      O N N 345 
THR CB     C N R 346 
THR OG1    O N N 347 
THR CG2    C N N 348 
THR OXT    O N N 349 
THR H      H N N 350 
THR H2     H N N 351 
THR HA     H N N 352 
THR HB     H N N 353 
THR HG1    H N N 354 
THR HG21   H N N 355 
THR HG22   H N N 356 
THR HG23   H N N 357 
THR HXT    H N N 358 
TRP N      N N N 359 
TRP CA     C N S 360 
TRP C      C N N 361 
TRP O      O N N 362 
TRP CB     C N N 363 
TRP CG     C Y N 364 
TRP CD1    C Y N 365 
TRP CD2    C Y N 366 
TRP NE1    N Y N 367 
TRP CE2    C Y N 368 
TRP CE3    C Y N 369 
TRP CZ2    C Y N 370 
TRP CZ3    C Y N 371 
TRP CH2    C Y N 372 
TRP OXT    O N N 373 
TRP H      H N N 374 
TRP H2     H N N 375 
TRP HA     H N N 376 
TRP HB2    H N N 377 
TRP HB3    H N N 378 
TRP HD1    H N N 379 
TRP HE1    H N N 380 
TRP HE3    H N N 381 
TRP HZ2    H N N 382 
TRP HZ3    H N N 383 
TRP HH2    H N N 384 
TRP HXT    H N N 385 
TYR N      N N N 386 
TYR CA     C N S 387 
TYR C      C N N 388 
TYR O      O N N 389 
TYR CB     C N N 390 
TYR CG     C Y N 391 
TYR CD1    C Y N 392 
TYR CD2    C Y N 393 
TYR CE1    C Y N 394 
TYR CE2    C Y N 395 
TYR CZ     C Y N 396 
TYR OH     O N N 397 
TYR OXT    O N N 398 
TYR H      H N N 399 
TYR H2     H N N 400 
TYR HA     H N N 401 
TYR HB2    H N N 402 
TYR HB3    H N N 403 
TYR HD1    H N N 404 
TYR HD2    H N N 405 
TYR HE1    H N N 406 
TYR HE2    H N N 407 
TYR HH     H N N 408 
TYR HXT    H N N 409 
VAL N      N N N 410 
VAL CA     C N S 411 
VAL C      C N N 412 
VAL O      O N N 413 
VAL CB     C N N 414 
VAL CG1    C N N 415 
VAL CG2    C N N 416 
VAL OXT    O N N 417 
VAL H      H N N 418 
VAL H2     H N N 419 
VAL HA     H N N 420 
VAL HB     H N N 421 
VAL HG11   H N N 422 
VAL HG12   H N N 423 
VAL HG13   H N N 424 
VAL HG21   H N N 425 
VAL HG22   H N N 426 
VAL HG23   H N N 427 
VAL HXT    H N N 428 
# 
loop_
_chem_comp_bond.comp_id 
_chem_comp_bond.atom_id_1 
_chem_comp_bond.atom_id_2 
_chem_comp_bond.value_order 
_chem_comp_bond.pdbx_aromatic_flag 
_chem_comp_bond.pdbx_stereo_config 
_chem_comp_bond.pdbx_ordinal 
A   OP3   P      sing N N 1   
A   OP3   HOP3   sing N N 2   
A   P     OP1    doub N N 3   
A   P     OP2    sing N N 4   
A   P     "O5'"  sing N N 5   
A   OP2   HOP2   sing N N 6   
A   "O5'" "C5'"  sing N N 7   
A   "C5'" "C4'"  sing N N 8   
A   "C5'" "H5'"  sing N N 9   
A   "C5'" "H5''" sing N N 10  
A   "C4'" "O4'"  sing N N 11  
A   "C4'" "C3'"  sing N N 12  
A   "C4'" "H4'"  sing N N 13  
A   "O4'" "C1'"  sing N N 14  
A   "C3'" "O3'"  sing N N 15  
A   "C3'" "C2'"  sing N N 16  
A   "C3'" "H3'"  sing N N 17  
A   "O3'" "HO3'" sing N N 18  
A   "C2'" "O2'"  sing N N 19  
A   "C2'" "C1'"  sing N N 20  
A   "C2'" "H2'"  sing N N 21  
A   "O2'" "HO2'" sing N N 22  
A   "C1'" N9     sing N N 23  
A   "C1'" "H1'"  sing N N 24  
A   N9    C8     sing Y N 25  
A   N9    C4     sing Y N 26  
A   C8    N7     doub Y N 27  
A   C8    H8     sing N N 28  
A   N7    C5     sing Y N 29  
A   C5    C6     sing Y N 30  
A   C5    C4     doub Y N 31  
A   C6    N6     sing N N 32  
A   C6    N1     doub Y N 33  
A   N6    H61    sing N N 34  
A   N6    H62    sing N N 35  
A   N1    C2     sing Y N 36  
A   C2    N3     doub Y N 37  
A   C2    H2     sing N N 38  
A   N3    C4     sing Y N 39  
ALA N     CA     sing N N 40  
ALA N     H      sing N N 41  
ALA N     H2     sing N N 42  
ALA CA    C      sing N N 43  
ALA CA    CB     sing N N 44  
ALA CA    HA     sing N N 45  
ALA C     O      doub N N 46  
ALA C     OXT    sing N N 47  
ALA CB    HB1    sing N N 48  
ALA CB    HB2    sing N N 49  
ALA CB    HB3    sing N N 50  
ALA OXT   HXT    sing N N 51  
ARG N     CA     sing N N 52  
ARG N     H      sing N N 53  
ARG N     H2     sing N N 54  
ARG CA    C      sing N N 55  
ARG CA    CB     sing N N 56  
ARG CA    HA     sing N N 57  
ARG C     O      doub N N 58  
ARG C     OXT    sing N N 59  
ARG CB    CG     sing N N 60  
ARG CB    HB2    sing N N 61  
ARG CB    HB3    sing N N 62  
ARG CG    CD     sing N N 63  
ARG CG    HG2    sing N N 64  
ARG CG    HG3    sing N N 65  
ARG CD    NE     sing N N 66  
ARG CD    HD2    sing N N 67  
ARG CD    HD3    sing N N 68  
ARG NE    CZ     sing N N 69  
ARG NE    HE     sing N N 70  
ARG CZ    NH1    sing N N 71  
ARG CZ    NH2    doub N N 72  
ARG NH1   HH11   sing N N 73  
ARG NH1   HH12   sing N N 74  
ARG NH2   HH21   sing N N 75  
ARG NH2   HH22   sing N N 76  
ARG OXT   HXT    sing N N 77  
ASN N     CA     sing N N 78  
ASN N     H      sing N N 79  
ASN N     H2     sing N N 80  
ASN CA    C      sing N N 81  
ASN CA    CB     sing N N 82  
ASN CA    HA     sing N N 83  
ASN C     O      doub N N 84  
ASN C     OXT    sing N N 85  
ASN CB    CG     sing N N 86  
ASN CB    HB2    sing N N 87  
ASN CB    HB3    sing N N 88  
ASN CG    OD1    doub N N 89  
ASN CG    ND2    sing N N 90  
ASN ND2   HD21   sing N N 91  
ASN ND2   HD22   sing N N 92  
ASN OXT   HXT    sing N N 93  
ASP N     CA     sing N N 94  
ASP N     H      sing N N 95  
ASP N     H2     sing N N 96  
ASP CA    C      sing N N 97  
ASP CA    CB     sing N N 98  
ASP CA    HA     sing N N 99  
ASP C     O      doub N N 100 
ASP C     OXT    sing N N 101 
ASP CB    CG     sing N N 102 
ASP CB    HB2    sing N N 103 
ASP CB    HB3    sing N N 104 
ASP CG    OD1    doub N N 105 
ASP CG    OD2    sing N N 106 
ASP OD2   HD2    sing N N 107 
ASP OXT   HXT    sing N N 108 
G   OP3   P      sing N N 109 
G   OP3   HOP3   sing N N 110 
G   P     OP1    doub N N 111 
G   P     OP2    sing N N 112 
G   P     "O5'"  sing N N 113 
G   OP2   HOP2   sing N N 114 
G   "O5'" "C5'"  sing N N 115 
G   "C5'" "C4'"  sing N N 116 
G   "C5'" "H5'"  sing N N 117 
G   "C5'" "H5''" sing N N 118 
G   "C4'" "O4'"  sing N N 119 
G   "C4'" "C3'"  sing N N 120 
G   "C4'" "H4'"  sing N N 121 
G   "O4'" "C1'"  sing N N 122 
G   "C3'" "O3'"  sing N N 123 
G   "C3'" "C2'"  sing N N 124 
G   "C3'" "H3'"  sing N N 125 
G   "O3'" "HO3'" sing N N 126 
G   "C2'" "O2'"  sing N N 127 
G   "C2'" "C1'"  sing N N 128 
G   "C2'" "H2'"  sing N N 129 
G   "O2'" "HO2'" sing N N 130 
G   "C1'" N9     sing N N 131 
G   "C1'" "H1'"  sing N N 132 
G   N9    C8     sing Y N 133 
G   N9    C4     sing Y N 134 
G   C8    N7     doub Y N 135 
G   C8    H8     sing N N 136 
G   N7    C5     sing Y N 137 
G   C5    C6     sing N N 138 
G   C5    C4     doub Y N 139 
G   C6    O6     doub N N 140 
G   C6    N1     sing N N 141 
G   N1    C2     sing N N 142 
G   N1    H1     sing N N 143 
G   C2    N2     sing N N 144 
G   C2    N3     doub N N 145 
G   N2    H21    sing N N 146 
G   N2    H22    sing N N 147 
G   N3    C4     sing N N 148 
GLN N     CA     sing N N 149 
GLN N     H      sing N N 150 
GLN N     H2     sing N N 151 
GLN CA    C      sing N N 152 
GLN CA    CB     sing N N 153 
GLN CA    HA     sing N N 154 
GLN C     O      doub N N 155 
GLN C     OXT    sing N N 156 
GLN CB    CG     sing N N 157 
GLN CB    HB2    sing N N 158 
GLN CB    HB3    sing N N 159 
GLN CG    CD     sing N N 160 
GLN CG    HG2    sing N N 161 
GLN CG    HG3    sing N N 162 
GLN CD    OE1    doub N N 163 
GLN CD    NE2    sing N N 164 
GLN NE2   HE21   sing N N 165 
GLN NE2   HE22   sing N N 166 
GLN OXT   HXT    sing N N 167 
GLU N     CA     sing N N 168 
GLU N     H      sing N N 169 
GLU N     H2     sing N N 170 
GLU CA    C      sing N N 171 
GLU CA    CB     sing N N 172 
GLU CA    HA     sing N N 173 
GLU C     O      doub N N 174 
GLU C     OXT    sing N N 175 
GLU CB    CG     sing N N 176 
GLU CB    HB2    sing N N 177 
GLU CB    HB3    sing N N 178 
GLU CG    CD     sing N N 179 
GLU CG    HG2    sing N N 180 
GLU CG    HG3    sing N N 181 
GLU CD    OE1    doub N N 182 
GLU CD    OE2    sing N N 183 
GLU OE2   HE2    sing N N 184 
GLU OXT   HXT    sing N N 185 
GLY N     CA     sing N N 186 
GLY N     H      sing N N 187 
GLY N     H2     sing N N 188 
GLY CA    C      sing N N 189 
GLY CA    HA2    sing N N 190 
GLY CA    HA3    sing N N 191 
GLY C     O      doub N N 192 
GLY C     OXT    sing N N 193 
GLY OXT   HXT    sing N N 194 
HIS N     CA     sing N N 195 
HIS N     H      sing N N 196 
HIS N     H2     sing N N 197 
HIS CA    C      sing N N 198 
HIS CA    CB     sing N N 199 
HIS CA    HA     sing N N 200 
HIS C     O      doub N N 201 
HIS C     OXT    sing N N 202 
HIS CB    CG     sing N N 203 
HIS CB    HB2    sing N N 204 
HIS CB    HB3    sing N N 205 
HIS CG    ND1    sing Y N 206 
HIS CG    CD2    doub Y N 207 
HIS ND1   CE1    doub Y N 208 
HIS ND1   HD1    sing N N 209 
HIS CD2   NE2    sing Y N 210 
HIS CD2   HD2    sing N N 211 
HIS CE1   NE2    sing Y N 212 
HIS CE1   HE1    sing N N 213 
HIS NE2   HE2    sing N N 214 
HIS OXT   HXT    sing N N 215 
ILE N     CA     sing N N 216 
ILE N     H      sing N N 217 
ILE N     H2     sing N N 218 
ILE CA    C      sing N N 219 
ILE CA    CB     sing N N 220 
ILE CA    HA     sing N N 221 
ILE C     O      doub N N 222 
ILE C     OXT    sing N N 223 
ILE CB    CG1    sing N N 224 
ILE CB    CG2    sing N N 225 
ILE CB    HB     sing N N 226 
ILE CG1   CD1    sing N N 227 
ILE CG1   HG12   sing N N 228 
ILE CG1   HG13   sing N N 229 
ILE CG2   HG21   sing N N 230 
ILE CG2   HG22   sing N N 231 
ILE CG2   HG23   sing N N 232 
ILE CD1   HD11   sing N N 233 
ILE CD1   HD12   sing N N 234 
ILE CD1   HD13   sing N N 235 
ILE OXT   HXT    sing N N 236 
LEU N     CA     sing N N 237 
LEU N     H      sing N N 238 
LEU N     H2     sing N N 239 
LEU CA    C      sing N N 240 
LEU CA    CB     sing N N 241 
LEU CA    HA     sing N N 242 
LEU C     O      doub N N 243 
LEU C     OXT    sing N N 244 
LEU CB    CG     sing N N 245 
LEU CB    HB2    sing N N 246 
LEU CB    HB3    sing N N 247 
LEU CG    CD1    sing N N 248 
LEU CG    CD2    sing N N 249 
LEU CG    HG     sing N N 250 
LEU CD1   HD11   sing N N 251 
LEU CD1   HD12   sing N N 252 
LEU CD1   HD13   sing N N 253 
LEU CD2   HD21   sing N N 254 
LEU CD2   HD22   sing N N 255 
LEU CD2   HD23   sing N N 256 
LEU OXT   HXT    sing N N 257 
LYS N     CA     sing N N 258 
LYS N     H      sing N N 259 
LYS N     H2     sing N N 260 
LYS CA    C      sing N N 261 
LYS CA    CB     sing N N 262 
LYS CA    HA     sing N N 263 
LYS C     O      doub N N 264 
LYS C     OXT    sing N N 265 
LYS CB    CG     sing N N 266 
LYS CB    HB2    sing N N 267 
LYS CB    HB3    sing N N 268 
LYS CG    CD     sing N N 269 
LYS CG    HG2    sing N N 270 
LYS CG    HG3    sing N N 271 
LYS CD    CE     sing N N 272 
LYS CD    HD2    sing N N 273 
LYS CD    HD3    sing N N 274 
LYS CE    NZ     sing N N 275 
LYS CE    HE2    sing N N 276 
LYS CE    HE3    sing N N 277 
LYS NZ    HZ1    sing N N 278 
LYS NZ    HZ2    sing N N 279 
LYS NZ    HZ3    sing N N 280 
LYS OXT   HXT    sing N N 281 
PHE N     CA     sing N N 282 
PHE N     H      sing N N 283 
PHE N     H2     sing N N 284 
PHE CA    C      sing N N 285 
PHE CA    CB     sing N N 286 
PHE CA    HA     sing N N 287 
PHE C     O      doub N N 288 
PHE C     OXT    sing N N 289 
PHE CB    CG     sing N N 290 
PHE CB    HB2    sing N N 291 
PHE CB    HB3    sing N N 292 
PHE CG    CD1    doub Y N 293 
PHE CG    CD2    sing Y N 294 
PHE CD1   CE1    sing Y N 295 
PHE CD1   HD1    sing N N 296 
PHE CD2   CE2    doub Y N 297 
PHE CD2   HD2    sing N N 298 
PHE CE1   CZ     doub Y N 299 
PHE CE1   HE1    sing N N 300 
PHE CE2   CZ     sing Y N 301 
PHE CE2   HE2    sing N N 302 
PHE CZ    HZ     sing N N 303 
PHE OXT   HXT    sing N N 304 
PRO N     CA     sing N N 305 
PRO N     CD     sing N N 306 
PRO N     H      sing N N 307 
PRO CA    C      sing N N 308 
PRO CA    CB     sing N N 309 
PRO CA    HA     sing N N 310 
PRO C     O      doub N N 311 
PRO C     OXT    sing N N 312 
PRO CB    CG     sing N N 313 
PRO CB    HB2    sing N N 314 
PRO CB    HB3    sing N N 315 
PRO CG    CD     sing N N 316 
PRO CG    HG2    sing N N 317 
PRO CG    HG3    sing N N 318 
PRO CD    HD2    sing N N 319 
PRO CD    HD3    sing N N 320 
PRO OXT   HXT    sing N N 321 
SER N     CA     sing N N 322 
SER N     H      sing N N 323 
SER N     H2     sing N N 324 
SER CA    C      sing N N 325 
SER CA    CB     sing N N 326 
SER CA    HA     sing N N 327 
SER C     O      doub N N 328 
SER C     OXT    sing N N 329 
SER CB    OG     sing N N 330 
SER CB    HB2    sing N N 331 
SER CB    HB3    sing N N 332 
SER OG    HG     sing N N 333 
SER OXT   HXT    sing N N 334 
THR N     CA     sing N N 335 
THR N     H      sing N N 336 
THR N     H2     sing N N 337 
THR CA    C      sing N N 338 
THR CA    CB     sing N N 339 
THR CA    HA     sing N N 340 
THR C     O      doub N N 341 
THR C     OXT    sing N N 342 
THR CB    OG1    sing N N 343 
THR CB    CG2    sing N N 344 
THR CB    HB     sing N N 345 
THR OG1   HG1    sing N N 346 
THR CG2   HG21   sing N N 347 
THR CG2   HG22   sing N N 348 
THR CG2   HG23   sing N N 349 
THR OXT   HXT    sing N N 350 
TRP N     CA     sing N N 351 
TRP N     H      sing N N 352 
TRP N     H2     sing N N 353 
TRP CA    C      sing N N 354 
TRP CA    CB     sing N N 355 
TRP CA    HA     sing N N 356 
TRP C     O      doub N N 357 
TRP C     OXT    sing N N 358 
TRP CB    CG     sing N N 359 
TRP CB    HB2    sing N N 360 
TRP CB    HB3    sing N N 361 
TRP CG    CD1    doub Y N 362 
TRP CG    CD2    sing Y N 363 
TRP CD1   NE1    sing Y N 364 
TRP CD1   HD1    sing N N 365 
TRP CD2   CE2    doub Y N 366 
TRP CD2   CE3    sing Y N 367 
TRP NE1   CE2    sing Y N 368 
TRP NE1   HE1    sing N N 369 
TRP CE2   CZ2    sing Y N 370 
TRP CE3   CZ3    doub Y N 371 
TRP CE3   HE3    sing N N 372 
TRP CZ2   CH2    doub Y N 373 
TRP CZ2   HZ2    sing N N 374 
TRP CZ3   CH2    sing Y N 375 
TRP CZ3   HZ3    sing N N 376 
TRP CH2   HH2    sing N N 377 
TRP OXT   HXT    sing N N 378 
TYR N     CA     sing N N 379 
TYR N     H      sing N N 380 
TYR N     H2     sing N N 381 
TYR CA    C      sing N N 382 
TYR CA    CB     sing N N 383 
TYR CA    HA     sing N N 384 
TYR C     O      doub N N 385 
TYR C     OXT    sing N N 386 
TYR CB    CG     sing N N 387 
TYR CB    HB2    sing N N 388 
TYR CB    HB3    sing N N 389 
TYR CG    CD1    doub Y N 390 
TYR CG    CD2    sing Y N 391 
TYR CD1   CE1    sing Y N 392 
TYR CD1   HD1    sing N N 393 
TYR CD2   CE2    doub Y N 394 
TYR CD2   HD2    sing N N 395 
TYR CE1   CZ     doub Y N 396 
TYR CE1   HE1    sing N N 397 
TYR CE2   CZ     sing Y N 398 
TYR CE2   HE2    sing N N 399 
TYR CZ    OH     sing N N 400 
TYR OH    HH     sing N N 401 
TYR OXT   HXT    sing N N 402 
VAL N     CA     sing N N 403 
VAL N     H      sing N N 404 
VAL N     H2     sing N N 405 
VAL CA    C      sing N N 406 
VAL CA    CB     sing N N 407 
VAL CA    HA     sing N N 408 
VAL C     O      doub N N 409 
VAL C     OXT    sing N N 410 
VAL CB    CG1    sing N N 411 
VAL CB    CG2    sing N N 412 
VAL CB    HB     sing N N 413 
VAL CG1   HG11   sing N N 414 
VAL CG1   HG12   sing N N 415 
VAL CG1   HG13   sing N N 416 
VAL CG2   HG21   sing N N 417 
VAL CG2   HG22   sing N N 418 
VAL CG2   HG23   sing N N 419 
VAL OXT   HXT    sing N N 420 
# 
_atom_sites.entry_id                    3PDM 
_atom_sites.fract_transf_matrix[1][1]   1.000000 
_atom_sites.fract_transf_matrix[1][2]   0.000000 
_atom_sites.fract_transf_matrix[1][3]   0.000000 
_atom_sites.fract_transf_matrix[2][1]   0.000000 
_atom_sites.fract_transf_matrix[2][2]   1.000000 
_atom_sites.fract_transf_matrix[2][3]   0.000000 
_atom_sites.fract_transf_matrix[3][1]   0.000000 
_atom_sites.fract_transf_matrix[3][2]   0.000000 
_atom_sites.fract_transf_matrix[3][3]   1.000000 
_atom_sites.fract_transf_vector[1]      0.00000 
_atom_sites.fract_transf_vector[2]      0.00000 
_atom_sites.fract_transf_vector[3]      0.00000 
# 
loop_
_atom_type.symbol 
C 
H 
N 
O 
P 
# 
loop_
_atom_site.group_PDB 
_atom_site.id 
_atom_site.type_symbol 
_atom_site.label_atom_id 
_atom_site.label_alt_id 
_atom_site.label_comp_id 
_atom_site.label_asym_id 
_atom_site.label_entity_id 
_atom_site.label_seq_id 
_atom_site.pdbx_PDB_ins_code 
_atom_site.Cartn_x 
_atom_site.Cartn_y 
_atom_site.Cartn_z 
_atom_site.occupancy 
_atom_site.B_iso_or_equiv 
_atom_site.pdbx_formal_charge 
_atom_site.auth_seq_id 
_atom_site.auth_comp_id 
_atom_site.auth_asym_id 
_atom_site.auth_atom_id 
_atom_site.pdbx_PDB_model_num 
ATOM 1    O "O5'" . G   A 1 1   ? 7.888   19.407  2.223   1.00 2.00  ? 1   G   R "O5'" 1 
ATOM 2    C "C5'" . G   A 1 1   ? 8.943   19.692  1.287   1.00 10.79 ? 1   G   R "C5'" 1 
ATOM 3    C "C4'" . G   A 1 1   ? 9.926   20.771  1.717   1.00 16.98 ? 1   G   R "C4'" 1 
ATOM 4    O "O4'" . G   A 1 1   ? 9.424   21.409  2.932   1.00 5.85  ? 1   G   R "O4'" 1 
ATOM 5    C "C3'" . G   A 1 1   ? 11.334  20.260  2.048   1.00 16.63 ? 1   G   R "C3'" 1 
ATOM 6    O "O3'" . G   A 1 1   ? 12.207  20.172  0.913   1.00 11.81 ? 1   G   R "O3'" 1 
ATOM 7    C "C2'" . G   A 1 1   ? 11.811  21.166  3.192   1.00 13.22 ? 1   G   R "C2'" 1 
ATOM 8    O "O2'" . G   A 1 1   ? 12.671  22.263  2.884   1.00 4.61  ? 1   G   R "O2'" 1 
ATOM 9    C "C1'" . G   A 1 1   ? 10.479  21.529  3.887   1.00 9.93  ? 1   G   R "C1'" 1 
ATOM 10   N N9    . G   A 1 1   ? 10.157  20.635  5.004   1.00 13.78 ? 1   G   R N9    1 
ATOM 11   C C8    . G   A 1 1   ? 9.238   19.613  5.000   1.00 21.01 ? 1   G   R C8    1 
ATOM 12   N N7    . G   A 1 1   ? 9.188   18.961  6.128   1.00 22.21 ? 1   G   R N7    1 
ATOM 13   C C5    . G   A 1 1   ? 10.129  19.590  6.928   1.00 16.48 ? 1   G   R C5    1 
ATOM 14   C C6    . G   A 1 1   ? 10.537  19.313  8.245   1.00 14.66 ? 1   G   R C6    1 
ATOM 15   O O6    . G   A 1 1   ? 10.134  18.413  9.010   1.00 20.15 ? 1   G   R O6    1 
ATOM 16   N N1    . G   A 1 1   ? 11.521  20.206  8.667   1.00 6.19  ? 1   G   R N1    1 
ATOM 17   C C2    . G   A 1 1   ? 12.039  21.223  7.915   1.00 2.00  ? 1   G   R C2    1 
ATOM 18   N N2    . G   A 1 1   ? 12.971  21.988  8.482   1.00 2.00  ? 1   G   R N2    1 
ATOM 19   N N3    . G   A 1 1   ? 11.675  21.476  6.692   1.00 13.22 ? 1   G   R N3    1 
ATOM 20   C C4    . G   A 1 1   ? 10.727  20.632  6.257   1.00 14.42 ? 1   G   R C4    1 
ATOM 21   P P     . A   A 1 2   ? 12.204  18.825  0.021   1.00 6.74  ? 2   A   R P     1 
ATOM 22   O OP1   . A   A 1 2   ? 12.358  17.607  0.830   1.00 10.10 ? 2   A   R OP1   1 
ATOM 23   O OP2   . A   A 1 2   ? 13.103  19.016  -1.147  1.00 9.39  ? 2   A   R OP2   1 
ATOM 24   O "O5'" . A   A 1 2   ? 10.667  18.671  -0.364  1.00 6.65  ? 2   A   R "O5'" 1 
ATOM 25   C "C5'" . A   A 1 2   ? 10.208  17.488  -1.000  1.00 13.70 ? 2   A   R "C5'" 1 
ATOM 26   C "C4'" . A   A 1 2   ? 9.206   16.737  -0.142  1.00 17.76 ? 2   A   R "C4'" 1 
ATOM 27   O "O4'" . A   A 1 2   ? 8.046   17.605  0.119   1.00 14.02 ? 2   A   R "O4'" 1 
ATOM 28   C "C3'" . A   A 1 2   ? 8.560   15.591  -0.921  1.00 18.23 ? 2   A   R "C3'" 1 
ATOM 29   O "O3'" . A   A 1 2   ? 9.349   14.473  -1.270  1.00 18.17 ? 2   A   R "O3'" 1 
ATOM 30   C "C2'" . A   A 1 2   ? 7.218   15.450  -0.249  1.00 15.33 ? 2   A   R "C2'" 1 
ATOM 31   O "O2'" . A   A 1 2   ? 7.269   15.000  1.066   1.00 17.15 ? 2   A   R "O2'" 1 
ATOM 32   C "C1'" . A   A 1 2   ? 6.838   16.920  -0.250  1.00 16.49 ? 2   A   R "C1'" 1 
ATOM 33   N N9    . A   A 1 2   ? 6.482   17.248  -1.651  1.00 22.84 ? 2   A   R N9    1 
ATOM 34   C C8    . A   A 1 2   ? 6.608   18.431  -2.373  1.00 22.96 ? 2   A   R C8    1 
ATOM 35   N N7    . A   A 1 2   ? 6.147   18.343  -3.605  1.00 26.32 ? 2   A   R N7    1 
ATOM 36   C C5    . A   A 1 2   ? 5.705   17.010  -3.720  1.00 25.35 ? 2   A   R C5    1 
ATOM 37   C C6    . A   A 1 2   ? 5.099   16.255  -4.791  1.00 20.73 ? 2   A   R C6    1 
ATOM 38   N N6    . A   A 1 2   ? 4.840   16.742  -6.017  1.00 25.58 ? 2   A   R N6    1 
ATOM 39   N N1    . A   A 1 2   ? 4.771   14.960  -4.539  1.00 11.81 ? 2   A   R N1    1 
ATOM 40   C C2    . A   A 1 2   ? 5.020   14.453  -3.347  1.00 14.94 ? 2   A   R C2    1 
ATOM 41   N N3    . A   A 1 2   ? 5.577   15.030  -2.284  1.00 25.37 ? 2   A   R N3    1 
ATOM 42   C C4    . A   A 1 2   ? 5.903   16.327  -2.531  1.00 25.59 ? 2   A   R C4    1 
ATOM 43   P P     . A   A 1 3   ? 10.326  14.623  -2.552  1.00 18.78 ? 3   A   R P     1 
ATOM 44   O OP1   . A   A 1 3   ? 9.729   15.684  -3.435  1.00 27.12 ? 3   A   R OP1   1 
ATOM 45   O OP2   . A   A 1 3   ? 10.635  13.302  -3.150  1.00 26.00 ? 3   A   R OP2   1 
ATOM 46   O "O5'" . A   A 1 3   ? 11.647  15.196  -1.851  1.00 19.04 ? 3   A   R "O5'" 1 
ATOM 47   C "C5'" . A   A 1 3   ? 11.826  15.000  -0.433  1.00 7.81  ? 3   A   R "C5'" 1 
ATOM 48   C "C4'" . A   A 1 3   ? 13.233  15.329  -0.023  1.00 6.70  ? 3   A   R "C4'" 1 
ATOM 49   O "O4'" . A   A 1 3   ? 13.591  14.441  1.084   1.00 6.24  ? 3   A   R "O4'" 1 
ATOM 50   C "C3'" . A   A 1 3   ? 14.338  15.037  -1.035  1.00 11.08 ? 3   A   R "C3'" 1 
ATOM 51   O "O3'" . A   A 1 3   ? 14.389  15.620  -2.399  1.00 2.00  ? 3   A   R "O3'" 1 
ATOM 52   C "C2'" . A   A 1 3   ? 15.574  14.964  -0.118  1.00 13.60 ? 3   A   R "C2'" 1 
ATOM 53   O "O2'" . A   A 1 3   ? 16.189  16.169  0.297   1.00 27.39 ? 3   A   R "O2'" 1 
ATOM 54   C "C1'" . A   A 1 3   ? 15.009  14.231  1.100   1.00 6.43  ? 3   A   R "C1'" 1 
ATOM 55   N N9    . A   A 1 3   ? 15.329  12.832  0.838   1.00 2.00  ? 3   A   R N9    1 
ATOM 56   C C8    . A   A 1 3   ? 16.594  12.295  0.819   1.00 2.00  ? 3   A   R C8    1 
ATOM 57   N N7    . A   A 1 3   ? 16.639  11.062  0.399   1.00 2.00  ? 3   A   R N7    1 
ATOM 58   C C5    . A   A 1 3   ? 15.318  10.751  0.155   1.00 8.86  ? 3   A   R C5    1 
ATOM 59   C C6    . A   A 1 3   ? 14.718  9.611   -0.339  1.00 16.18 ? 3   A   R C6    1 
ATOM 60   N N6    . A   A 1 3   ? 15.390  8.482   -0.600  1.00 12.56 ? 3   A   R N6    1 
ATOM 61   N N1    . A   A 1 3   ? 13.376  9.646   -0.527  1.00 19.14 ? 3   A   R N1    1 
ATOM 62   C C2    . A   A 1 3   ? 12.696  10.747  -0.162  1.00 11.80 ? 3   A   R C2    1 
ATOM 63   N N3    . A   A 1 3   ? 13.153  11.869  0.354   1.00 11.85 ? 3   A   R N3    1 
ATOM 64   C C4    . A   A 1 3   ? 14.492  11.818  0.465   1.00 3.87  ? 3   A   R C4    1 
ATOM 65   N N     . PRO B 2 1   ? -12.960 -23.660 -10.645 1.00 21.97 ? 1   PRO P N     1 
ATOM 66   C CA    . PRO B 2 1   ? -11.625 -23.144 -10.332 1.00 31.61 ? 1   PRO P CA    1 
ATOM 67   C C     . PRO B 2 1   ? -11.374 -21.825 -11.042 1.00 34.93 ? 1   PRO P C     1 
ATOM 68   O O     . PRO B 2 1   ? -11.185 -21.817 -12.251 1.00 41.73 ? 1   PRO P O     1 
ATOM 69   C CB    . PRO B 2 1   ? -10.634 -24.194 -10.820 1.00 27.95 ? 1   PRO P CB    1 
ATOM 70   C CG    . PRO B 2 1   ? -11.426 -24.924 -11.864 1.00 23.45 ? 1   PRO P CG    1 
ATOM 71   C CD    . PRO B 2 1   ? -12.837 -24.968 -11.311 1.00 26.54 ? 1   PRO P CD    1 
ATOM 72   H H2    . PRO B 2 1   ? -13.535 -23.480 -9.802  0.00 0.00  ? 1   PRO P H2    1 
ATOM 73   H H3    . PRO B 2 1   ? -13.185 -22.779 -11.135 0.00 0.00  ? 1   PRO P H3    1 
ATOM 74   N N     . TYR B 2 2   ? -11.430 -20.711 -10.318 1.00 36.19 ? 2   TYR P N     1 
ATOM 75   C CA    . TYR B 2 2   ? -11.160 -19.407 -10.916 1.00 32.46 ? 2   TYR P CA    1 
ATOM 76   C C     . TYR B 2 2   ? -9.777  -19.617 -11.490 1.00 33.64 ? 2   TYR P C     1 
ATOM 77   O O     . TYR B 2 2   ? -8.993  -20.336 -10.900 1.00 33.78 ? 2   TYR P O     1 
ATOM 78   C CB    . TYR B 2 2   ? -11.204 -18.351 -9.817  1.00 37.47 ? 2   TYR P CB    1 
ATOM 79   C CG    . TYR B 2 2   ? -10.275 -17.186 -9.954  1.00 42.98 ? 2   TYR P CG    1 
ATOM 80   C CD1   . TYR B 2 2   ? -10.745 -15.894 -9.839  1.00 47.07 ? 2   TYR P CD1   1 
ATOM 81   C CD2   . TYR B 2 2   ? -8.909  -17.374 -10.105 1.00 45.32 ? 2   TYR P CD2   1 
ATOM 82   C CE1   . TYR B 2 2   ? -9.869  -14.821 -9.859  1.00 58.76 ? 2   TYR P CE1   1 
ATOM 83   C CE2   . TYR B 2 2   ? -8.035  -16.321 -10.138 1.00 54.70 ? 2   TYR P CE2   1 
ATOM 84   C CZ    . TYR B 2 2   ? -8.509  -15.049 -10.010 1.00 60.43 ? 2   TYR P CZ    1 
ATOM 85   O OH    . TYR B 2 2   ? -7.604  -14.021 -10.017 1.00 65.56 ? 2   TYR P OH    1 
ATOM 86   H H     . TYR B 2 2   ? -11.567 -20.725 -9.348  0.00 0.00  ? 2   TYR P H     1 
ATOM 87   H HH    . TYR B 2 2   ? -6.736  -14.415 -10.057 0.00 0.00  ? 2   TYR P HH    1 
ATOM 88   N N     . LEU B 2 3   ? -9.461  -19.020 -12.627 1.00 34.34 ? 3   LEU P N     1 
ATOM 89   C CA    . LEU B 2 3   ? -8.149  -19.280 -13.205 1.00 40.95 ? 3   LEU P CA    1 
ATOM 90   C C     . LEU B 2 3   ? -7.133  -18.133 -13.333 1.00 43.12 ? 3   LEU P C     1 
ATOM 91   O O     . LEU B 2 3   ? -7.430  -16.979 -13.017 1.00 42.51 ? 3   LEU P O     1 
ATOM 92   C CB    . LEU B 2 3   ? -8.307  -20.073 -14.511 1.00 45.62 ? 3   LEU P CB    1 
ATOM 93   C CG    . LEU B 2 3   ? -9.178  -21.347 -14.355 1.00 46.93 ? 3   LEU P CG    1 
ATOM 94   C CD1   . LEU B 2 3   ? -10.251 -21.384 -15.445 1.00 51.38 ? 3   LEU P CD1   1 
ATOM 95   C CD2   . LEU B 2 3   ? -8.342  -22.645 -14.346 1.00 51.85 ? 3   LEU P CD2   1 
ATOM 96   H H     . LEU B 2 3   ? -10.070 -18.424 -13.102 0.00 0.00  ? 3   LEU P H     1 
ATOM 97   N N     . ASN B 2 4   ? -5.934  -18.493 -13.810 1.00 45.67 ? 4   ASN P N     1 
ATOM 98   C CA    . ASN B 2 4   ? -4.759  -17.602 -13.963 1.00 45.37 ? 4   ASN P CA    1 
ATOM 99   C C     . ASN B 2 4   ? -4.107  -17.661 -15.389 1.00 46.07 ? 4   ASN P C     1 
ATOM 100  O O     . ASN B 2 4   ? -2.903  -17.924 -15.550 1.00 45.71 ? 4   ASN P O     1 
ATOM 101  C CB    . ASN B 2 4   ? -3.735  -18.016 -12.884 1.00 41.86 ? 4   ASN P CB    1 
ATOM 102  C CG    . ASN B 2 4   ? -2.822  -16.906 -12.490 1.00 29.95 ? 4   ASN P CG    1 
ATOM 103  O OD1   . ASN B 2 4   ? -3.002  -16.281 -11.443 1.00 23.52 ? 4   ASN P OD1   1 
ATOM 104  N ND2   . ASN B 2 4   ? -1.823  -16.652 -13.316 1.00 31.45 ? 4   ASN P ND2   1 
ATOM 105  H H     . ASN B 2 4   ? -5.816  -19.427 -14.069 0.00 0.00  ? 4   ASN P H     1 
ATOM 106  H HD21  . ASN B 2 4   ? -1.744  -17.204 -14.125 0.00 0.00  ? 4   ASN P HD21  1 
ATOM 107  H HD22  . ASN B 2 4   ? -1.239  -15.928 -13.055 0.00 0.00  ? 4   ASN P HD22  1 
ATOM 108  N N     . LEU B 2 5   ? -4.933  -17.346 -16.387 1.00 45.78 ? 5   LEU P N     1 
ATOM 109  C CA    . LEU B 2 5   ? -4.639  -17.349 -17.830 1.00 45.64 ? 5   LEU P CA    1 
ATOM 110  C C     . LEU B 2 5   ? -3.265  -17.688 -18.462 1.00 48.68 ? 5   LEU P C     1 
ATOM 111  O O     . LEU B 2 5   ? -2.992  -18.864 -18.702 1.00 50.60 ? 5   LEU P O     1 
ATOM 112  C CB    . LEU B 2 5   ? -5.284  -16.118 -18.474 1.00 39.54 ? 5   LEU P CB    1 
ATOM 113  C CG    . LEU B 2 5   ? -6.816  -16.037 -18.288 1.00 30.69 ? 5   LEU P CG    1 
ATOM 114  C CD1   . LEU B 2 5   ? -7.326  -14.745 -18.870 1.00 32.62 ? 5   LEU P CD1   1 
ATOM 115  C CD2   . LEU B 2 5   ? -7.549  -17.210 -18.938 1.00 30.44 ? 5   LEU P CD2   1 
ATOM 116  H H     . LEU B 2 5   ? -5.831  -17.086 -16.106 0.00 0.00  ? 5   LEU P H     1 
ATOM 117  N N     . THR B 2 6   ? -2.459  -16.692 -18.834 1.00 49.95 ? 6   THR P N     1 
ATOM 118  C CA    . THR B 2 6   ? -1.138  -16.942 -19.452 1.00 49.75 ? 6   THR P CA    1 
ATOM 119  C C     . THR B 2 6   ? -0.173  -15.843 -19.007 1.00 48.02 ? 6   THR P C     1 
ATOM 120  O O     . THR B 2 6   ? -0.495  -15.163 -18.038 1.00 50.55 ? 6   THR P O     1 
ATOM 121  C CB    . THR B 2 6   ? -1.238  -17.001 -20.981 1.00 52.82 ? 6   THR P CB    1 
ATOM 122  O OG1   . THR B 2 6   ? -2.056  -15.922 -21.456 1.00 53.72 ? 6   THR P OG1   1 
ATOM 123  C CG2   . THR B 2 6   ? -1.759  -18.359 -21.435 1.00 49.68 ? 6   THR P CG2   1 
ATOM 124  H H     . THR B 2 6   ? -2.705  -15.756 -18.696 0.00 0.00  ? 6   THR P H     1 
ATOM 125  H HG1   . THR B 2 6   ? -2.228  -16.030 -22.400 0.00 0.00  ? 6   THR P HG1   1 
ATOM 126  N N     . PRO B 2 7   ? 1.003   -15.646 -19.681 1.00 44.18 ? 7   PRO P N     1 
ATOM 127  C CA    . PRO B 2 7   ? 1.919   -14.585 -19.233 1.00 39.35 ? 7   PRO P CA    1 
ATOM 128  C C     . PRO B 2 7   ? 1.341   -13.290 -18.622 1.00 38.30 ? 7   PRO P C     1 
ATOM 129  O O     . PRO B 2 7   ? 2.066   -12.506 -18.029 1.00 38.70 ? 7   PRO P O     1 
ATOM 130  C CB    . PRO B 2 7   ? 2.779   -14.353 -20.465 1.00 36.17 ? 7   PRO P CB    1 
ATOM 131  C CG    . PRO B 2 7   ? 3.006   -15.755 -20.928 1.00 37.71 ? 7   PRO P CG    1 
ATOM 132  C CD    . PRO B 2 7   ? 1.639   -16.408 -20.784 1.00 40.33 ? 7   PRO P CD    1 
ATOM 133  N N     . LEU B 2 8   ? 0.042   -13.060 -18.775 1.00 38.12 ? 8   LEU P N     1 
ATOM 134  C CA    . LEU B 2 8   ? -0.628  -11.905 -18.184 1.00 33.53 ? 8   LEU P CA    1 
ATOM 135  C C     . LEU B 2 8   ? -1.749  -12.511 -17.335 1.00 32.07 ? 8   LEU P C     1 
ATOM 136  O O     . LEU B 2 8   ? -2.709  -13.089 -17.861 1.00 32.76 ? 8   LEU P O     1 
ATOM 137  C CB    . LEU B 2 8   ? -1.223  -10.973 -19.261 1.00 26.87 ? 8   LEU P CB    1 
ATOM 138  C CG    . LEU B 2 8   ? -0.389  -10.627 -20.496 1.00 21.71 ? 8   LEU P CG    1 
ATOM 139  C CD1   . LEU B 2 8   ? 1.006   -10.191 -20.052 1.00 30.37 ? 8   LEU P CD1   1 
ATOM 140  C CD2   . LEU B 2 8   ? -0.309  -11.809 -21.475 1.00 18.43 ? 8   LEU P CD2   1 
ATOM 141  H H     . LEU B 2 8   ? -0.544  -13.639 -19.294 0.00 0.00  ? 8   LEU P H     1 
ATOM 142  N N     . ASN B 2 9   ? -1.539  -12.480 -16.026 1.00 24.86 ? 9   ASN P N     1 
ATOM 143  C CA    . ASN B 2 9   ? -2.479  -12.990 -15.033 1.00 20.54 ? 9   ASN P CA    1 
ATOM 144  C C     . ASN B 2 9   ? -1.769  -13.303 -13.736 1.00 23.99 ? 9   ASN P C     1 
ATOM 145  O O     . ASN B 2 9   ? -2.293  -13.048 -12.667 1.00 22.28 ? 9   ASN P O     1 
ATOM 146  C CB    . ASN B 2 9   ? -3.202  -14.225 -15.516 1.00 15.78 ? 9   ASN P CB    1 
ATOM 147  C CG    . ASN B 2 9   ? -4.670  -14.091 -15.375 1.00 13.58 ? 9   ASN P CG    1 
ATOM 148  O OD1   . ASN B 2 9   ? -5.197  -14.153 -14.282 1.00 9.83  ? 9   ASN P OD1   1 
ATOM 149  N ND2   . ASN B 2 9   ? -5.344  -13.848 -16.480 1.00 16.50 ? 9   ASN P ND2   1 
ATOM 150  H H     . ASN B 2 9   ? -0.700  -12.079 -15.729 0.00 0.00  ? 9   ASN P H     1 
ATOM 151  H HD21  . ASN B 2 9   ? -4.804  -13.759 -17.302 0.00 0.00  ? 9   ASN P HD21  1 
ATOM 152  H HD22  . ASN B 2 9   ? -6.310  -13.740 -16.445 0.00 0.00  ? 9   ASN P HD22  1 
ATOM 153  N N     . LEU B 2 10  ? -0.539  -13.800 -13.866 1.00 26.99 ? 10  LEU P N     1 
ATOM 154  C CA    . LEU B 2 10  ? 0.373   -14.165 -12.773 1.00 29.37 ? 10  LEU P CA    1 
ATOM 155  C C     . LEU B 2 10  ? 0.929   -12.907 -12.083 1.00 31.46 ? 10  LEU P C     1 
ATOM 156  O O     . LEU B 2 10  ? 2.060   -12.896 -11.576 1.00 27.54 ? 10  LEU P O     1 
ATOM 157  C CB    . LEU B 2 10  ? 1.538   -14.971 -13.371 1.00 30.85 ? 10  LEU P CB    1 
ATOM 158  C CG    . LEU B 2 10  ? 1.377   -16.403 -13.944 1.00 33.59 ? 10  LEU P CG    1 
ATOM 159  C CD1   . LEU B 2 10  ? 1.001   -17.367 -12.837 1.00 32.94 ? 10  LEU P CD1   1 
ATOM 160  C CD2   . LEU B 2 10  ? 0.398   -16.536 -15.094 1.00 35.16 ? 10  LEU P CD2   1 
ATOM 161  H H     . LEU B 2 10  ? -0.222  -13.941 -14.782 0.00 0.00  ? 10  LEU P H     1 
ATOM 162  N N     . ILE B 2 11  ? 0.091   -11.870 -12.062 1.00 35.61 ? 11  ILE P N     1 
ATOM 163  C CA    . ILE B 2 11  ? 0.390   -10.541 -11.523 1.00 37.97 ? 11  ILE P CA    1 
ATOM 164  C C     . ILE B 2 11  ? -0.806  -10.207 -10.603 1.00 44.74 ? 11  ILE P C     1 
ATOM 165  O O     . ILE B 2 11  ? -0.805  -10.512 -9.401  1.00 43.28 ? 11  ILE P O     1 
ATOM 166  C CB    . ILE B 2 11  ? 0.399   -9.436  -12.699 1.00 37.56 ? 11  ILE P CB    1 
ATOM 167  C CG1   . ILE B 2 11  ? 1.316   -9.818  -13.884 1.00 36.81 ? 11  ILE P CG1   1 
ATOM 168  C CG2   . ILE B 2 11  ? 0.705   -8.034  -12.145 1.00 28.02 ? 11  ILE P CG2   1 
ATOM 169  C CD1   . ILE B 2 11  ? 0.726   -9.463  -15.327 1.00 44.85 ? 11  ILE P CD1   1 
ATOM 170  H H     . ILE B 2 11  ? -0.830  -11.976 -12.313 0.00 0.00  ? 11  ILE P H     1 
ATOM 171  N N     . TYR B 2 12  ? -1.816  -9.585  -11.230 1.00 46.12 ? 12  TYR P N     1 
ATOM 172  C CA    . TYR B 2 12  ? -3.093  -9.145  -10.646 1.00 44.17 ? 12  TYR P CA    1 
ATOM 173  C C     . TYR B 2 12  ? -3.966  -10.397 -10.459 1.00 43.22 ? 12  TYR P C     1 
ATOM 174  O O     . TYR B 2 12  ? -4.822  -10.766 -11.270 1.00 43.50 ? 12  TYR P O     1 
ATOM 175  C CB    . TYR B 2 12  ? -3.755  -8.090  -11.565 1.00 44.61 ? 12  TYR P CB    1 
ATOM 176  C CG    . TYR B 2 12  ? -3.835  -8.474  -13.058 1.00 47.96 ? 12  TYR P CG    1 
ATOM 177  C CD1   . TYR B 2 12  ? -3.595  -9.791  -13.491 1.00 46.39 ? 12  TYR P CD1   1 
ATOM 178  C CD2   . TYR B 2 12  ? -4.178  -7.531  -14.029 1.00 46.64 ? 12  TYR P CD2   1 
ATOM 179  C CE1   . TYR B 2 12  ? -3.700  -10.150 -14.831 1.00 47.24 ? 12  TYR P CE1   1 
ATOM 180  C CE2   . TYR B 2 12  ? -4.281  -7.894  -15.383 1.00 45.77 ? 12  TYR P CE2   1 
ATOM 181  C CZ    . TYR B 2 12  ? -4.042  -9.208  -15.771 1.00 43.13 ? 12  TYR P CZ    1 
ATOM 182  O OH    . TYR B 2 12  ? -4.170  -9.612  -17.080 1.00 40.88 ? 12  TYR P OH    1 
ATOM 183  H H     . TYR B 2 12  ? -1.760  -9.392  -12.173 0.00 0.00  ? 12  TYR P H     1 
ATOM 184  H HH    . TYR B 2 12  ? -4.694  -8.980  -17.581 0.00 0.00  ? 12  TYR P HH    1 
ATOM 185  N N     . THR B 2 13  ? -3.673  -11.057 -9.363  1.00 36.54 ? 13  THR P N     1 
ATOM 186  C CA    . THR B 2 13  ? -4.289  -12.294 -8.972  1.00 29.52 ? 13  THR P CA    1 
ATOM 187  C C     . THR B 2 13  ? -3.707  -12.391 -7.578  1.00 34.50 ? 13  THR P C     1 
ATOM 188  O O     . THR B 2 13  ? -4.367  -12.842 -6.638  1.00 37.49 ? 13  THR P O     1 
ATOM 189  C CB    . THR B 2 13  ? -3.693  -13.404 -9.806  1.00 22.67 ? 13  THR P CB    1 
ATOM 190  O OG1   . THR B 2 13  ? -2.473  -12.930 -10.382 1.00 2.09  ? 13  THR P OG1   1 
ATOM 191  C CG2   . THR B 2 13  ? -4.620  -13.807 -10.892 1.00 22.98 ? 13  THR P CG2   1 
ATOM 192  H H     . THR B 2 13  ? -2.994  -10.628 -8.801  0.00 0.00  ? 13  THR P H     1 
ATOM 193  H HG1   . THR B 2 13  ? -2.831  -12.410 -11.104 0.00 0.00  ? 13  THR P HG1   1 
ATOM 194  N N     . SER B 2 14  ? -2.454  -11.938 -7.476  1.00 36.29 ? 14  SER P N     1 
ATOM 195  C CA    . SER B 2 14  ? -1.694  -11.910 -6.237  1.00 37.22 ? 14  SER P CA    1 
ATOM 196  C C     . SER B 2 14  ? -1.633  -10.454 -5.732  1.00 38.91 ? 14  SER P C     1 
ATOM 197  O O     . SER B 2 14  ? -2.124  -9.553  -6.406  1.00 32.71 ? 14  SER P O     1 
ATOM 198  C CB    . SER B 2 14  ? -0.271  -12.468 -6.468  1.00 37.18 ? 14  SER P CB    1 
ATOM 199  O OG    . SER B 2 14  ? -0.244  -13.863 -6.763  1.00 32.13 ? 14  SER P OG    1 
ATOM 200  H H     . SER B 2 14  ? -1.977  -11.630 -8.277  0.00 0.00  ? 14  SER P H     1 
ATOM 201  H HG    . SER B 2 14  ? -0.675  -13.996 -7.617  0.00 0.00  ? 14  SER P HG    1 
ATOM 202  N N     . GLY B 2 15  ? -1.024  -10.272 -4.551  1.00 41.13 ? 15  GLY P N     1 
ATOM 203  C CA    . GLY B 2 15  ? -0.843  -8.992  -3.856  1.00 39.65 ? 15  GLY P CA    1 
ATOM 204  C C     . GLY B 2 15  ? -0.809  -7.679  -4.600  1.00 37.29 ? 15  GLY P C     1 
ATOM 205  O O     . GLY B 2 15  ? 0.135   -6.892  -4.507  1.00 36.59 ? 15  GLY P O     1 
ATOM 206  H H     . GLY B 2 15  ? -0.681  -11.071 -4.116  0.00 0.00  ? 15  GLY P H     1 
ATOM 207  N N     . THR B 2 16  ? -1.893  -7.466  -5.323  1.00 35.93 ? 16  THR P N     1 
ATOM 208  C CA    . THR B 2 16  ? -2.179  -6.293  -6.129  1.00 32.79 ? 16  THR P CA    1 
ATOM 209  C C     . THR B 2 16  ? -3.437  -5.799  -5.430  1.00 29.12 ? 16  THR P C     1 
ATOM 210  O O     . THR B 2 16  ? -4.050  -4.837  -5.848  1.00 19.45 ? 16  THR P O     1 
ATOM 211  C CB    . THR B 2 16  ? -2.615  -6.737  -7.564  1.00 37.70 ? 16  THR P CB    1 
ATOM 212  O OG1   . THR B 2 16  ? -1.685  -7.698  -8.096  1.00 41.84 ? 16  THR P OG1   1 
ATOM 213  C CG2   . THR B 2 16  ? -2.726  -5.549  -8.492  1.00 42.70 ? 16  THR P CG2   1 
ATOM 214  H H     . THR B 2 16  ? -2.581  -8.153  -5.341  0.00 0.00  ? 16  THR P H     1 
ATOM 215  H HG1   . THR B 2 16  ? -0.800  -7.510  -7.771  0.00 0.00  ? 16  THR P HG1   1 
ATOM 216  N N     . PHE B 2 17  ? -3.794  -6.498  -4.350  1.00 31.36 ? 17  PHE P N     1 
ATOM 217  C CA    . PHE B 2 17  ? -5.011  -6.259  -3.575  1.00 28.45 ? 17  PHE P CA    1 
ATOM 218  C C     . PHE B 2 17  ? -5.049  -6.736  -2.112  1.00 27.68 ? 17  PHE P C     1 
ATOM 219  O O     . PHE B 2 17  ? -4.074  -7.284  -1.569  1.00 18.17 ? 17  PHE P O     1 
ATOM 220  C CB    . PHE B 2 17  ? -6.261  -6.834  -4.308  1.00 19.00 ? 17  PHE P CB    1 
ATOM 221  C CG    . PHE B 2 17  ? -6.086  -8.226  -4.927  1.00 6.81  ? 17  PHE P CG    1 
ATOM 222  C CD1   . PHE B 2 17  ? -4.857  -8.721  -5.312  1.00 2.00  ? 17  PHE P CD1   1 
ATOM 223  C CD2   . PHE B 2 17  ? -7.200  -8.976  -5.226  1.00 6.70  ? 17  PHE P CD2   1 
ATOM 224  C CE1   . PHE B 2 17  ? -4.758  -9.890  -5.963  1.00 2.00  ? 17  PHE P CE1   1 
ATOM 225  C CE2   . PHE B 2 17  ? -7.094  -10.153 -5.883  1.00 2.15  ? 17  PHE P CE2   1 
ATOM 226  C CZ    . PHE B 2 17  ? -5.872  -10.605 -6.253  1.00 2.00  ? 17  PHE P CZ    1 
ATOM 227  H H     . PHE B 2 17  ? -3.235  -7.196  -3.961  0.00 0.00  ? 17  PHE P H     1 
ATOM 228  N N     . ALA B 2 18  ? -6.205  -6.465  -1.508  1.00 27.30 ? 18  ALA P N     1 
ATOM 229  C CA    . ALA B 2 18  ? -6.547  -6.818  -0.151  1.00 29.40 ? 18  ALA P CA    1 
ATOM 230  C C     . ALA B 2 18  ? -7.775  -6.065  0.410   1.00 33.86 ? 18  ALA P C     1 
ATOM 231  O O     . ALA B 2 18  ? -8.898  -6.552  0.239   1.00 36.54 ? 18  ALA P O     1 
ATOM 232  C CB    . ALA B 2 18  ? -5.357  -6.733  0.765   1.00 24.37 ? 18  ALA P CB    1 
ATOM 233  H H     . ALA B 2 18  ? -6.888  -5.980  -2.011  0.00 0.00  ? 18  ALA P H     1 
ATOM 234  N N     . PRO B 2 19  ? -7.622  -4.818  0.928   1.00 34.63 ? 19  PRO P N     1 
ATOM 235  C CA    . PRO B 2 19  ? -8.833  -4.166  1.472   1.00 33.95 ? 19  PRO P CA    1 
ATOM 236  C C     . PRO B 2 19  ? -9.447  -2.871  0.822   1.00 34.56 ? 19  PRO P C     1 
ATOM 237  O O     . PRO B 2 19  ? -9.381  -2.674  -0.390  1.00 29.70 ? 19  PRO P O     1 
ATOM 238  C CB    . PRO B 2 19  ? -8.398  -3.906  2.929   1.00 34.57 ? 19  PRO P CB    1 
ATOM 239  C CG    . PRO B 2 19  ? -6.768  -3.865  2.844   1.00 29.35 ? 19  PRO P CG    1 
ATOM 240  C CD    . PRO B 2 19  ? -6.438  -4.069  1.387   1.00 32.10 ? 19  PRO P CD    1 
ATOM 241  N N     . TYR B 2 20  ? -10.053 -2.018  1.666   1.00 31.97 ? 20  TYR P N     1 
ATOM 242  C CA    . TYR B 2 20  ? -10.697 -0.737  1.288   1.00 25.44 ? 20  TYR P CA    1 
ATOM 243  C C     . TYR B 2 20  ? -10.410 0.392   2.287   1.00 23.61 ? 20  TYR P C     1 
ATOM 244  O O     . TYR B 2 20  ? -9.422  1.101   2.163   1.00 18.93 ? 20  TYR P O     1 
ATOM 245  C CB    . TYR B 2 20  ? -12.224 -0.885  1.271   1.00 30.53 ? 20  TYR P CB    1 
ATOM 246  C CG    . TYR B 2 20  ? -12.857 -1.132  -0.068  1.00 29.97 ? 20  TYR P CG    1 
ATOM 247  C CD1   . TYR B 2 20  ? -12.123 -0.983  -1.236  1.00 27.11 ? 20  TYR P CD1   1 
ATOM 248  C CD2   . TYR B 2 20  ? -14.194 -1.563  -0.164  1.00 27.70 ? 20  TYR P CD2   1 
ATOM 249  C CE1   . TYR B 2 20  ? -12.676 -1.250  -2.436  1.00 20.19 ? 20  TYR P CE1   1 
ATOM 250  C CE2   . TYR B 2 20  ? -14.748 -1.840  -1.383  1.00 22.48 ? 20  TYR P CE2   1 
ATOM 251  C CZ    . TYR B 2 20  ? -13.968 -1.681  -2.508  1.00 19.07 ? 20  TYR P CZ    1 
ATOM 252  O OH    . TYR B 2 20  ? -14.433 -1.996  -3.734  1.00 25.97 ? 20  TYR P OH    1 
ATOM 253  H H     . TYR B 2 20  ? -10.099 -2.264  2.606   0.00 0.00  ? 20  TYR P H     1 
ATOM 254  H HH    . TYR B 2 20  ? -13.756 -1.779  -4.380  0.00 0.00  ? 20  TYR P HH    1 
ATOM 255  N N     . ASP B 2 21  ? -11.300 0.501   3.291   1.00 23.67 ? 21  ASP P N     1 
ATOM 256  C CA    . ASP B 2 21  ? -11.303 1.513   4.376   1.00 22.65 ? 21  ASP P CA    1 
ATOM 257  C C     . ASP B 2 21  ? -10.146 1.498   5.376   1.00 25.61 ? 21  ASP P C     1 
ATOM 258  O O     . ASP B 2 21  ? -10.030 2.389   6.258   1.00 28.73 ? 21  ASP P O     1 
ATOM 259  C CB    . ASP B 2 21  ? -12.641 1.490   5.149   1.00 13.87 ? 21  ASP P CB    1 
ATOM 260  C CG    . ASP B 2 21  ? -13.120 0.072   5.503   1.00 6.78  ? 21  ASP P CG    1 
ATOM 261  O OD1   . ASP B 2 21  ? -14.337 -0.075  5.765   1.00 4.14  ? 21  ASP P OD1   1 
ATOM 262  O OD2   . ASP B 2 21  ? -12.310 -0.888  5.531   1.00 5.23  ? 21  ASP P OD2   1 
ATOM 263  H H     . ASP B 2 21  ? -12.037 -0.128  3.371   0.00 0.00  ? 21  ASP P H     1 
ATOM 264  N N     . VAL B 2 22  ? -9.305  0.475   5.227   1.00 22.87 ? 22  VAL P N     1 
ATOM 265  C CA    . VAL B 2 22  ? -8.141  0.279   6.067   1.00 16.92 ? 22  VAL P CA    1 
ATOM 266  C C     . VAL B 2 22  ? -7.291  1.548   5.970   1.00 16.19 ? 22  VAL P C     1 
ATOM 267  O O     . VAL B 2 22  ? -7.595  2.575   6.598   1.00 9.70  ? 22  VAL P O     1 
ATOM 268  C CB    . VAL B 2 22  ? -7.401  -1.022  5.634   1.00 15.72 ? 22  VAL P CB    1 
ATOM 269  C CG1   . VAL B 2 22  ? -8.235  -2.237  6.000   1.00 14.43 ? 22  VAL P CG1   1 
ATOM 270  C CG2   . VAL B 2 22  ? -7.220  -1.046  4.167   1.00 6.96  ? 22  VAL P CG2   1 
ATOM 271  H H     . VAL B 2 22  ? -9.500  -0.151  4.510   0.00 0.00  ? 22  VAL P H     1 
ATOM 272  N N     . PHE B 2 23  ? -6.265  1.493   5.145   1.00 19.65 ? 23  PHE P N     1 
ATOM 273  C CA    . PHE B 2 23  ? -5.407  2.635   4.930   1.00 25.09 ? 23  PHE P CA    1 
ATOM 274  C C     . PHE B 2 23  ? -6.156  3.972   4.733   1.00 23.45 ? 23  PHE P C     1 
ATOM 275  O O     . PHE B 2 23  ? -5.657  4.995   5.176   1.00 20.40 ? 23  PHE P O     1 
ATOM 276  C CB    . PHE B 2 23  ? -4.430  2.362   3.772   1.00 32.40 ? 23  PHE P CB    1 
ATOM 277  C CG    . PHE B 2 23  ? -4.927  1.356   2.782   1.00 36.68 ? 23  PHE P CG    1 
ATOM 278  C CD1   . PHE B 2 23  ? -6.208  1.476   2.217   1.00 35.90 ? 23  PHE P CD1   1 
ATOM 279  C CD2   . PHE B 2 23  ? -4.153  0.255   2.458   1.00 38.39 ? 23  PHE P CD2   1 
ATOM 280  C CE1   . PHE B 2 23  ? -6.711  0.510   1.350   1.00 35.00 ? 23  PHE P CE1   1 
ATOM 281  C CE2   . PHE B 2 23  ? -4.655  -0.731  1.580   1.00 41.67 ? 23  PHE P CE2   1 
ATOM 282  C CZ    . PHE B 2 23  ? -5.938  -0.600  1.028   1.00 38.42 ? 23  PHE P CZ    1 
ATOM 283  H H     . PHE B 2 23  ? -5.974  0.692   4.701   0.00 0.00  ? 23  PHE P H     1 
ATOM 284  N N     . LEU B 2 24  ? -7.346  3.973   4.114   1.00 20.50 ? 24  LEU P N     1 
ATOM 285  C CA    . LEU B 2 24  ? -8.098  5.222   3.901   1.00 17.03 ? 24  LEU P CA    1 
ATOM 286  C C     . LEU B 2 24  ? -7.989  6.070   5.171   1.00 19.70 ? 24  LEU P C     1 
ATOM 287  O O     . LEU B 2 24  ? -7.207  7.028   5.247   1.00 13.05 ? 24  LEU P O     1 
ATOM 288  C CB    . LEU B 2 24  ? -9.594  4.963   3.647   1.00 11.46 ? 24  LEU P CB    1 
ATOM 289  C CG    . LEU B 2 24  ? -10.096 3.855   2.744   1.00 5.93  ? 24  LEU P CG    1 
ATOM 290  C CD1   . LEU B 2 24  ? -11.558 4.135   2.378   1.00 5.37  ? 24  LEU P CD1   1 
ATOM 291  C CD2   . LEU B 2 24  ? -9.199  3.742   1.534   1.00 10.02 ? 24  LEU P CD2   1 
ATOM 292  H H     . LEU B 2 24  ? -7.731  3.128   3.813   0.00 0.00  ? 24  LEU P H     1 
ATOM 293  N N     . GLU B 2 25  ? -8.740  5.677   6.195   1.00 21.61 ? 25  GLU P N     1 
ATOM 294  C CA    . GLU B 2 25  ? -8.680  6.416   7.426   1.00 18.46 ? 25  GLU P CA    1 
ATOM 295  C C     . GLU B 2 25  ? -7.275  6.234   7.941   1.00 17.52 ? 25  GLU P C     1 
ATOM 296  O O     . GLU B 2 25  ? -6.698  7.220   8.371   1.00 14.03 ? 25  GLU P O     1 
ATOM 297  C CB    . GLU B 2 25  ? -9.765  5.991   8.416   1.00 15.71 ? 25  GLU P CB    1 
ATOM 298  C CG    . GLU B 2 25  ? -11.118 6.698   8.173   1.00 6.67  ? 25  GLU P CG    1 
ATOM 299  C CD    . GLU B 2 25  ? -12.190 5.786   7.586   1.00 4.52  ? 25  GLU P CD    1 
ATOM 300  O OE1   . GLU B 2 25  ? -11.978 5.194   6.504   1.00 2.00  ? 25  GLU P OE1   1 
ATOM 301  O OE2   . GLU B 2 25  ? -13.257 5.674   8.211   1.00 2.62  ? 25  GLU P OE2   1 
ATOM 302  H H     . GLU B 2 25  ? -9.297  4.869   6.142   0.00 0.00  ? 25  GLU P H     1 
ATOM 303  N N     . ILE B 2 26  ? -6.674  5.046   7.727   1.00 18.03 ? 26  ILE P N     1 
ATOM 304  C CA    . ILE B 2 26  ? -5.270  4.746   8.146   1.00 18.64 ? 26  ILE P CA    1 
ATOM 305  C C     . ILE B 2 26  ? -4.261  5.655   7.389   1.00 19.20 ? 26  ILE P C     1 
ATOM 306  O O     . ILE B 2 26  ? -3.048  5.383   7.317   1.00 20.53 ? 26  ILE P O     1 
ATOM 307  C CB    . ILE B 2 26  ? -4.872  3.184   8.035   1.00 13.46 ? 26  ILE P CB    1 
ATOM 308  C CG1   . ILE B 2 26  ? -5.749  2.316   8.962   1.00 9.36  ? 26  ILE P CG1   1 
ATOM 309  C CG2   . ILE B 2 26  ? -3.371  2.951   8.364   1.00 4.99  ? 26  ILE P CG2   1 
ATOM 310  C CD1   . ILE B 2 26  ? -5.424  0.818   9.027   1.00 10.64 ? 26  ILE P CD1   1 
ATOM 311  H H     . ILE B 2 26  ? -7.175  4.344   7.272   0.00 0.00  ? 26  ILE P H     1 
ATOM 312  N N     . LEU B 2 27  ? -4.777  6.770   6.884   1.00 18.15 ? 27  LEU P N     1 
ATOM 313  C CA    . LEU B 2 27  ? -3.997  7.757   6.183   1.00 19.58 ? 27  LEU P CA    1 
ATOM 314  C C     . LEU B 2 27  ? -4.263  9.128   6.841   1.00 16.36 ? 27  LEU P C     1 
ATOM 315  O O     . LEU B 2 27  ? -3.382  9.972   6.833   1.00 7.56  ? 27  LEU P O     1 
ATOM 316  C CB    . LEU B 2 27  ? -4.367  7.727   4.675   1.00 23.84 ? 27  LEU P CB    1 
ATOM 317  C CG    . LEU B 2 27  ? -3.962  6.514   3.780   1.00 21.17 ? 27  LEU P CG    1 
ATOM 318  C CD1   . LEU B 2 27  ? -4.730  6.409   2.446   1.00 14.53 ? 27  LEU P CD1   1 
ATOM 319  C CD2   . LEU B 2 27  ? -2.468  6.549   3.535   1.00 27.42 ? 27  LEU P CD2   1 
ATOM 320  H H     . LEU B 2 27  ? -5.708  6.956   6.788   0.00 0.00  ? 27  LEU P H     1 
ATOM 321  N N     . VAL B 2 28  ? -5.453  9.288   7.452   1.00 17.27 ? 28  VAL P N     1 
ATOM 322  C CA    . VAL B 2 28  ? -5.937  10.513  8.155   1.00 14.00 ? 28  VAL P CA    1 
ATOM 323  C C     . VAL B 2 28  ? -5.610  10.537  9.641   1.00 18.64 ? 28  VAL P C     1 
ATOM 324  O O     . VAL B 2 28  ? -5.360  11.609  10.194  1.00 15.08 ? 28  VAL P O     1 
ATOM 325  C CB    . VAL B 2 28  ? -7.489  10.639  8.204   1.00 11.03 ? 28  VAL P CB    1 
ATOM 326  C CG1   . VAL B 2 28  ? -7.919  12.070  8.023   1.00 2.37  ? 28  VAL P CG1   1 
ATOM 327  C CG2   . VAL B 2 28  ? -8.175  9.704   7.250   1.00 10.59 ? 28  VAL P CG2   1 
ATOM 328  H H     . VAL B 2 28  ? -6.038  8.530   7.355   0.00 0.00  ? 28  VAL P H     1 
ATOM 329  N N     . LYS B 2 29  ? -5.820  9.367   10.282  1.00 24.66 ? 29  LYS P N     1 
ATOM 330  C CA    . LYS B 2 29  ? -5.603  9.037   11.738  1.00 23.68 ? 29  LYS P CA    1 
ATOM 331  C C     . LYS B 2 29  ? -4.215  8.373   12.036  1.00 18.18 ? 29  LYS P C     1 
ATOM 332  O O     . LYS B 2 29  ? -3.952  7.751   13.088  1.00 12.38 ? 29  LYS P O     1 
ATOM 333  C CB    . LYS B 2 29  ? -6.722  8.106   12.218  1.00 20.09 ? 29  LYS P CB    1 
ATOM 334  C CG    . LYS B 2 29  ? -8.110  8.775   12.246  1.00 25.74 ? 29  LYS P CG    1 
ATOM 335  C CD    . LYS B 2 29  ? -9.258  7.830   12.709  1.00 30.77 ? 29  LYS P CD    1 
ATOM 336  C CE    . LYS B 2 29  ? -10.660 8.467   12.774  1.00 40.96 ? 29  LYS P CE    1 
ATOM 337  N NZ    . LYS B 2 29  ? -11.835 7.593   13.197  1.00 45.70 ? 29  LYS P NZ    1 
ATOM 338  H H     . LYS B 2 29  ? -6.139  8.636   9.712   0.00 0.00  ? 29  LYS P H     1 
ATOM 339  H HZ1   . LYS B 2 29  ? -11.623 7.114   14.092  0.00 0.00  ? 29  LYS P HZ1   1 
ATOM 340  H HZ2   . LYS B 2 29  ? -11.987 6.861   12.471  0.00 0.00  ? 29  LYS P HZ2   1 
ATOM 341  H HZ3   . LYS B 2 29  ? -12.698 8.164   13.286  0.00 0.00  ? 29  LYS P HZ3   1 
ATOM 342  N N     . SER B 2 30  ? -3.394  8.477   11.008  1.00 15.71 ? 30  SER P N     1 
ATOM 343  C CA    . SER B 2 30  ? -2.051  8.000   10.939  1.00 14.43 ? 30  SER P CA    1 
ATOM 344  C C     . SER B 2 30  ? -1.206  9.260   10.946  1.00 13.55 ? 30  SER P C     1 
ATOM 345  O O     . SER B 2 30  ? 0.001   9.231   11.163  1.00 16.28 ? 30  SER P O     1 
ATOM 346  C CB    . SER B 2 30  ? -1.964  7.305   9.620   1.00 15.64 ? 30  SER P CB    1 
ATOM 347  O OG    . SER B 2 30  ? -3.197  6.648   9.471   1.00 7.95  ? 30  SER P OG    1 
ATOM 348  H H     . SER B 2 30  ? -3.743  8.855   10.181  0.00 0.00  ? 30  SER P H     1 
ATOM 349  H HG    . SER B 2 30  ? -2.883  5.782   9.169   0.00 0.00  ? 30  SER P HG    1 
ATOM 350  N N     . ARG B 2 31  ? -1.878  10.371  10.682  1.00 12.39 ? 31  ARG P N     1 
ATOM 351  C CA    . ARG B 2 31  ? -1.272  11.692  10.682  1.00 15.00 ? 31  ARG P CA    1 
ATOM 352  C C     . ARG B 2 31  ? -1.578  12.284  12.063  1.00 16.39 ? 31  ARG P C     1 
ATOM 353  O O     . ARG B 2 31  ? -1.174  13.433  12.361  1.00 17.57 ? 31  ARG P O     1 
ATOM 354  C CB    . ARG B 2 31  ? -1.882  12.571  9.582   1.00 10.31 ? 31  ARG P CB    1 
ATOM 355  C CG    . ARG B 2 31  ? -2.209  11.854  8.264   1.00 5.70  ? 31  ARG P CG    1 
ATOM 356  C CD    . ARG B 2 31  ? -3.384  12.530  7.568   1.00 2.00  ? 31  ARG P CD    1 
ATOM 357  N NE    . ARG B 2 31  ? -3.050  13.911  7.279   1.00 4.02  ? 31  ARG P NE    1 
ATOM 358  C CZ    . ARG B 2 31  ? -3.008  14.432  6.065   1.00 4.42  ? 31  ARG P CZ    1 
ATOM 359  N NH1   . ARG B 2 31  ? -3.308  13.701  5.007   1.00 8.38  ? 31  ARG P NH1   1 
ATOM 360  N NH2   . ARG B 2 31  ? -2.506  15.639  5.906   1.00 2.00  ? 31  ARG P NH2   1 
ATOM 361  H H     . ARG B 2 31  ? -2.830  10.337  10.470  0.00 0.00  ? 31  ARG P H     1 
ATOM 362  H HE    . ARG B 2 31  ? -2.837  14.507  8.027   0.00 0.00  ? 31  ARG P HE    1 
ATOM 363  H HH11  . ARG B 2 31  ? -3.575  12.744  5.115   0.00 0.00  ? 31  ARG P HH11  1 
ATOM 364  H HH12  . ARG B 2 31  ? -3.279  14.106  4.094   0.00 0.00  ? 31  ARG P HH12  1 
ATOM 365  H HH21  . ARG B 2 31  ? -2.163  16.149  6.694   0.00 0.00  ? 31  ARG P HH21  1 
ATOM 366  H HH22  . ARG B 2 31  ? -2.468  16.050  4.995   0.00 0.00  ? 31  ARG P HH22  1 
ATOM 367  N N     . SER B 2 32  ? -2.268  11.465  12.890  1.00 14.02 ? 32  SER P N     1 
ATOM 368  C CA    . SER B 2 32  ? -2.669  11.775  14.288  1.00 14.20 ? 32  SER P CA    1 
ATOM 369  C C     . SER B 2 32  ? -1.436  11.660  15.185  1.00 12.26 ? 32  SER P C     1 
ATOM 370  O O     . SER B 2 32  ? -1.540  11.425  16.379  1.00 15.00 ? 32  SER P O     1 
ATOM 371  C CB    . SER B 2 32  ? -3.786  10.806  14.806  1.00 12.60 ? 32  SER P CB    1 
ATOM 372  O OG    . SER B 2 32  ? -3.417  9.426   14.969  1.00 13.56 ? 32  SER P OG    1 
ATOM 373  H H     . SER B 2 32  ? -2.525  10.570  12.602  0.00 0.00  ? 32  SER P H     1 
ATOM 374  H HG    . SER B 2 32  ? -2.674  9.273   15.575  0.00 0.00  ? 32  SER P HG    1 
ATOM 375  N N     . ASN B 2 33  ? -0.271  11.896  14.611  1.00 8.48  ? 33  ASN P N     1 
ATOM 376  C CA    . ASN B 2 33  ? 0.929   11.733  15.340  1.00 6.82  ? 33  ASN P CA    1 
ATOM 377  C C     . ASN B 2 33  ? 2.024   12.612  14.815  1.00 12.57 ? 33  ASN P C     1 
ATOM 378  O O     . ASN B 2 33  ? 1.986   13.825  14.954  1.00 13.02 ? 33  ASN P O     1 
ATOM 379  C CB    . ASN B 2 33  ? 1.321   10.272  15.249  1.00 2.00  ? 33  ASN P CB    1 
ATOM 380  C CG    . ASN B 2 33  ? 0.436   9.410   16.078  1.00 9.16  ? 33  ASN P CG    1 
ATOM 381  O OD1   . ASN B 2 33  ? -0.516  8.797   15.573  1.00 13.56 ? 33  ASN P OD1   1 
ATOM 382  N ND2   . ASN B 2 33  ? 0.671   9.427   17.385  1.00 4.52  ? 33  ASN P ND2   1 
ATOM 383  H H     . ASN B 2 33  ? -0.174  12.261  13.721  0.00 0.00  ? 33  ASN P H     1 
ATOM 384  H HD21  . ASN B 2 33  ? 1.386   9.985   17.743  0.00 0.00  ? 33  ASN P HD21  1 
ATOM 385  H HD22  . ASN B 2 33  ? 0.086   8.866   17.938  0.00 0.00  ? 33  ASN P HD22  1 
ATOM 386  N N     . SER B 2 34  ? 3.031   11.972  14.253  1.00 14.10 ? 34  SER P N     1 
ATOM 387  C CA    . SER B 2 34  ? 4.198   12.620  13.704  1.00 11.63 ? 34  SER P CA    1 
ATOM 388  C C     . SER B 2 34  ? 4.775   11.508  12.874  1.00 12.89 ? 34  SER P C     1 
ATOM 389  O O     . SER B 2 34  ? 4.528   10.329  13.119  1.00 15.21 ? 34  SER P O     1 
ATOM 390  C CB    . SER B 2 34  ? 5.190   13.048  14.783  1.00 9.09  ? 34  SER P CB    1 
ATOM 391  O OG    . SER B 2 34  ? 6.488   13.236  14.238  1.00 10.53 ? 34  SER P OG    1 
ATOM 392  H H     . SER B 2 34  ? 3.075   11.003  14.144  0.00 0.00  ? 34  SER P H     1 
ATOM 393  H HG    . SER B 2 34  ? 6.895   13.934  14.784  0.00 0.00  ? 34  SER P HG    1 
ATOM 394  N N     . PHE B 2 35  ? 5.580   11.887  11.909  1.00 13.24 ? 35  PHE P N     1 
ATOM 395  C CA    . PHE B 2 35  ? 6.119   10.936  10.990  1.00 12.67 ? 35  PHE P CA    1 
ATOM 396  C C     . PHE B 2 35  ? 7.588   10.820  11.245  1.00 11.77 ? 35  PHE P C     1 
ATOM 397  O O     . PHE B 2 35  ? 8.141   9.739   11.136  1.00 9.17  ? 35  PHE P O     1 
ATOM 398  C CB    . PHE B 2 35  ? 5.733   11.398  9.563   1.00 16.72 ? 35  PHE P CB    1 
ATOM 399  C CG    . PHE B 2 35  ? 4.213   11.613  9.384   1.00 26.25 ? 35  PHE P CG    1 
ATOM 400  C CD1   . PHE B 2 35  ? 3.557   12.712  10.012  1.00 28.31 ? 35  PHE P CD1   1 
ATOM 401  C CD2   . PHE B 2 35  ? 3.440   10.701  8.651   1.00 20.40 ? 35  PHE P CD2   1 
ATOM 402  C CE1   . PHE B 2 35  ? 2.179   12.900  9.921   1.00 25.04 ? 35  PHE P CE1   1 
ATOM 403  C CE2   . PHE B 2 35  ? 2.062   10.869  8.548   1.00 25.94 ? 35  PHE P CE2   1 
ATOM 404  C CZ    . PHE B 2 35  ? 1.430   11.980  9.188   1.00 27.96 ? 35  PHE P CZ    1 
ATOM 405  H H     . PHE B 2 35  ? 5.809   12.826  11.870  0.00 0.00  ? 35  PHE P H     1 
ATOM 406  N N     . GLN B 2 36  ? 8.153   11.906  11.762  1.00 9.31  ? 36  GLN P N     1 
ATOM 407  C CA    . GLN B 2 36  ? 9.571   11.996  12.100  1.00 10.61 ? 36  GLN P CA    1 
ATOM 408  C C     . GLN B 2 36  ? 10.112  10.750  12.853  1.00 16.22 ? 36  GLN P C     1 
ATOM 409  O O     . GLN B 2 36  ? 11.049  10.073  12.366  1.00 15.25 ? 36  GLN P O     1 
ATOM 410  C CB    . GLN B 2 36  ? 9.817   13.186  13.025  1.00 2.00  ? 36  GLN P CB    1 
ATOM 411  C CG    . GLN B 2 36  ? 9.231   14.442  12.622  1.00 2.00  ? 36  GLN P CG    1 
ATOM 412  C CD    . GLN B 2 36  ? 9.946   15.573  13.267  1.00 2.00  ? 36  GLN P CD    1 
ATOM 413  O OE1   . GLN B 2 36  ? 9.357   16.347  14.025  1.00 7.39  ? 36  GLN P OE1   1 
ATOM 414  N NE2   . GLN B 2 36  ? 11.240  15.672  13.000  1.00 2.00  ? 36  GLN P NE2   1 
ATOM 415  H H     . GLN B 2 36  ? 7.589   12.671  11.962  0.00 0.00  ? 36  GLN P H     1 
ATOM 416  H HE21  . GLN B 2 36  ? 11.681  15.029  12.412  0.00 0.00  ? 36  GLN P HE21  1 
ATOM 417  H HE22  . GLN B 2 36  ? 11.681  16.431  13.431  0.00 0.00  ? 36  GLN P HE22  1 
ATOM 418  N N     . THR B 2 37  ? 9.575   10.592  14.089  1.00 17.92 ? 37  THR P N     1 
ATOM 419  C CA    . THR B 2 37  ? 9.818   9.559   15.140  1.00 9.75  ? 37  THR P CA    1 
ATOM 420  C C     . THR B 2 37  ? 9.959   8.108   14.657  1.00 11.76 ? 37  THR P C     1 
ATOM 421  O O     . THR B 2 37  ? 9.002   7.638   14.019  1.00 14.86 ? 37  THR P O     1 
ATOM 422  C CB    . THR B 2 37  ? 8.613   9.585   16.054  1.00 10.27 ? 37  THR P CB    1 
ATOM 423  O OG1   . THR B 2 37  ? 7.497   8.965   15.393  1.00 7.69  ? 37  THR P OG1   1 
ATOM 424  C CG2   . THR B 2 37  ? 8.234   11.012  16.303  1.00 9.05  ? 37  THR P CG2   1 
ATOM 425  H H     . THR B 2 37  ? 8.898   11.275  14.232  0.00 0.00  ? 37  THR P H     1 
ATOM 426  H HG1   . THR B 2 37  ? 7.583   9.094   14.436  0.00 0.00  ? 37  THR P HG1   1 
ATOM 427  N N     . GLN B 2 38  ? 10.997  7.338   15.075  1.00 7.71  ? 38  GLN P N     1 
ATOM 428  C CA    . GLN B 2 38  ? 11.126  5.951   14.539  1.00 5.20  ? 38  GLN P CA    1 
ATOM 429  C C     . GLN B 2 38  ? 9.884   5.133   14.699  1.00 2.00  ? 38  GLN P C     1 
ATOM 430  O O     . GLN B 2 38  ? 9.736   4.045   14.176  1.00 2.00  ? 38  GLN P O     1 
ATOM 431  C CB    . GLN B 2 38  ? 12.377  5.209   14.975  1.00 4.17  ? 38  GLN P CB    1 
ATOM 432  C CG    . GLN B 2 38  ? 12.923  4.260   13.845  1.00 7.92  ? 38  GLN P CG    1 
ATOM 433  C CD    . GLN B 2 38  ? 14.481  4.144   13.743  1.00 14.22 ? 38  GLN P CD    1 
ATOM 434  O OE1   . GLN B 2 38  ? 15.191  5.153   13.665  1.00 11.60 ? 38  GLN P OE1   1 
ATOM 435  N NE2   . GLN B 2 38  ? 14.993  2.903   13.697  1.00 13.01 ? 38  GLN P NE2   1 
ATOM 436  H H     . GLN B 2 38  ? 11.663  7.692   15.697  0.00 0.00  ? 38  GLN P H     1 
ATOM 437  H HE21  . GLN B 2 38  ? 14.387  2.137   13.736  0.00 0.00  ? 38  GLN P HE21  1 
ATOM 438  H HE22  . GLN B 2 38  ? 15.971  2.846   13.629  0.00 0.00  ? 38  GLN P HE22  1 
ATOM 439  N N     . ALA B 2 39  ? 8.963   5.777   15.385  1.00 2.00  ? 39  ALA P N     1 
ATOM 440  C CA    . ALA B 2 39  ? 7.622   5.336   15.626  1.00 3.44  ? 39  ALA P CA    1 
ATOM 441  C C     . ALA B 2 39  ? 6.840   5.595   14.315  1.00 5.07  ? 39  ALA P C     1 
ATOM 442  O O     . ALA B 2 39  ? 6.812   4.731   13.434  1.00 5.74  ? 39  ALA P O     1 
ATOM 443  C CB    . ALA B 2 39  ? 7.037   6.161   16.787  1.00 2.00  ? 39  ALA P CB    1 
ATOM 444  H H     . ALA B 2 39  ? 9.167   6.582   15.866  0.00 0.00  ? 39  ALA P H     1 
ATOM 445  N N     . GLY B 2 40  ? 6.334   6.825   14.158  1.00 2.59  ? 40  GLY P N     1 
ATOM 446  C CA    . GLY B 2 40  ? 5.545   7.220   12.997  1.00 2.00  ? 40  GLY P CA    1 
ATOM 447  C C     . GLY B 2 40  ? 5.822   6.630   11.622  1.00 4.13  ? 40  GLY P C     1 
ATOM 448  O O     . GLY B 2 40  ? 5.070   5.785   11.109  1.00 2.00  ? 40  GLY P O     1 
ATOM 449  H H     . GLY B 2 40  ? 6.499   7.488   14.849  0.00 0.00  ? 40  GLY P H     1 
ATOM 450  N N     . ARG B 2 41  ? 6.884   7.128   10.997  1.00 5.45  ? 41  ARG P N     1 
ATOM 451  C CA    . ARG B 2 41  ? 7.311   6.695   9.660   1.00 7.54  ? 41  ARG P CA    1 
ATOM 452  C C     . ARG B 2 41  ? 7.455   5.183   9.502   1.00 4.76  ? 41  ARG P C     1 
ATOM 453  O O     . ARG B 2 41  ? 6.637   4.518   8.829   1.00 5.87  ? 41  ARG P O     1 
ATOM 454  C CB    . ARG B 2 41  ? 8.618   7.376   9.329   1.00 2.00  ? 41  ARG P CB    1 
ATOM 455  C CG    . ARG B 2 41  ? 9.535   7.402   10.475  1.00 2.00  ? 41  ARG P CG    1 
ATOM 456  C CD    . ARG B 2 41  ? 10.510  8.480   10.293  1.00 2.00  ? 41  ARG P CD    1 
ATOM 457  N NE    . ARG B 2 41  ? 11.271  8.251   9.084   1.00 10.00 ? 41  ARG P NE    1 
ATOM 458  C CZ    . ARG B 2 41  ? 12.588  8.078   9.042   1.00 8.14  ? 41  ARG P CZ    1 
ATOM 459  N NH1   . ARG B 2 41  ? 13.310  8.125   10.175  1.00 2.00  ? 41  ARG P NH1   1 
ATOM 460  N NH2   . ARG B 2 41  ? 13.170  7.811   7.871   1.00 2.00  ? 41  ARG P NH2   1 
ATOM 461  H H     . ARG B 2 41  ? 7.388   7.824   11.466  0.00 0.00  ? 41  ARG P H     1 
ATOM 462  H HE    . ARG B 2 41  ? 10.789  8.230   8.231   0.00 0.00  ? 41  ARG P HE    1 
ATOM 463  H HH11  . ARG B 2 41  ? 12.868  8.285   11.058  0.00 0.00  ? 41  ARG P HH11  1 
ATOM 464  H HH12  . ARG B 2 41  ? 14.301  7.993   10.143  0.00 0.00  ? 41  ARG P HH12  1 
ATOM 465  H HH21  . ARG B 2 41  ? 12.625  7.746   7.036   0.00 0.00  ? 41  ARG P HH21  1 
ATOM 466  H HH22  . ARG B 2 41  ? 14.147  7.634   7.854   0.00 0.00  ? 41  ARG P HH22  1 
ATOM 467  N N     . ASP B 2 42  ? 8.480   4.653   10.163  1.00 4.49  ? 42  ASP P N     1 
ATOM 468  C CA    . ASP B 2 42  ? 8.796   3.232   10.141  1.00 7.38  ? 42  ASP P CA    1 
ATOM 469  C C     . ASP B 2 42  ? 7.615   2.302   10.353  1.00 6.48  ? 42  ASP P C     1 
ATOM 470  O O     . ASP B 2 42  ? 7.244   1.612   9.424   1.00 3.05  ? 42  ASP P O     1 
ATOM 471  C CB    . ASP B 2 42  ? 9.889   2.905   11.168  1.00 13.55 ? 42  ASP P CB    1 
ATOM 472  C CG    . ASP B 2 42  ? 11.290  3.331   10.706  1.00 13.38 ? 42  ASP P CG    1 
ATOM 473  O OD1   . ASP B 2 42  ? 11.708  4.476   11.008  1.00 6.33  ? 42  ASP P OD1   1 
ATOM 474  O OD2   . ASP B 2 42  ? 11.983  2.500   10.066  1.00 12.78 ? 42  ASP P OD2   1 
ATOM 475  H H     . ASP B 2 42  ? 9.034   5.193   10.748  0.00 0.00  ? 42  ASP P H     1 
ATOM 476  N N     . THR B 2 43  ? 6.994   2.332   11.545  1.00 15.63 ? 43  THR P N     1 
ATOM 477  C CA    . THR B 2 43  ? 5.849   1.434   11.903  1.00 25.00 ? 43  THR P CA    1 
ATOM 478  C C     . THR B 2 43  ? 4.639   1.366   10.943  1.00 29.80 ? 43  THR P C     1 
ATOM 479  O O     . THR B 2 43  ? 3.829   0.397   11.013  1.00 31.01 ? 43  THR P O     1 
ATOM 480  C CB    . THR B 2 43  ? 5.272   1.690   13.339  1.00 23.91 ? 43  THR P CB    1 
ATOM 481  O OG1   . THR B 2 43  ? 6.121   2.575   14.090  1.00 16.26 ? 43  THR P OG1   1 
ATOM 482  C CG2   . THR B 2 43  ? 5.105   0.338   14.062  1.00 21.85 ? 43  THR P CG2   1 
ATOM 483  H H     . THR B 2 43  ? 7.250   3.006   12.216  0.00 0.00  ? 43  THR P H     1 
ATOM 484  H HG1   . THR B 2 43  ? 7.021   2.249   14.129  0.00 0.00  ? 43  THR P HG1   1 
ATOM 485  N N     . LEU B 2 44  ? 4.530   2.414   10.098  1.00 33.19 ? 44  LEU P N     1 
ATOM 486  C CA    . LEU B 2 44  ? 3.493   2.627   9.060   1.00 24.37 ? 44  LEU P CA    1 
ATOM 487  C C     . LEU B 2 44  ? 3.324   1.422   8.128   1.00 17.42 ? 44  LEU P C     1 
ATOM 488  O O     . LEU B 2 44  ? 2.267   0.783   8.056   1.00 5.97  ? 44  LEU P O     1 
ATOM 489  C CB    . LEU B 2 44  ? 3.908   3.859   8.251   1.00 27.38 ? 44  LEU P CB    1 
ATOM 490  C CG    . LEU B 2 44  ? 3.036   5.064   8.578   1.00 31.28 ? 44  LEU P CG    1 
ATOM 491  C CD1   . LEU B 2 44  ? 1.841   5.108   7.562   1.00 32.32 ? 44  LEU P CD1   1 
ATOM 492  C CD2   . LEU B 2 44  ? 2.565   5.022   10.075  1.00 29.99 ? 44  LEU P CD2   1 
ATOM 493  H H     . LEU B 2 44  ? 5.201   3.127   10.182  0.00 0.00  ? 44  LEU P H     1 
ATOM 494  N N     . ARG B 2 45  ? 4.365   1.226   7.336   1.00 13.35 ? 45  ARG P N     1 
ATOM 495  C CA    . ARG B 2 45  ? 4.500   0.107   6.442   1.00 12.25 ? 45  ARG P CA    1 
ATOM 496  C C     . ARG B 2 45  ? 3.441   -1.008  6.616   1.00 7.98  ? 45  ARG P C     1 
ATOM 497  O O     . ARG B 2 45  ? 2.458   -1.054  5.899   1.00 2.00  ? 45  ARG P O     1 
ATOM 498  C CB    . ARG B 2 45  ? 5.903   -0.482  6.708   1.00 19.36 ? 45  ARG P CB    1 
ATOM 499  C CG    . ARG B 2 45  ? 6.211   -0.697  8.238   1.00 22.00 ? 45  ARG P CG    1 
ATOM 500  C CD    . ARG B 2 45  ? 7.498   -1.432  8.543   1.00 18.63 ? 45  ARG P CD    1 
ATOM 501  N NE    . ARG B 2 45  ? 8.545   -0.570  9.087   1.00 18.04 ? 45  ARG P NE    1 
ATOM 502  C CZ    . ARG B 2 45  ? 9.308   -0.885  10.127  1.00 11.40 ? 45  ARG P CZ    1 
ATOM 503  N NH1   . ARG B 2 45  ? 9.139   -2.047  10.746  1.00 7.13  ? 45  ARG P NH1   1 
ATOM 504  N NH2   . ARG B 2 45  ? 10.253  -0.045  10.532  1.00 3.37  ? 45  ARG P NH2   1 
ATOM 505  H H     . ARG B 2 45  ? 5.100   1.877   7.370   0.00 0.00  ? 45  ARG P H     1 
ATOM 506  H HE    . ARG B 2 45  ? 8.706   0.294   8.656   0.00 0.00  ? 45  ARG P HE    1 
ATOM 507  H HH11  . ARG B 2 45  ? 8.442   -2.690  10.426  0.00 0.00  ? 45  ARG P HH11  1 
ATOM 508  H HH12  . ARG B 2 45  ? 9.711   -2.279  11.531  0.00 0.00  ? 45  ARG P HH12  1 
ATOM 509  H HH21  . ARG B 2 45  ? 10.389  0.815   10.041  0.00 0.00  ? 45  ARG P HH21  1 
ATOM 510  H HH22  . ARG B 2 45  ? 10.825  -0.277  11.321  0.00 0.00  ? 45  ARG P HH22  1 
ATOM 511  N N     . GLU B 2 46  ? 3.646   -1.857  7.629   1.00 7.70  ? 46  GLU P N     1 
ATOM 512  C CA    . GLU B 2 46  ? 2.823   -3.017  7.941   1.00 5.09  ? 46  GLU P CA    1 
ATOM 513  C C     . GLU B 2 46  ? 1.377   -2.740  8.275   1.00 5.79  ? 46  GLU P C     1 
ATOM 514  O O     . GLU B 2 46  ? 0.505   -3.551  7.993   1.00 2.00  ? 46  GLU P O     1 
ATOM 515  C CB    . GLU B 2 46  ? 3.526   -3.866  8.992   1.00 4.50  ? 46  GLU P CB    1 
ATOM 516  C CG    . GLU B 2 46  ? 4.918   -4.275  8.528   1.00 2.58  ? 46  GLU P CG    1 
ATOM 517  C CD    . GLU B 2 46  ? 5.916   -4.433  9.653   1.00 8.22  ? 46  GLU P CD    1 
ATOM 518  O OE1   . GLU B 2 46  ? 5.711   -3.823  10.730  1.00 13.02 ? 46  GLU P OE1   1 
ATOM 519  O OE2   . GLU B 2 46  ? 6.925   -5.147  9.448   1.00 4.12  ? 46  GLU P OE2   1 
ATOM 520  H H     . GLU B 2 46  ? 4.312   -1.704  8.305   0.00 0.00  ? 46  GLU P H     1 
ATOM 521  N N     . GLN B 2 47  ? 1.093   -1.582  8.835   1.00 8.13  ? 47  GLN P N     1 
ATOM 522  C CA    . GLN B 2 47  ? -0.285  -1.270  9.095   1.00 6.21  ? 47  GLN P CA    1 
ATOM 523  C C     . GLN B 2 47  ? -1.012  -1.301  7.724   1.00 11.52 ? 47  GLN P C     1 
ATOM 524  O O     . GLN B 2 47  ? -2.234  -1.486  7.660   1.00 7.08  ? 47  GLN P O     1 
ATOM 525  C CB    . GLN B 2 47  ? -0.383  0.119   9.703   1.00 10.70 ? 47  GLN P CB    1 
ATOM 526  C CG    . GLN B 2 47  ? 0.221   0.304   11.072  1.00 2.85  ? 47  GLN P CG    1 
ATOM 527  C CD    . GLN B 2 47  ? -0.101  1.682   11.623  1.00 6.33  ? 47  GLN P CD    1 
ATOM 528  O OE1   . GLN B 2 47  ? 0.716   2.598   11.519  1.00 2.00  ? 47  GLN P OE1   1 
ATOM 529  N NE2   . GLN B 2 47  ? -1.319  1.852   12.167  1.00 2.00  ? 47  GLN P NE2   1 
ATOM 530  H H     . GLN B 2 47  ? 1.782   -0.914  9.048   0.00 0.00  ? 47  GLN P H     1 
ATOM 531  H HE21  . GLN B 2 47  ? -1.895  1.058   12.181  0.00 0.00  ? 47  GLN P HE21  1 
ATOM 532  H HE22  . GLN B 2 47  ? -1.553  2.734   12.511  0.00 0.00  ? 47  GLN P HE22  1 
ATOM 533  N N     . LEU B 2 48  ? -0.215  -1.094  6.647   1.00 16.87 ? 48  LEU P N     1 
ATOM 534  C CA    . LEU B 2 48  ? -0.622  -1.074  5.195   1.00 15.39 ? 48  LEU P CA    1 
ATOM 535  C C     . LEU B 2 48  ? -0.068  -2.269  4.358   1.00 11.45 ? 48  LEU P C     1 
ATOM 536  O O     . LEU B 2 48  ? -0.477  -2.448  3.190   1.00 2.00  ? 48  LEU P O     1 
ATOM 537  C CB    . LEU B 2 48  ? -0.151  0.213   4.475   1.00 19.39 ? 48  LEU P CB    1 
ATOM 538  C CG    . LEU B 2 48  ? -0.317  1.643   4.976   1.00 11.03 ? 48  LEU P CG    1 
ATOM 539  C CD1   . LEU B 2 48  ? 0.397   2.595   4.003   1.00 2.95  ? 48  LEU P CD1   1 
ATOM 540  C CD2   . LEU B 2 48  ? -1.774  1.952   5.120   1.00 6.37  ? 48  LEU P CD2   1 
ATOM 541  H H     . LEU B 2 48  ? 0.718   -0.876  6.828   0.00 0.00  ? 48  LEU P H     1 
ATOM 542  N N     . ILE B 2 49  ? 0.975   -2.945  4.877   1.00 13.76 ? 49  ILE P N     1 
ATOM 543  C CA    . ILE B 2 49  ? 1.531   -4.151  4.230   1.00 16.91 ? 49  ILE P CA    1 
ATOM 544  C C     . ILE B 2 49  ? 0.830   -5.391  4.882   1.00 18.82 ? 49  ILE P C     1 
ATOM 545  O O     . ILE B 2 49  ? 1.041   -6.549  4.465   1.00 14.97 ? 49  ILE P O     1 
ATOM 546  C CB    . ILE B 2 49  ? 3.119   -4.260  4.253   1.00 15.14 ? 49  ILE P CB    1 
ATOM 547  C CG1   . ILE B 2 49  ? 3.660   -4.637  5.638   1.00 23.72 ? 49  ILE P CG1   1 
ATOM 548  C CG2   . ILE B 2 49  ? 3.771   -2.973  3.801   1.00 13.52 ? 49  ILE P CG2   1 
ATOM 549  C CD1   . ILE B 2 49  ? 3.690   -6.160  6.014   1.00 33.00 ? 49  ILE P CD1   1 
ATOM 550  H H     . ILE B 2 49  ? 1.374   -2.595  5.691   0.00 0.00  ? 49  ILE P H     1 
ATOM 551  N N     . ASN B 2 50  ? 0.003   -5.108  5.905   1.00 22.24 ? 50  ASN P N     1 
ATOM 552  C CA    . ASN B 2 50  ? -0.820  -6.104  6.605   1.00 25.44 ? 50  ASN P CA    1 
ATOM 553  C C     . ASN B 2 50  ? -2.188  -5.973  5.879   1.00 27.10 ? 50  ASN P C     1 
ATOM 554  O O     . ASN B 2 50  ? -3.209  -6.490  6.337   1.00 27.12 ? 50  ASN P O     1 
ATOM 555  C CB    . ASN B 2 50  ? -0.949  -5.798  8.143   1.00 21.66 ? 50  ASN P CB    1 
ATOM 556  C CG    . ASN B 2 50  ? 0.122   -6.551  9.058   1.00 24.96 ? 50  ASN P CG    1 
ATOM 557  O OD1   . ASN B 2 50  ? 0.408   -7.741  8.870   1.00 24.08 ? 50  ASN P OD1   1 
ATOM 558  N ND2   . ASN B 2 50  ? 0.646   -5.855  10.072  1.00 19.41 ? 50  ASN P ND2   1 
ATOM 559  H H     . ASN B 2 50  ? -0.070  -4.185  6.223   0.00 0.00  ? 50  ASN P H     1 
ATOM 560  H HD21  . ASN B 2 50  ? 0.346   -4.930  10.179  0.00 0.00  ? 50  ASN P HD21  1 
ATOM 561  H HD22  . ASN B 2 50  ? 1.300   -6.318  10.632  0.00 0.00  ? 50  ASN P HD22  1 
ATOM 562  N N     . SER B 2 51  ? -2.157  -5.342  4.690   1.00 29.29 ? 51  SER P N     1 
ATOM 563  C CA    . SER B 2 51  ? -3.333  -5.057  3.822   1.00 30.06 ? 51  SER P CA    1 
ATOM 564  C C     . SER B 2 51  ? -3.126  -5.211  2.295   1.00 26.86 ? 51  SER P C     1 
ATOM 565  O O     . SER B 2 51  ? -3.764  -4.499  1.532   1.00 28.32 ? 51  SER P O     1 
ATOM 566  C CB    . SER B 2 51  ? -3.842  -3.609  4.066   1.00 29.44 ? 51  SER P CB    1 
ATOM 567  O OG    . SER B 2 51  ? -2.992  -2.623  3.489   1.00 23.64 ? 51  SER P OG    1 
ATOM 568  H H     . SER B 2 51  ? -1.330  -4.986  4.328   0.00 0.00  ? 51  SER P H     1 
ATOM 569  H HG    . SER B 2 51  ? -2.991  -2.685  2.524   0.00 0.00  ? 51  SER P HG    1 
ATOM 570  N N     . LEU B 2 52  ? -2.282  -6.141  1.857   1.00 23.92 ? 52  LEU P N     1 
ATOM 571  C CA    . LEU B 2 52  ? -2.003  -6.358  0.423   1.00 20.18 ? 52  LEU P CA    1 
ATOM 572  C C     . LEU B 2 52  ? -1.352  -7.756  0.229   1.00 21.61 ? 52  LEU P C     1 
ATOM 573  O O     . LEU B 2 52  ? -0.139  -7.879  -0.022  1.00 21.18 ? 52  LEU P O     1 
ATOM 574  C CB    . LEU B 2 52  ? -1.112  -5.215  -0.111  1.00 16.82 ? 52  LEU P CB    1 
ATOM 575  C CG    . LEU B 2 52  ? 0.290   -5.004  0.472   1.00 16.80 ? 52  LEU P CG    1 
ATOM 576  C CD1   . LEU B 2 52  ? 0.235   -5.195  1.966   1.00 22.13 ? 52  LEU P CD1   1 
ATOM 577  C CD2   . LEU B 2 52  ? 1.283   -5.978  -0.128  1.00 18.70 ? 52  LEU P CD2   1 
ATOM 578  H H     . LEU B 2 52  ? -1.805  -6.703  2.498   0.00 0.00  ? 52  LEU P H     1 
ATOM 579  N N     . GLN B 2 53  ? -2.198  -8.795  0.254   1.00 22.89 ? 53  GLN P N     1 
ATOM 580  C CA    . GLN B 2 53  ? -1.759  -10.201 0.216   1.00 15.21 ? 53  GLN P CA    1 
ATOM 581  C C     . GLN B 2 53  ? -2.568  -11.175 -0.657  1.00 10.49 ? 53  GLN P C     1 
ATOM 582  O O     . GLN B 2 53  ? -3.692  -10.894 -1.012  1.00 6.34  ? 53  GLN P O     1 
ATOM 583  C CB    . GLN B 2 53  ? -1.759  -10.710 1.660   1.00 14.88 ? 53  GLN P CB    1 
ATOM 584  C CG    . GLN B 2 53  ? -2.647  -9.875  2.651   1.00 25.74 ? 53  GLN P CG    1 
ATOM 585  C CD    . GLN B 2 53  ? -4.155  -9.700  2.245   1.00 32.41 ? 53  GLN P CD    1 
ATOM 586  O OE1   . GLN B 2 53  ? -4.609  -10.171 1.190   1.00 28.95 ? 53  GLN P OE1   1 
ATOM 587  N NE2   . GLN B 2 53  ? -4.915  -8.999  3.106   1.00 36.12 ? 53  GLN P NE2   1 
ATOM 588  H H     . GLN B 2 53  ? -3.169  -8.639  0.209   0.00 0.00  ? 53  GLN P H     1 
ATOM 589  H HE21  . GLN B 2 53  ? -4.519  -8.646  3.931   0.00 0.00  ? 53  GLN P HE21  1 
ATOM 590  H HE22  . GLN B 2 53  ? -5.854  -8.888  2.854   0.00 0.00  ? 53  GLN P HE22  1 
ATOM 591  N N     . ILE B 2 54  ? -1.994  -12.341 -0.945  1.00 2.00  ? 54  ILE P N     1 
ATOM 592  C CA    . ILE B 2 54  ? -2.651  -13.345 -1.769  1.00 2.00  ? 54  ILE P CA    1 
ATOM 593  C C     . ILE B 2 54  ? -4.107  -13.632 -1.453  1.00 8.97  ? 54  ILE P C     1 
ATOM 594  O O     . ILE B 2 54  ? -4.441  -14.601 -0.750  1.00 2.00  ? 54  ILE P O     1 
ATOM 595  C CB    . ILE B 2 54  ? -1.874  -14.693 -1.828  1.00 3.33  ? 54  ILE P CB    1 
ATOM 596  C CG1   . ILE B 2 54  ? -0.551  -14.505 -2.563  1.00 2.00  ? 54  ILE P CG1   1 
ATOM 597  C CG2   . ILE B 2 54  ? -2.684  -15.772 -2.562  1.00 2.00  ? 54  ILE P CG2   1 
ATOM 598  C CD1   . ILE B 2 54  ? -0.027  -15.762 -3.258  1.00 2.00  ? 54  ILE P CD1   1 
ATOM 599  H H     . ILE B 2 54  ? -1.119  -12.534 -0.564  0.00 0.00  ? 54  ILE P H     1 
ATOM 600  N N     . VAL B 2 55  ? -4.959  -12.725 -1.917  1.00 9.91  ? 55  VAL P N     1 
ATOM 601  C CA    . VAL B 2 55  ? -6.401  -12.893 -1.822  1.00 10.28 ? 55  VAL P CA    1 
ATOM 602  C C     . VAL B 2 55  ? -6.773  -13.150 -3.331  1.00 16.61 ? 55  VAL P C     1 
ATOM 603  O O     . VAL B 2 55  ? -5.899  -13.052 -4.209  1.00 13.68 ? 55  VAL P O     1 
ATOM 604  C CB    . VAL B 2 55  ? -7.154  -11.643 -1.205  1.00 8.01  ? 55  VAL P CB    1 
ATOM 605  C CG1   . VAL B 2 55  ? -7.880  -12.011 0.085   1.00 2.00  ? 55  VAL P CG1   1 
ATOM 606  C CG2   . VAL B 2 55  ? -6.237  -10.501 -0.958  1.00 2.00  ? 55  VAL P CG2   1 
ATOM 607  H H     . VAL B 2 55  ? -4.624  -11.923 -2.361  0.00 0.00  ? 55  VAL P H     1 
ATOM 608  N N     . ALA B 2 56  ? -8.008  -13.592 -3.611  1.00 19.58 ? 56  ALA P N     1 
ATOM 609  C CA    . ALA B 2 56  ? -8.496  -13.878 -4.976  1.00 19.23 ? 56  ALA P CA    1 
ATOM 610  C C     . ALA B 2 56  ? -7.614  -14.679 -5.949  1.00 23.25 ? 56  ALA P C     1 
ATOM 611  O O     . ALA B 2 56  ? -7.804  -14.593 -7.162  1.00 15.29 ? 56  ALA P O     1 
ATOM 612  C CB    . ALA B 2 56  ? -8.977  -12.606 -5.632  1.00 9.24  ? 56  ALA P CB    1 
ATOM 613  H H     . ALA B 2 56  ? -8.633  -13.729 -2.875  0.00 0.00  ? 56  ALA P H     1 
ATOM 614  N N     . ASN B 2 57  ? -6.692  -15.479 -5.401  1.00 32.33 ? 57  ASN P N     1 
ATOM 615  C CA    . ASN B 2 57  ? -5.754  -16.363 -6.141  1.00 34.89 ? 57  ASN P CA    1 
ATOM 616  C C     . ASN B 2 57  ? -6.464  -17.349 -7.144  1.00 38.42 ? 57  ASN P C     1 
ATOM 617  O O     . ASN B 2 57  ? -7.668  -17.179 -7.415  1.00 36.23 ? 57  ASN P O     1 
ATOM 618  C CB    . ASN B 2 57  ? -4.785  -17.107 -5.132  1.00 30.00 ? 57  ASN P CB    1 
ATOM 619  C CG    . ASN B 2 57  ? -5.532  -17.929 -3.964  1.00 22.03 ? 57  ASN P CG    1 
ATOM 620  O OD1   . ASN B 2 57  ? -5.855  -17.398 -2.875  1.00 11.66 ? 57  ASN P OD1   1 
ATOM 621  N ND2   . ASN B 2 57  ? -5.704  -19.242 -4.186  1.00 14.99 ? 57  ASN P ND2   1 
ATOM 622  H H     . ASN B 2 57  ? -6.632  -15.461 -4.427  0.00 0.00  ? 57  ASN P H     1 
ATOM 623  H HD21  . ASN B 2 57  ? -5.360  -19.653 -4.993  0.00 0.00  ? 57  ASN P HD21  1 
ATOM 624  H HD22  . ASN B 2 57  ? -6.203  -19.741 -3.500  0.00 0.00  ? 57  ASN P HD22  1 
ATOM 625  N N     . LEU B 2 58  ? -5.735  -18.335 -7.713  1.00 39.17 ? 58  LEU P N     1 
ATOM 626  C CA    . LEU B 2 58  ? -6.326  -19.330 -8.674  1.00 35.85 ? 58  LEU P CA    1 
ATOM 627  C C     . LEU B 2 58  ? -7.221  -20.370 -8.001  1.00 31.47 ? 58  LEU P C     1 
ATOM 628  O O     . LEU B 2 58  ? -8.397  -20.524 -8.336  1.00 21.87 ? 58  LEU P O     1 
ATOM 629  C CB    . LEU B 2 58  ? -5.250  -20.090 -9.500  1.00 37.24 ? 58  LEU P CB    1 
ATOM 630  C CG    . LEU B 2 58  ? -5.658  -20.751 -10.854 1.00 33.56 ? 58  LEU P CG    1 
ATOM 631  C CD1   . LEU B 2 58  ? -4.430  -21.235 -11.630 1.00 36.07 ? 58  LEU P CD1   1 
ATOM 632  C CD2   . LEU B 2 58  ? -6.649  -21.893 -10.700 1.00 33.81 ? 58  LEU P CD2   1 
ATOM 633  H H     . LEU B 2 58  ? -4.783  -18.382 -7.516  0.00 0.00  ? 58  LEU P H     1 
ATOM 634  N N     . ASN B 2 59  ? -6.624  -21.162 -7.125  1.00 30.88 ? 59  ASN P N     1 
ATOM 635  C CA    . ASN B 2 59  ? -7.404  -22.145 -6.426  1.00 36.50 ? 59  ASN P CA    1 
ATOM 636  C C     . ASN B 2 59  ? -8.206  -21.454 -5.291  1.00 44.72 ? 59  ASN P C     1 
ATOM 637  O O     . ASN B 2 59  ? -7.863  -21.577 -4.093  1.00 46.56 ? 59  ASN P O     1 
ATOM 638  C CB    . ASN B 2 59  ? -6.514  -23.298 -5.935  1.00 33.81 ? 59  ASN P CB    1 
ATOM 639  C CG    . ASN B 2 59  ? -7.027  -24.671 -6.393  1.00 27.46 ? 59  ASN P CG    1 
ATOM 640  O OD1   . ASN B 2 59  ? -7.930  -25.254 -5.760  1.00 25.12 ? 59  ASN P OD1   1 
ATOM 641  N ND2   . ASN B 2 59  ? -6.476  -25.180 -7.511  1.00 18.74 ? 59  ASN P ND2   1 
ATOM 642  H H     . ASN B 2 59  ? -5.672  -21.080 -6.951  0.00 0.00  ? 59  ASN P H     1 
ATOM 643  H HD21  . ASN B 2 59  ? -5.782  -24.683 -7.984  0.00 0.00  ? 59  ASN P HD21  1 
ATOM 644  H HD22  . ASN B 2 59  ? -6.816  -26.055 -7.788  0.00 0.00  ? 59  ASN P HD22  1 
ATOM 645  N N     . THR B 2 60  ? -9.189  -20.639 -5.734  1.00 51.36 ? 60  THR P N     1 
ATOM 646  C CA    . THR B 2 60  ? -10.189 -19.857 -4.946  1.00 53.04 ? 60  THR P CA    1 
ATOM 647  C C     . THR B 2 60  ? -11.065 -18.947 -5.883  1.00 55.24 ? 60  THR P C     1 
ATOM 648  O O     . THR B 2 60  ? -11.772 -19.510 -6.743  1.00 51.02 ? 60  THR P O     1 
ATOM 649  C CB    . THR B 2 60  ? -9.652  -19.125 -3.581  1.00 54.97 ? 60  THR P CB    1 
ATOM 650  O OG1   . THR B 2 60  ? -8.328  -18.575 -3.730  1.00 47.91 ? 60  THR P OG1   1 
ATOM 651  C CG2   . THR B 2 60  ? -9.717  -20.108 -2.357  1.00 54.01 ? 60  THR P CG2   1 
ATOM 652  H H     . THR B 2 60  ? -9.300  -20.532 -6.699  0.00 0.00  ? 60  THR P H     1 
ATOM 653  H HG1   . THR B 2 60  ? -7.968  -18.258 -2.889  0.00 0.00  ? 60  THR P HG1   1 
ATOM 654  N N     . ARG B 2 61  ? -11.046 -17.605 -5.705  1.00 54.90 ? 61  ARG P N     1 
ATOM 655  C CA    . ARG B 2 61  ? -11.808 -16.611 -6.533  1.00 52.16 ? 61  ARG P CA    1 
ATOM 656  C C     . ARG B 2 61  ? -11.875 -15.164 -5.942  1.00 48.65 ? 61  ARG P C     1 
ATOM 657  O O     . ARG B 2 61  ? -11.297 -14.917 -4.870  1.00 50.87 ? 61  ARG P O     1 
ATOM 658  C CB    . ARG B 2 61  ? -13.241 -17.103 -6.838  1.00 54.39 ? 61  ARG P CB    1 
ATOM 659  C CG    . ARG B 2 61  ? -13.877 -16.436 -8.074  1.00 51.80 ? 61  ARG P CG    1 
ATOM 660  C CD    . ARG B 2 61  ? -15.046 -17.232 -8.656  1.00 50.86 ? 61  ARG P CD    1 
ATOM 661  N NE    . ARG B 2 61  ? -16.374 -16.780 -8.230  1.00 51.85 ? 61  ARG P NE    1 
ATOM 662  C CZ    . ARG B 2 61  ? -17.345 -16.415 -9.065  1.00 52.87 ? 61  ARG P CZ    1 
ATOM 663  N NH1   . ARG B 2 61  ? -18.523 -16.024 -8.595  1.00 54.17 ? 61  ARG P NH1   1 
ATOM 664  N NH2   . ARG B 2 61  ? -17.122 -16.390 -10.373 1.00 53.90 ? 61  ARG P NH2   1 
ATOM 665  H H     . ARG B 2 61  ? -10.479 -17.213 -5.009  0.00 0.00  ? 61  ARG P H     1 
ATOM 666  H HE    . ARG B 2 61  ? -16.571 -16.742 -7.269  0.00 0.00  ? 61  ARG P HE    1 
ATOM 667  H HH11  . ARG B 2 61  ? -18.695 -15.993 -7.613  0.00 0.00  ? 61  ARG P HH11  1 
ATOM 668  H HH12  . ARG B 2 61  ? -19.239 -15.747 -9.240  0.00 0.00  ? 61  ARG P HH12  1 
ATOM 669  H HH21  . ARG B 2 61  ? -16.222 -16.645 -10.730 0.00 0.00  ? 61  ARG P HH21  1 
ATOM 670  H HH22  . ARG B 2 61  ? -17.846 -16.113 -11.003 0.00 0.00  ? 61  ARG P HH22  1 
ATOM 671  N N     . TYR B 2 62  ? -12.531 -14.225 -6.668  1.00 43.10 ? 62  TYR P N     1 
ATOM 672  C CA    . TYR B 2 62  ? -12.737 -12.795 -6.258  1.00 35.12 ? 62  TYR P CA    1 
ATOM 673  C C     . TYR B 2 62  ? -14.195 -12.506 -5.819  1.00 34.40 ? 62  TYR P C     1 
ATOM 674  O O     . TYR B 2 62  ? -15.116 -12.597 -6.633  1.00 32.80 ? 62  TYR P O     1 
ATOM 675  C CB    . TYR B 2 62  ? -12.385 -11.799 -7.384  1.00 28.22 ? 62  TYR P CB    1 
ATOM 676  C CG    . TYR B 2 62  ? -12.351 -10.342 -6.944  1.00 17.71 ? 62  TYR P CG    1 
ATOM 677  C CD1   . TYR B 2 62  ? -11.159 -9.637  -6.885  1.00 19.54 ? 62  TYR P CD1   1 
ATOM 678  C CD2   . TYR B 2 62  ? -13.490 -9.698  -6.547  1.00 13.02 ? 62  TYR P CD2   1 
ATOM 679  C CE1   . TYR B 2 62  ? -11.127 -8.333  -6.435  1.00 20.99 ? 62  TYR P CE1   1 
ATOM 680  C CE2   . TYR B 2 62  ? -13.474 -8.407  -6.097  1.00 20.22 ? 62  TYR P CE2   1 
ATOM 681  C CZ    . TYR B 2 62  ? -12.298 -7.716  -6.031  1.00 23.88 ? 62  TYR P CZ    1 
ATOM 682  O OH    . TYR B 2 62  ? -12.282 -6.440  -5.487  1.00 21.40 ? 62  TYR P OH    1 
ATOM 683  H H     . TYR B 2 62  ? -12.889 -14.439 -7.546  0.00 0.00  ? 62  TYR P H     1 
ATOM 684  H HH    . TYR B 2 62  ? -13.210 -6.255  -5.302  0.00 0.00  ? 62  TYR P HH    1 
ATOM 685  N N     . PRO B 2 63  ? -14.375 -11.981 -4.590  1.00 33.53 ? 63  PRO P N     1 
ATOM 686  C CA    . PRO B 2 63  ? -15.540 -11.575 -3.782  1.00 31.09 ? 63  PRO P CA    1 
ATOM 687  C C     . PRO B 2 63  ? -16.888 -11.091 -4.344  1.00 29.27 ? 63  PRO P C     1 
ATOM 688  O O     . PRO B 2 63  ? -16.971 -9.983  -4.849  1.00 29.62 ? 63  PRO P O     1 
ATOM 689  C CB    . PRO B 2 63  ? -14.943 -10.510 -2.897  1.00 33.60 ? 63  PRO P CB    1 
ATOM 690  C CG    . PRO B 2 63  ? -13.621 -11.020 -2.633  1.00 33.28 ? 63  PRO P CG    1 
ATOM 691  C CD    . PRO B 2 63  ? -13.143 -11.469 -3.957  1.00 30.74 ? 63  PRO P CD    1 
ATOM 692  N N     . LEU B 2 64  ? -17.954 -11.851 -4.066  1.00 25.25 ? 64  LEU P N     1 
ATOM 693  C CA    . LEU B 2 64  ? -19.337 -11.529 -4.476  1.00 22.65 ? 64  LEU P CA    1 
ATOM 694  C C     . LEU B 2 64  ? -19.565 -10.048 -4.097  1.00 30.33 ? 64  LEU P C     1 
ATOM 695  O O     . LEU B 2 64  ? -19.233 -9.130  -4.866  1.00 27.72 ? 64  LEU P O     1 
ATOM 696  C CB    . LEU B 2 64  ? -20.313 -12.455 -3.707  1.00 10.94 ? 64  LEU P CB    1 
ATOM 697  C CG    . LEU B 2 64  ? -21.794 -12.884 -3.917  1.00 4.85  ? 64  LEU P CG    1 
ATOM 698  C CD1   . LEU B 2 64  ? -22.812 -11.769 -3.746  1.00 2.00  ? 64  LEU P CD1   1 
ATOM 699  C CD2   . LEU B 2 64  ? -22.004 -13.646 -5.215  1.00 2.00  ? 64  LEU P CD2   1 
ATOM 700  H H     . LEU B 2 64  ? -17.789 -12.677 -3.579  0.00 0.00  ? 64  LEU P H     1 
ATOM 701  N N     . LEU B 2 65  ? -20.110 -9.823  -2.901  1.00 36.31 ? 65  LEU P N     1 
ATOM 702  C CA    . LEU B 2 65  ? -20.333 -8.470  -2.370  1.00 39.50 ? 65  LEU P CA    1 
ATOM 703  C C     . LEU B 2 65  ? -19.006 -8.033  -1.725  1.00 42.01 ? 65  LEU P C     1 
ATOM 704  O O     . LEU B 2 65  ? -19.015 -7.298  -0.730  1.00 45.97 ? 65  LEU P O     1 
ATOM 705  C CB    . LEU B 2 65  ? -21.441 -8.442  -1.271  1.00 37.88 ? 65  LEU P CB    1 
ATOM 706  C CG    . LEU B 2 65  ? -22.152 -9.583  -0.473  1.00 30.41 ? 65  LEU P CG    1 
ATOM 707  C CD1   . LEU B 2 65  ? -21.326 -10.846 -0.246  1.00 25.71 ? 65  LEU P CD1   1 
ATOM 708  C CD2   . LEU B 2 65  ? -22.659 -9.024  0.861   1.00 20.23 ? 65  LEU P CD2   1 
ATOM 709  H H     . LEU B 2 65  ? -20.349 -10.571 -2.335  0.00 0.00  ? 65  LEU P H     1 
ATOM 710  N N     . GLY B 2 66  ? -17.876 -8.461  -2.295  1.00 38.40 ? 66  GLY P N     1 
ATOM 711  C CA    . GLY B 2 66  ? -16.593 -8.146  -1.694  1.00 32.79 ? 66  GLY P CA    1 
ATOM 712  C C     . GLY B 2 66  ? -15.633 -7.337  -2.525  1.00 27.11 ? 66  GLY P C     1 
ATOM 713  O O     . GLY B 2 66  ? -14.509 -7.743  -2.811  1.00 24.58 ? 66  GLY P O     1 
ATOM 714  H H     . GLY B 2 66  ? -17.852 -8.899  -3.174  0.00 0.00  ? 66  GLY P H     1 
ATOM 715  N N     . PHE B 2 67  ? -16.090 -6.170  -2.916  1.00 23.90 ? 67  PHE P N     1 
ATOM 716  C CA    . PHE B 2 67  ? -15.257 -5.286  -3.690  1.00 27.94 ? 67  PHE P CA    1 
ATOM 717  C C     . PHE B 2 67  ? -14.022 -4.854  -2.863  1.00 31.59 ? 67  PHE P C     1 
ATOM 718  O O     . PHE B 2 67  ? -14.015 -5.051  -1.629  1.00 35.46 ? 67  PHE P O     1 
ATOM 719  C CB    . PHE B 2 67  ? -16.076 -4.072  -4.220  1.00 23.55 ? 67  PHE P CB    1 
ATOM 720  C CG    . PHE B 2 67  ? -17.176 -3.534  -3.293  1.00 23.11 ? 67  PHE P CG    1 
ATOM 721  C CD1   . PHE B 2 67  ? -17.310 -2.159  -3.093  1.00 20.82 ? 67  PHE P CD1   1 
ATOM 722  C CD2   . PHE B 2 67  ? -18.152 -4.366  -2.741  1.00 27.33 ? 67  PHE P CD2   1 
ATOM 723  C CE1   . PHE B 2 67  ? -18.391 -1.630  -2.375  1.00 24.77 ? 67  PHE P CE1   1 
ATOM 724  C CE2   . PHE B 2 67  ? -19.247 -3.839  -2.015  1.00 25.33 ? 67  PHE P CE2   1 
ATOM 725  C CZ    . PHE B 2 67  ? -19.363 -2.470  -1.837  1.00 26.22 ? 67  PHE P CZ    1 
ATOM 726  H H     . PHE B 2 67  ? -16.988 -6.045  -2.623  0.00 0.00  ? 67  PHE P H     1 
ATOM 727  N N     . TYR B 2 68  ? -12.937 -4.436  -3.529  1.00 27.89 ? 68  TYR P N     1 
ATOM 728  C CA    . TYR B 2 68  ? -11.775 -3.912  -2.818  1.00 23.02 ? 68  TYR P CA    1 
ATOM 729  C C     . TYR B 2 68  ? -10.778 -3.110  -3.621  1.00 23.07 ? 68  TYR P C     1 
ATOM 730  O O     . TYR B 2 68  ? -11.080 -2.750  -4.727  1.00 17.60 ? 68  TYR P O     1 
ATOM 731  C CB    . TYR B 2 68  ? -11.145 -4.873  -1.817  1.00 25.87 ? 68  TYR P CB    1 
ATOM 732  C CG    . TYR B 2 68  ? -10.782 -6.204  -2.347  1.00 26.25 ? 68  TYR P CG    1 
ATOM 733  C CD1   . TYR B 2 68  ? -11.542 -7.308  -2.023  1.00 22.81 ? 68  TYR P CD1   1 
ATOM 734  C CD2   . TYR B 2 68  ? -9.647  -6.372  -3.134  1.00 29.90 ? 68  TYR P CD2   1 
ATOM 735  C CE1   . TYR B 2 68  ? -11.192 -8.562  -2.466  1.00 26.93 ? 68  TYR P CE1   1 
ATOM 736  C CE2   . TYR B 2 68  ? -9.277  -7.613  -3.582  1.00 34.43 ? 68  TYR P CE2   1 
ATOM 737  C CZ    . TYR B 2 68  ? -10.056 -8.726  -3.256  1.00 33.19 ? 68  TYR P CZ    1 
ATOM 738  O OH    . TYR B 2 68  ? -9.754  -9.992  -3.768  1.00 27.27 ? 68  TYR P OH    1 
ATOM 739  H H     . TYR B 2 68  ? -12.875 -4.510  -4.505  0.00 0.00  ? 68  TYR P H     1 
ATOM 740  H HH    . TYR B 2 68  ? -9.093  -9.917  -4.451  0.00 0.00  ? 68  TYR P HH    1 
ATOM 741  N N     . VAL B 2 69  ? -9.696  -2.674  -2.981  1.00 24.43 ? 69  VAL P N     1 
ATOM 742  C CA    . VAL B 2 69  ? -8.645  -1.824  -3.563  1.00 24.48 ? 69  VAL P CA    1 
ATOM 743  C C     . VAL B 2 69  ? -7.576  -2.580  -4.347  1.00 27.20 ? 69  VAL P C     1 
ATOM 744  O O     . VAL B 2 69  ? -7.574  -3.799  -4.339  1.00 30.05 ? 69  VAL P O     1 
ATOM 745  C CB    . VAL B 2 69  ? -7.976  -1.000  -2.416  1.00 24.42 ? 69  VAL P CB    1 
ATOM 746  C CG1   . VAL B 2 69  ? -6.728  -0.254  -2.872  1.00 23.02 ? 69  VAL P CG1   1 
ATOM 747  C CG2   . VAL B 2 69  ? -8.975  -0.001  -1.857  1.00 26.01 ? 69  VAL P CG2   1 
ATOM 748  H H     . VAL B 2 69  ? -9.560  -3.004  -2.091  0.00 0.00  ? 69  VAL P H     1 
ATOM 749  N N     . TRP B 2 70  ? -6.735  -1.853  -5.092  1.00 26.21 ? 70  TRP P N     1 
ATOM 750  C CA    . TRP B 2 70  ? -5.618  -2.426  -5.864  1.00 25.20 ? 70  TRP P CA    1 
ATOM 751  C C     . TRP B 2 70  ? -4.291  -1.669  -5.830  1.00 29.85 ? 70  TRP P C     1 
ATOM 752  O O     . TRP B 2 70  ? -4.245  -0.444  -5.912  1.00 30.10 ? 70  TRP P O     1 
ATOM 753  C CB    . TRP B 2 70  ? -5.990  -2.648  -7.295  1.00 16.21 ? 70  TRP P CB    1 
ATOM 754  C CG    . TRP B 2 70  ? -6.621  -3.891  -7.468  1.00 9.06  ? 70  TRP P CG    1 
ATOM 755  C CD1   . TRP B 2 70  ? -6.041  -5.029  -7.898  1.00 12.66 ? 70  TRP P CD1   1 
ATOM 756  C CD2   . TRP B 2 70  ? -8.005  -4.181  -7.268  1.00 11.54 ? 70  TRP P CD2   1 
ATOM 757  N NE1   . TRP B 2 70  ? -6.977  -6.024  -7.993  1.00 18.31 ? 70  TRP P NE1   1 
ATOM 758  C CE2   . TRP B 2 70  ? -8.196  -5.525  -7.606  1.00 15.22 ? 70  TRP P CE2   1 
ATOM 759  C CE3   . TRP B 2 70  ? -9.109  -3.431  -6.844  1.00 7.29  ? 70  TRP P CE3   1 
ATOM 760  C CZ2   . TRP B 2 70  ? -9.447  -6.140  -7.532  1.00 13.47 ? 70  TRP P CZ2   1 
ATOM 761  C CZ3   . TRP B 2 70  ? -10.343 -4.047  -6.779  1.00 7.12  ? 70  TRP P CZ3   1 
ATOM 762  C CH2   . TRP B 2 70  ? -10.501 -5.375  -7.114  1.00 8.56  ? 70  TRP P CH2   1 
ATOM 763  H H     . TRP B 2 70  ? -6.839  -0.883  -5.168  0.00 0.00  ? 70  TRP P H     1 
ATOM 764  H HE1   . TRP B 2 70  ? -6.809  -6.935  -8.293  0.00 0.00  ? 70  TRP P HE1   1 
ATOM 765  N N     . VAL B 2 71  ? -3.212  -2.440  -5.847  1.00 34.15 ? 71  VAL P N     1 
ATOM 766  C CA    . VAL B 2 71  ? -1.858  -1.924  -5.759  1.00 39.12 ? 71  VAL P CA    1 
ATOM 767  C C     . VAL B 2 71  ? -1.211  -1.617  -7.103  1.00 38.84 ? 71  VAL P C     1 
ATOM 768  O O     . VAL B 2 71  ? -1.072  -0.437  -7.463  1.00 38.99 ? 71  VAL P O     1 
ATOM 769  C CB    . VAL B 2 71  ? -0.953  -2.911  -4.948  1.00 42.91 ? 71  VAL P CB    1 
ATOM 770  C CG1   . VAL B 2 71  ? 0.455   -2.309  -4.747  1.00 49.67 ? 71  VAL P CG1   1 
ATOM 771  C CG2   . VAL B 2 71  ? -1.622  -3.284  -3.588  1.00 44.95 ? 71  VAL P CG2   1 
ATOM 772  H H     . VAL B 2 71  ? -3.288  -3.356  -6.028  0.00 0.00  ? 71  VAL P H     1 
ATOM 773  N N     . ARG B 2 72  ? -0.726  -2.674  -7.775  1.00 38.07 ? 72  ARG P N     1 
ATOM 774  C CA    . ARG B 2 72  ? -0.085  -2.584  -9.091  1.00 34.44 ? 72  ARG P CA    1 
ATOM 775  C C     . ARG B 2 72  ? -1.157  -1.769  -9.795  1.00 33.04 ? 72  ARG P C     1 
ATOM 776  O O     . ARG B 2 72  ? -2.274  -2.250  -9.988  1.00 30.93 ? 72  ARG P O     1 
ATOM 777  C CB    . ARG B 2 72  ? 0.084   -4.007  -9.681  1.00 30.63 ? 72  ARG P CB    1 
ATOM 778  C CG    . ARG B 2 72  ? 0.829   -4.028  -11.057 1.00 26.42 ? 72  ARG P CG    1 
ATOM 779  C CD    . ARG B 2 72  ? 2.328   -3.562  -11.038 1.00 29.66 ? 72  ARG P CD    1 
ATOM 780  N NE    . ARG B 2 72  ? 3.212   -4.457  -10.254 1.00 38.07 ? 72  ARG P NE    1 
ATOM 781  C CZ    . ARG B 2 72  ? 4.512   -4.263  -9.983  1.00 33.26 ? 72  ARG P CZ    1 
ATOM 782  N NH1   . ARG B 2 72  ? 5.154   -3.199  -10.445 1.00 32.54 ? 72  ARG P NH1   1 
ATOM 783  N NH2   . ARG B 2 72  ? 5.151   -5.104  -9.169  1.00 29.90 ? 72  ARG P NH2   1 
ATOM 784  H H     . ARG B 2 72  ? -0.832  -3.560  -7.385  0.00 0.00  ? 72  ARG P H     1 
ATOM 785  H HE    . ARG B 2 72  ? 2.813   -5.281  -9.903  0.00 0.00  ? 72  ARG P HE    1 
ATOM 786  H HH11  . ARG B 2 72  ? 4.670   -2.530  -11.008 0.00 0.00  ? 72  ARG P HH11  1 
ATOM 787  H HH12  . ARG B 2 72  ? 6.123   -3.071  -10.235 0.00 0.00  ? 72  ARG P HH12  1 
ATOM 788  H HH21  . ARG B 2 72  ? 4.651   -5.872  -8.770  0.00 0.00  ? 72  ARG P HH21  1 
ATOM 789  H HH22  . ARG B 2 72  ? 6.120   -4.968  -8.961  0.00 0.00  ? 72  ARG P HH22  1 
ATOM 790  N N     . ASN B 2 73  ? -0.839  -0.498  -10.046 1.00 35.98 ? 73  ASN P N     1 
ATOM 791  C CA    . ASN B 2 73  ? -1.789  0.481   -10.622 1.00 41.76 ? 73  ASN P CA    1 
ATOM 792  C C     . ASN B 2 73  ? -1.179  1.815   -11.177 1.00 39.07 ? 73  ASN P C     1 
ATOM 793  O O     . ASN B 2 73  ? -0.474  2.512   -10.437 1.00 41.01 ? 73  ASN P O     1 
ATOM 794  C CB    . ASN B 2 73  ? -2.843  0.837   -9.547  1.00 47.39 ? 73  ASN P CB    1 
ATOM 795  C CG    . ASN B 2 73  ? -4.222  0.274   -9.859  1.00 52.10 ? 73  ASN P CG    1 
ATOM 796  O OD1   . ASN B 2 73  ? -4.417  -0.934  -10.007 1.00 52.92 ? 73  ASN P OD1   1 
ATOM 797  N ND2   . ASN B 2 73  ? -5.189  1.162   -9.971  1.00 55.96 ? 73  ASN P ND2   1 
ATOM 798  H H     . ASN B 2 73  ? 0.094   -0.406  -9.995  0.00 0.00  ? 73  ASN P H     1 
ATOM 799  H HD21  . ASN B 2 73  ? -5.027  2.112   -9.828  0.00 0.00  ? 73  ASN P HD21  1 
ATOM 800  H HD22  . ASN B 2 73  ? -6.051  0.783   -10.222 0.00 0.00  ? 73  ASN P HD22  1 
ATOM 801  N N     . PRO B 2 74  ? -1.488  2.203   -12.462 1.00 37.45 ? 74  PRO P N     1 
ATOM 802  C CA    . PRO B 2 74  ? -1.025  3.426   -13.173 1.00 36.03 ? 74  PRO P CA    1 
ATOM 803  C C     . PRO B 2 74  ? -1.458  4.763   -12.491 1.00 34.84 ? 74  PRO P C     1 
ATOM 804  O O     . PRO B 2 74  ? -1.084  5.852   -12.897 1.00 21.51 ? 74  PRO P O     1 
ATOM 805  C CB    . PRO B 2 74  ? -1.682  3.290   -14.564 1.00 33.47 ? 74  PRO P CB    1 
ATOM 806  C CG    . PRO B 2 74  ? -1.907  1.836   -14.729 1.00 28.58 ? 74  PRO P CG    1 
ATOM 807  C CD    . PRO B 2 74  ? -2.317  1.375   -13.368 1.00 36.75 ? 74  PRO P CD    1 
ATOM 808  N N     . THR B 2 75  ? -2.351  4.655   -11.518 1.00 37.21 ? 75  THR P N     1 
ATOM 809  C CA    . THR B 2 75  ? -2.831  5.805   -10.760 1.00 36.42 ? 75  THR P CA    1 
ATOM 810  C C     . THR B 2 75  ? -2.041  5.629   -9.465  1.00 35.76 ? 75  THR P C     1 
ATOM 811  O O     . THR B 2 75  ? -1.019  6.283   -9.239  1.00 35.14 ? 75  THR P O     1 
ATOM 812  C CB    . THR B 2 75  ? -4.363  5.628   -10.349 1.00 41.50 ? 75  THR P CB    1 
ATOM 813  O OG1   . THR B 2 75  ? -5.047  4.764   -11.281 1.00 35.73 ? 75  THR P OG1   1 
ATOM 814  C CG2   . THR B 2 75  ? -5.083  6.996   -10.194 1.00 40.13 ? 75  THR P CG2   1 
ATOM 815  H H     . THR B 2 75  ? -2.707  3.782   -11.298 0.00 0.00  ? 75  THR P H     1 
ATOM 816  H HG1   . THR B 2 75  ? -5.106  5.246   -12.121 0.00 0.00  ? 75  THR P HG1   1 
ATOM 817  N N     . LEU B 2 76  ? -2.460  4.573   -8.752  1.00 32.00 ? 76  LEU P N     1 
ATOM 818  C CA    . LEU B 2 76  ? -1.988  4.152   -7.455  1.00 25.87 ? 76  LEU P CA    1 
ATOM 819  C C     . LEU B 2 76  ? -0.606  3.619   -7.366  1.00 22.01 ? 76  LEU P C     1 
ATOM 820  O O     . LEU B 2 76  ? 0.198   4.248   -6.717  1.00 20.70 ? 76  LEU P O     1 
ATOM 821  C CB    . LEU B 2 76  ? -2.971  3.146   -6.880  1.00 31.02 ? 76  LEU P CB    1 
ATOM 822  C CG    . LEU B 2 76  ? -4.330  3.809   -6.642  1.00 41.08 ? 76  LEU P CG    1 
ATOM 823  C CD1   . LEU B 2 76  ? -5.428  2.798   -6.223  1.00 41.85 ? 76  LEU P CD1   1 
ATOM 824  C CD2   . LEU B 2 76  ? -4.153  4.942   -5.626  1.00 44.22 ? 76  LEU P CD2   1 
ATOM 825  H H     . LEU B 2 76  ? -3.135  3.990   -9.138  0.00 0.00  ? 76  LEU P H     1 
ATOM 826  N N     . ALA B 2 77  ? -0.328  2.479   -8.001  1.00 19.85 ? 77  ALA P N     1 
ATOM 827  C CA    . ALA B 2 77  ? 0.991   1.868   -7.929  1.00 15.69 ? 77  ALA P CA    1 
ATOM 828  C C     . ALA B 2 77  ? 2.105   2.849   -7.686  1.00 19.32 ? 77  ALA P C     1 
ATOM 829  O O     . ALA B 2 77  ? 2.584   2.892   -6.558  1.00 27.11 ? 77  ALA P O     1 
ATOM 830  C CB    . ALA B 2 77  ? 1.302   0.982   -9.096  1.00 10.15 ? 77  ALA P CB    1 
ATOM 831  H H     . ALA B 2 77  ? -1.022  2.015   -8.487  0.00 0.00  ? 77  ALA P H     1 
ATOM 832  N N     . PRO B 2 78  ? 2.492   3.705   -8.671  1.00 22.19 ? 78  PRO P N     1 
ATOM 833  C CA    . PRO B 2 78  ? 3.595   4.625   -8.332  1.00 22.22 ? 78  PRO P CA    1 
ATOM 834  C C     . PRO B 2 78  ? 3.501   5.670   -7.202  1.00 20.47 ? 78  PRO P C     1 
ATOM 835  O O     . PRO B 2 78  ? 4.445   6.438   -7.008  1.00 13.51 ? 78  PRO P O     1 
ATOM 836  C CB    . PRO B 2 78  ? 3.989   5.197   -9.686  1.00 23.07 ? 78  PRO P CB    1 
ATOM 837  C CG    . PRO B 2 78  ? 3.812   4.012   -10.551 1.00 21.91 ? 78  PRO P CG    1 
ATOM 838  C CD    . PRO B 2 78  ? 2.424   3.566   -10.132 1.00 20.46 ? 78  PRO P CD    1 
ATOM 839  N N     . VAL B 2 79  ? 2.413   5.617   -6.421  1.00 23.64 ? 79  VAL P N     1 
ATOM 840  C CA    . VAL B 2 79  ? 2.168   6.475   -5.236  1.00 26.76 ? 79  VAL P CA    1 
ATOM 841  C C     . VAL B 2 79  ? 2.247   5.589   -3.980  1.00 25.53 ? 79  VAL P C     1 
ATOM 842  O O     . VAL B 2 79  ? 2.726   6.016   -2.916  1.00 18.59 ? 79  VAL P O     1 
ATOM 843  C CB    . VAL B 2 79  ? 0.750   7.094   -5.198  1.00 31.32 ? 79  VAL P CB    1 
ATOM 844  C CG1   . VAL B 2 79  ? 0.629   7.981   -3.939  1.00 31.65 ? 79  VAL P CG1   1 
ATOM 845  C CG2   . VAL B 2 79  ? 0.460   7.893   -6.461  1.00 29.91 ? 79  VAL P CG2   1 
ATOM 846  H H     . VAL B 2 79  ? 1.775   4.952   -6.668  0.00 0.00  ? 79  VAL P H     1 
ATOM 847  N N     . PHE B 2 80  ? 1.657   4.399   -4.120  1.00 25.23 ? 80  PHE P N     1 
ATOM 848  C CA    . PHE B 2 80  ? 1.630   3.336   -3.109  1.00 24.58 ? 80  PHE P CA    1 
ATOM 849  C C     . PHE B 2 80  ? 3.091   3.066   -2.846  1.00 20.40 ? 80  PHE P C     1 
ATOM 850  O O     . PHE B 2 80  ? 3.692   3.554   -1.889  1.00 13.23 ? 80  PHE P O     1 
ATOM 851  C CB    . PHE B 2 80  ? 1.080   2.043   -3.739  1.00 25.11 ? 80  PHE P CB    1 
ATOM 852  C CG    . PHE B 2 80  ? -0.405  1.979   -3.838  1.00 31.60 ? 80  PHE P CG    1 
ATOM 853  C CD1   . PHE B 2 80  ? -1.018  0.784   -4.193  1.00 34.12 ? 80  PHE P CD1   1 
ATOM 854  C CD2   . PHE B 2 80  ? -1.204  3.060   -3.470  1.00 38.41 ? 80  PHE P CD2   1 
ATOM 855  C CE1   . PHE B 2 80  ? -2.413  0.645   -4.168  1.00 37.98 ? 80  PHE P CE1   1 
ATOM 856  C CE2   . PHE B 2 80  ? -2.612  2.943   -3.439  1.00 42.04 ? 80  PHE P CE2   1 
ATOM 857  C CZ    . PHE B 2 80  ? -3.217  1.720   -3.787  1.00 42.32 ? 80  PHE P CZ    1 
ATOM 858  H H     . PHE B 2 80  ? 1.206   4.225   -4.974  0.00 0.00  ? 80  PHE P H     1 
ATOM 859  N N     . GLU B 2 81  ? 3.648   2.402   -3.858  1.00 21.08 ? 81  GLU P N     1 
ATOM 860  C CA    . GLU B 2 81  ? 5.031   1.982   -3.979  1.00 19.35 ? 81  GLU P CA    1 
ATOM 861  C C     . GLU B 2 81  ? 6.005   3.186   -3.712  1.00 16.02 ? 81  GLU P C     1 
ATOM 862  O O     . GLU B 2 81  ? 7.162   3.015   -3.345  1.00 13.78 ? 81  GLU P O     1 
ATOM 863  C CB    . GLU B 2 81  ? 5.209   1.360   -5.411  1.00 20.36 ? 81  GLU P CB    1 
ATOM 864  C CG    . GLU B 2 81  ? 4.074   0.314   -5.883  1.00 19.87 ? 81  GLU P CG    1 
ATOM 865  C CD    . GLU B 2 81  ? 4.284   -0.354  -7.302  1.00 17.00 ? 81  GLU P CD    1 
ATOM 866  O OE1   . GLU B 2 81  ? 5.420   -0.353  -7.833  1.00 20.50 ? 81  GLU P OE1   1 
ATOM 867  O OE2   . GLU B 2 81  ? 3.312   -0.917  -7.878  1.00 8.23  ? 81  GLU P OE2   1 
ATOM 868  H H     . GLU B 2 81  ? 3.116   2.230   -4.660  0.00 0.00  ? 81  GLU P H     1 
ATOM 869  N N     . ALA B 2 82  ? 5.496   4.404   -3.799  1.00 11.76 ? 82  ALA P N     1 
ATOM 870  C CA    . ALA B 2 82  ? 6.326   5.567   -3.590  1.00 11.16 ? 82  ALA P CA    1 
ATOM 871  C C     . ALA B 2 82  ? 6.456   5.968   -2.147  1.00 11.20 ? 82  ALA P C     1 
ATOM 872  O O     . ALA B 2 82  ? 7.560   6.153   -1.663  1.00 13.50 ? 82  ALA P O     1 
ATOM 873  C CB    . ALA B 2 82  ? 5.818   6.727   -4.403  1.00 15.20 ? 82  ALA P CB    1 
ATOM 874  H H     . ALA B 2 82  ? 4.554   4.543   -3.994  0.00 0.00  ? 82  ALA P H     1 
ATOM 875  N N     . LEU B 2 83  ? 5.335   6.104   -1.449  1.00 14.80 ? 83  LEU P N     1 
ATOM 876  C CA    . LEU B 2 83  ? 5.346   6.531   -0.036  1.00 14.12 ? 83  LEU P CA    1 
ATOM 877  C C     . LEU B 2 83  ? 6.327   5.749   0.830   1.00 5.87  ? 83  LEU P C     1 
ATOM 878  O O     . LEU B 2 83  ? 7.211   6.321   1.471   1.00 2.00  ? 83  LEU P O     1 
ATOM 879  C CB    . LEU B 2 83  ? 3.945   6.397   0.546   1.00 10.91 ? 83  LEU P CB    1 
ATOM 880  C CG    . LEU B 2 83  ? 3.618   7.345   1.681   1.00 5.37  ? 83  LEU P CG    1 
ATOM 881  C CD1   . LEU B 2 83  ? 2.176   7.224   1.970   1.00 11.22 ? 83  LEU P CD1   1 
ATOM 882  C CD2   . LEU B 2 83  ? 4.399   7.045   2.900   1.00 8.56  ? 83  LEU P CD2   1 
ATOM 883  H H     . LEU B 2 83  ? 4.477   5.905   -1.880  0.00 0.00  ? 83  LEU P H     1 
ATOM 884  N N     . LEU B 2 84  ? 6.114   4.437   0.840   1.00 2.00  ? 84  LEU P N     1 
ATOM 885  C CA    . LEU B 2 84  ? 6.891   3.455   1.564   1.00 2.00  ? 84  LEU P CA    1 
ATOM 886  C C     . LEU B 2 84  ? 8.327   3.898   1.717   1.00 5.48  ? 84  LEU P C     1 
ATOM 887  O O     . LEU B 2 84  ? 8.809   4.052   2.823   1.00 5.73  ? 84  LEU P O     1 
ATOM 888  C CB    . LEU B 2 84  ? 6.807   2.102   0.827   1.00 2.00  ? 84  LEU P CB    1 
ATOM 889  C CG    . LEU B 2 84  ? 5.695   1.037   1.056   1.00 6.36  ? 84  LEU P CG    1 
ATOM 890  C CD1   . LEU B 2 84  ? 4.393   1.573   1.617   1.00 13.19 ? 84  LEU P CD1   1 
ATOM 891  C CD2   . LEU B 2 84  ? 5.411   0.267   -0.214  1.00 5.02  ? 84  LEU P CD2   1 
ATOM 892  H H     . LEU B 2 84  ? 5.361   4.122   0.294   0.00 0.00  ? 84  LEU P H     1 
ATOM 893  N N     . ARG B 2 85  ? 8.941   4.273   0.604   1.00 12.53 ? 85  ARG P N     1 
ATOM 894  C CA    . ARG B 2 85  ? 10.350  4.684   0.554   1.00 19.63 ? 85  ARG P CA    1 
ATOM 895  C C     . ARG B 2 85  ? 10.861  5.992   1.166   1.00 22.89 ? 85  ARG P C     1 
ATOM 896  O O     . ARG B 2 85  ? 12.070  6.200   1.239   1.00 26.75 ? 85  ARG P O     1 
ATOM 897  C CB    . ARG B 2 85  ? 10.865  4.584   -0.882  1.00 18.91 ? 85  ARG P CB    1 
ATOM 898  C CG    . ARG B 2 85  ? 11.465  3.262   -1.227  1.00 15.36 ? 85  ARG P CG    1 
ATOM 899  C CD    . ARG B 2 85  ? 10.542  2.158   -0.947  1.00 17.43 ? 85  ARG P CD    1 
ATOM 900  N NE    . ARG B 2 85  ? 11.171  0.861   -1.098  1.00 17.80 ? 85  ARG P NE    1 
ATOM 901  C CZ    . ARG B 2 85  ? 11.215  0.184   -2.239  1.00 18.52 ? 85  ARG P CZ    1 
ATOM 902  N NH1   . ARG B 2 85  ? 10.699  0.686   -3.351  1.00 9.93  ? 85  ARG P NH1   1 
ATOM 903  N NH2   . ARG B 2 85  ? 11.730  -1.038  -2.270  1.00 24.33 ? 85  ARG P NH2   1 
ATOM 904  H H     . ARG B 2 85  ? 8.428   4.313   -0.229  0.00 0.00  ? 85  ARG P H     1 
ATOM 905  H HE    . ARG B 2 85  ? 11.591  0.462   -0.314  0.00 0.00  ? 85  ARG P HE    1 
ATOM 906  H HH11  . ARG B 2 85  ? 10.263  1.586   -3.349  0.00 0.00  ? 85  ARG P HH11  1 
ATOM 907  H HH12  . ARG B 2 85  ? 10.739  0.159   -4.201  0.00 0.00  ? 85  ARG P HH12  1 
ATOM 908  H HH21  . ARG B 2 85  ? 12.085  -1.468  -1.445  0.00 0.00  ? 85  ARG P HH21  1 
ATOM 909  H HH22  . ARG B 2 85  ? 11.756  -1.537  -3.134  0.00 0.00  ? 85  ARG P HH22  1 
ATOM 910  N N     . ALA B 2 86  ? 9.987   6.876   1.615   1.00 24.59 ? 86  ALA P N     1 
ATOM 911  C CA    . ALA B 2 86  ? 10.483  8.122   2.203   1.00 27.25 ? 86  ALA P CA    1 
ATOM 912  C C     . ALA B 2 86  ? 10.149  8.290   3.683   1.00 24.34 ? 86  ALA P C     1 
ATOM 913  O O     . ALA B 2 86  ? 10.405  9.330   4.291   1.00 23.38 ? 86  ALA P O     1 
ATOM 914  C CB    . ALA B 2 86  ? 10.000  9.290   1.409   1.00 32.92 ? 86  ALA P CB    1 
ATOM 915  H H     . ALA B 2 86  ? 9.030   6.687   1.572   0.00 0.00  ? 86  ALA P H     1 
ATOM 916  N N     . THR B 2 87  ? 9.582   7.237   4.247   1.00 26.11 ? 87  THR P N     1 
ATOM 917  C CA    . THR B 2 87  ? 9.232   7.186   5.649   1.00 27.90 ? 87  THR P CA    1 
ATOM 918  C C     . THR B 2 87  ? 10.267  6.274   6.363   1.00 26.25 ? 87  THR P C     1 
ATOM 919  O O     . THR B 2 87  ? 10.018  5.793   7.468   1.00 26.15 ? 87  THR P O     1 
ATOM 920  C CB    . THR B 2 87  ? 7.786   6.629   5.803   1.00 29.47 ? 87  THR P CB    1 
ATOM 921  O OG1   . THR B 2 87  ? 7.775   5.194   5.651   1.00 30.34 ? 87  THR P OG1   1 
ATOM 922  C CG2   . THR B 2 87  ? 6.916   7.237   4.745   1.00 22.41 ? 87  THR P CG2   1 
ATOM 923  H H     . THR B 2 87  ? 9.368   6.433   3.720   0.00 0.00  ? 87  THR P H     1 
ATOM 924  H HG1   . THR B 2 87  ? 8.071   4.759   6.462   0.00 0.00  ? 87  THR P HG1   1 
ATOM 925  N N     . ASP B 2 88  ? 11.445  6.107   5.757   1.00 22.38 ? 88  ASP P N     1 
ATOM 926  C CA    . ASP B 2 88  ? 12.479  5.238   6.298   1.00 22.45 ? 88  ASP P CA    1 
ATOM 927  C C     . ASP B 2 88  ? 13.905  5.502   5.855   1.00 18.36 ? 88  ASP P C     1 
ATOM 928  O O     . ASP B 2 88  ? 14.607  4.588   5.447   1.00 18.52 ? 88  ASP P O     1 
ATOM 929  C CB    . ASP B 2 88  ? 12.132  3.766   6.006   1.00 27.11 ? 88  ASP P CB    1 
ATOM 930  C CG    . ASP B 2 88  ? 11.952  3.460   4.516   1.00 26.93 ? 88  ASP P CG    1 
ATOM 931  O OD1   . ASP B 2 88  ? 10.818  3.110   4.135   1.00 24.26 ? 88  ASP P OD1   1 
ATOM 932  O OD2   . ASP B 2 88  ? 12.939  3.501   3.748   1.00 19.83 ? 88  ASP P OD2   1 
ATOM 933  H H     . ASP B 2 88  ? 11.606  6.578   4.915   0.00 0.00  ? 88  ASP P H     1 
ATOM 934  N N     . THR B 2 89  ? 14.331  6.748   5.883   1.00 15.89 ? 89  THR P N     1 
ATOM 935  C CA    . THR B 2 89  ? 15.698  7.067   5.482   1.00 18.84 ? 89  THR P CA    1 
ATOM 936  C C     . THR B 2 89  ? 16.267  8.171   6.390   1.00 22.90 ? 89  THR P C     1 
ATOM 937  O O     . THR B 2 89  ? 17.479  8.470   6.354   1.00 23.60 ? 89  THR P O     1 
ATOM 938  C CB    . THR B 2 89  ? 15.820  7.435   3.917   1.00 13.49 ? 89  THR P CB    1 
ATOM 939  O OG1   . THR B 2 89  ? 14.748  8.296   3.476   1.00 2.00  ? 89  THR P OG1   1 
ATOM 940  C CG2   . THR B 2 89  ? 15.825  6.170   3.068   1.00 6.18  ? 89  THR P CG2   1 
ATOM 941  H H     . THR B 2 89  ? 13.711  7.471   6.057   0.00 0.00  ? 89  THR P H     1 
ATOM 942  H HG1   . THR B 2 89  ? 14.815  8.421   2.522   0.00 0.00  ? 89  THR P HG1   1 
ATOM 943  N N     . LYS B 2 90  ? 15.365  8.739   7.210   1.00 25.01 ? 90  LYS P N     1 
ATOM 944  C CA    . LYS B 2 90  ? 15.607  9.834   8.174   1.00 28.40 ? 90  LYS P CA    1 
ATOM 945  C C     . LYS B 2 90  ? 16.542  9.533   9.377   1.00 33.33 ? 90  LYS P C     1 
ATOM 946  O O     . LYS B 2 90  ? 16.246  9.836   10.549  1.00 32.33 ? 90  LYS P O     1 
ATOM 947  C CB    . LYS B 2 90  ? 14.245  10.438  8.585   1.00 23.01 ? 90  LYS P CB    1 
ATOM 948  C CG    . LYS B 2 90  ? 14.171  11.492  9.717   1.00 19.16 ? 90  LYS P CG    1 
ATOM 949  C CD    . LYS B 2 90  ? 12.709  11.831  10.057  1.00 7.20  ? 90  LYS P CD    1 
ATOM 950  C CE    . LYS B 2 90  ? 12.601  12.785  11.192  1.00 3.34  ? 90  LYS P CE    1 
ATOM 951  N NZ    . LYS B 2 90  ? 13.474  13.945  11.032  1.00 2.00  ? 90  LYS P NZ    1 
ATOM 952  H H     . LYS B 2 90  ? 14.489  8.488   6.990   0.00 0.00  ? 90  LYS P H     1 
ATOM 953  H HZ1   . LYS B 2 90  ? 14.434  13.579  11.117  0.00 0.00  ? 90  LYS P HZ1   1 
ATOM 954  H HZ2   . LYS B 2 90  ? 13.304  14.614  11.808  0.00 0.00  ? 90  LYS P HZ2   1 
ATOM 955  H HZ3   . LYS B 2 90  ? 13.324  14.419  10.116  0.00 0.00  ? 90  LYS P HZ3   1 
ATOM 956  N N     . ASN B 2 91  ? 17.701  8.965   9.032   1.00 37.35 ? 91  ASN P N     1 
ATOM 957  C CA    . ASN B 2 91  ? 18.755  8.632   9.961   1.00 37.22 ? 91  ASN P CA    1 
ATOM 958  C C     . ASN B 2 91  ? 18.722  7.334   10.723  1.00 41.91 ? 91  ASN P C     1 
ATOM 959  O O     . ASN B 2 91  ? 18.007  6.383   10.388  1.00 42.04 ? 91  ASN P O     1 
ATOM 960  C CB    . ASN B 2 91  ? 18.970  9.778   10.934  1.00 34.95 ? 91  ASN P CB    1 
ATOM 961  C CG    . ASN B 2 91  ? 20.212  10.523  10.639  1.00 36.89 ? 91  ASN P CG    1 
ATOM 962  O OD1   . ASN B 2 91  ? 20.315  11.714  10.916  1.00 38.49 ? 91  ASN P OD1   1 
ATOM 963  N ND2   . ASN B 2 91  ? 21.182  9.830   10.045  1.00 35.86 ? 91  ASN P ND2   1 
ATOM 964  H H     . ASN B 2 91  ? 17.856  8.732   8.104   0.00 0.00  ? 91  ASN P H     1 
ATOM 965  H HD21  . ASN B 2 91  ? 21.131  8.899   9.765   0.00 0.00  ? 91  ASN P HD21  1 
ATOM 966  H HD22  . ASN B 2 91  ? 21.996  10.372  9.910   0.00 0.00  ? 91  ASN P HD22  1 
ATOM 967  N N     . ARG B 2 92  ? 19.640  7.303   11.680  1.00 45.50 ? 92  ARG P N     1 
ATOM 968  C CA    . ARG B 2 92  ? 19.896  6.215   12.623  1.00 48.37 ? 92  ARG P CA    1 
ATOM 969  C C     . ARG B 2 92  ? 20.931  6.877   13.609  1.00 44.96 ? 92  ARG P C     1 
ATOM 970  O O     . ARG B 2 92  ? 21.181  6.360   14.734  1.00 41.03 ? 92  ARG P O     1 
ATOM 971  C CB    . ARG B 2 92  ? 20.446  4.951   11.871  1.00 47.26 ? 92  ARG P CB    1 
ATOM 972  C CG    . ARG B 2 92  ? 20.396  3.570   12.633  1.00 44.72 ? 92  ARG P CG    1 
ATOM 973  C CD    . ARG B 2 92  ? 19.637  2.408   11.884  1.00 44.07 ? 92  ARG P CD    1 
ATOM 974  N NE    . ARG B 2 92  ? 20.472  1.226   11.540  1.00 43.34 ? 92  ARG P NE    1 
ATOM 975  C CZ    . ARG B 2 92  ? 20.059  -0.054  11.529  1.00 36.52 ? 92  ARG P CZ    1 
ATOM 976  N NH1   . ARG B 2 92  ? 18.804  -0.368  11.854  1.00 33.47 ? 92  ARG P NH1   1 
ATOM 977  N NH2   . ARG B 2 92  ? 20.901  -1.024  11.168  1.00 28.76 ? 92  ARG P NH2   1 
ATOM 978  H H     . ARG B 2 92  ? 20.191  8.077   11.754  0.00 0.00  ? 92  ARG P H     1 
ATOM 979  H HE    . ARG B 2 92  ? 21.407  1.386   11.294  0.00 0.00  ? 92  ARG P HE    1 
ATOM 980  H HH11  . ARG B 2 92  ? 18.154  0.350   12.101  0.00 0.00  ? 92  ARG P HH11  1 
ATOM 981  H HH12  . ARG B 2 92  ? 18.503  -1.322  11.841  0.00 0.00  ? 92  ARG P HH12  1 
ATOM 982  H HH21  . ARG B 2 92  ? 21.836  -0.795  10.905  0.00 0.00  ? 92  ARG P HH21  1 
ATOM 983  H HH22  . ARG B 2 92  ? 20.594  -1.976  11.161  0.00 0.00  ? 92  ARG P HH22  1 
ATOM 984  N N     . ILE B 2 93  ? 21.429  8.071   13.206  1.00 41.23 ? 93  ILE P N     1 
ATOM 985  C CA    . ILE B 2 93  ? 22.412  8.878   13.960  1.00 32.82 ? 93  ILE P CA    1 
ATOM 986  C C     . ILE B 2 93  ? 21.834  9.801   15.055  1.00 33.18 ? 93  ILE P C     1 
ATOM 987  O O     . ILE B 2 93  ? 21.164  10.808  14.773  1.00 24.88 ? 93  ILE P O     1 
ATOM 988  C CB    . ILE B 2 93  ? 23.387  9.682   13.013  1.00 27.07 ? 93  ILE P CB    1 
ATOM 989  C CG1   . ILE B 2 93  ? 24.551  8.801   12.562  1.00 14.00 ? 93  ILE P CG1   1 
ATOM 990  C CG2   . ILE B 2 93  ? 23.968  10.900  13.717  1.00 26.20 ? 93  ILE P CG2   1 
ATOM 991  C CD1   . ILE B 2 93  ? 24.135  7.701   11.668  1.00 12.17 ? 93  ILE P CD1   1 
ATOM 992  H H     . ILE B 2 93  ? 21.202  8.511   12.379  0.00 0.00  ? 93  ILE P H     1 
ATOM 993  N N     . ILE B 2 94  ? 22.111  9.380   16.302  1.00 34.94 ? 94  ILE P N     1 
ATOM 994  C CA    . ILE B 2 94  ? 21.729  10.024  17.581  1.00 36.48 ? 94  ILE P CA    1 
ATOM 995  C C     . ILE B 2 94  ? 23.025  10.035  18.417  1.00 39.09 ? 94  ILE P C     1 
ATOM 996  O O     . ILE B 2 94  ? 23.093  9.447   19.505  1.00 34.84 ? 94  ILE P O     1 
ATOM 997  C CB    . ILE B 2 94  ? 20.548  9.216   18.349  1.00 32.35 ? 94  ILE P CB    1 
ATOM 998  C CG1   . ILE B 2 94  ? 19.924  10.040  19.486  1.00 15.74 ? 94  ILE P CG1   1 
ATOM 999  C CG2   . ILE B 2 94  ? 21.027  7.835   18.856  1.00 32.42 ? 94  ILE P CG2   1 
ATOM 1000 C CD1   . ILE B 2 94  ? 18.491  9.634   19.799  1.00 2.00  ? 94  ILE P CD1   1 
ATOM 1001 H H     . ILE B 2 94  ? 22.599  8.533   16.376  0.00 0.00  ? 94  ILE P H     1 
ATOM 1002 N N     . GLU B 2 95  ? 24.079  10.624  17.847  1.00 40.28 ? 95  GLU P N     1 
ATOM 1003 C CA    . GLU B 2 95  ? 25.348  10.691  18.547  1.00 43.99 ? 95  GLU P CA    1 
ATOM 1004 C C     . GLU B 2 95  ? 25.087  11.434  19.845  1.00 46.26 ? 95  GLU P C     1 
ATOM 1005 O O     . GLU B 2 95  ? 25.106  12.670  19.928  1.00 42.06 ? 95  GLU P O     1 
ATOM 1006 C CB    . GLU B 2 95  ? 26.474  11.308  17.690  1.00 44.16 ? 95  GLU P CB    1 
ATOM 1007 C CG    . GLU B 2 95  ? 27.497  10.232  17.199  1.00 45.49 ? 95  GLU P CG    1 
ATOM 1008 C CD    . GLU B 2 95  ? 28.644  10.756  16.311  1.00 46.79 ? 95  GLU P CD    1 
ATOM 1009 O OE1   . GLU B 2 95  ? 29.631  11.291  16.866  1.00 37.26 ? 95  GLU P OE1   1 
ATOM 1010 O OE2   . GLU B 2 95  ? 28.579  10.576  15.062  1.00 46.99 ? 95  GLU P OE2   1 
ATOM 1011 H H     . GLU B 2 95  ? 23.981  11.066  16.978  0.00 0.00  ? 95  GLU P H     1 
ATOM 1012 N N     . VAL B 2 96  ? 24.657  10.617  20.797  1.00 49.03 ? 96  VAL P N     1 
ATOM 1013 C CA    . VAL B 2 96  ? 24.315  10.997  22.154  1.00 54.70 ? 96  VAL P CA    1 
ATOM 1014 C C     . VAL B 2 96  ? 25.306  10.156  23.049  1.00 54.67 ? 96  VAL P C     1 
ATOM 1015 O O     . VAL B 2 96  ? 26.278  9.582   22.516  1.00 57.47 ? 96  VAL P O     1 
ATOM 1016 C CB    . VAL B 2 96  ? 22.720  10.789  22.398  1.00 52.88 ? 96  VAL P CB    1 
ATOM 1017 C CG1   . VAL B 2 96  ? 22.296  9.325   22.292  1.00 54.52 ? 96  VAL P CG1   1 
ATOM 1018 C CG2   . VAL B 2 96  ? 22.241  11.421  23.716  1.00 51.02 ? 96  VAL P CG2   1 
ATOM 1019 H H     . VAL B 2 96  ? 24.597  9.663   20.594  0.00 0.00  ? 96  VAL P H     1 
ATOM 1020 N N     . GLU B 2 97  ? 25.101  10.102  24.367  1.00 52.80 ? 97  GLU P N     1 
ATOM 1021 C CA    . GLU B 2 97  ? 25.991  9.384   25.269  1.00 47.81 ? 97  GLU P CA    1 
ATOM 1022 C C     . GLU B 2 97  ? 25.547  9.879   26.649  1.00 47.61 ? 97  GLU P C     1 
ATOM 1023 O O     . GLU B 2 97  ? 24.385  9.716   27.009  1.00 45.66 ? 97  GLU P O     1 
ATOM 1024 C CB    . GLU B 2 97  ? 27.436  9.786   24.943  1.00 45.31 ? 97  GLU P CB    1 
ATOM 1025 C CG    . GLU B 2 97  ? 28.531  9.272   25.838  1.00 41.57 ? 97  GLU P CG    1 
ATOM 1026 C CD    . GLU B 2 97  ? 29.398  10.412  26.381  1.00 38.15 ? 97  GLU P CD    1 
ATOM 1027 O OE1   . GLU B 2 97  ? 29.415  11.529  25.801  1.00 38.53 ? 97  GLU P OE1   1 
ATOM 1028 O OE2   . GLU B 2 97  ? 30.047  10.196  27.417  1.00 34.73 ? 97  GLU P OE2   1 
ATOM 1029 H H     . GLU B 2 97  ? 24.320  10.531  24.778  0.00 0.00  ? 97  GLU P H     1 
ATOM 1030 N N     . GLU B 2 98  ? 26.444  10.544  27.374  1.00 45.69 ? 98  GLU P N     1 
ATOM 1031 C CA    . GLU B 2 98  ? 26.191  11.100  28.713  1.00 40.45 ? 98  GLU P CA    1 
ATOM 1032 C C     . GLU B 2 98  ? 26.017  12.621  28.478  1.00 40.53 ? 98  GLU P C     1 
ATOM 1033 O O     . GLU B 2 98  ? 25.330  13.342  29.218  1.00 40.84 ? 98  GLU P O     1 
ATOM 1034 C CB    . GLU B 2 98  ? 27.409  10.811  29.629  1.00 37.34 ? 98  GLU P CB    1 
ATOM 1035 C CG    . GLU B 2 98  ? 27.996  9.367   29.526  1.00 30.67 ? 98  GLU P CG    1 
ATOM 1036 C CD    . GLU B 2 98  ? 27.646  8.441   30.710  1.00 28.34 ? 98  GLU P CD    1 
ATOM 1037 O OE1   . GLU B 2 98  ? 26.488  7.982   30.795  1.00 25.94 ? 98  GLU P OE1   1 
ATOM 1038 O OE2   . GLU B 2 98  ? 28.524  8.161   31.557  1.00 20.74 ? 98  GLU P OE2   1 
ATOM 1039 H H     . GLU B 2 98  ? 27.309  10.777  27.041  0.00 0.00  ? 98  GLU P H     1 
ATOM 1040 N N     . GLU B 2 99  ? 26.697  13.061  27.420  1.00 35.02 ? 99  GLU P N     1 
ATOM 1041 C CA    . GLU B 2 99  ? 26.736  14.415  26.888  1.00 27.39 ? 99  GLU P CA    1 
ATOM 1042 C C     . GLU B 2 99  ? 26.534  13.994  25.459  1.00 25.67 ? 99  GLU P C     1 
ATOM 1043 O O     . GLU B 2 99  ? 27.256  13.110  25.005  1.00 25.02 ? 99  GLU P O     1 
ATOM 1044 C CB    . GLU B 2 99  ? 28.157  14.995  26.994  1.00 23.54 ? 99  GLU P CB    1 
ATOM 1045 C CG    . GLU B 2 99  ? 28.500  15.678  28.325  1.00 17.40 ? 99  GLU P CG    1 
ATOM 1046 C CD    . GLU B 2 99  ? 28.138  14.838  29.551  1.00 14.53 ? 99  GLU P CD    1 
ATOM 1047 O OE1   . GLU B 2 99  ? 27.152  15.185  30.236  1.00 12.43 ? 99  GLU P OE1   1 
ATOM 1048 O OE2   . GLU B 2 99  ? 28.827  13.822  29.808  1.00 15.88 ? 99  GLU P OE2   1 
ATOM 1049 H H     . GLU B 2 99  ? 27.232  12.425  26.909  0.00 0.00  ? 99  GLU P H     1 
ATOM 1050 N N     . SER B 2 100 ? 25.524  14.517  24.776  1.00 26.77 ? 100 SER P N     1 
ATOM 1051 C CA    . SER B 2 100 ? 25.322  14.113  23.385  1.00 28.77 ? 100 SER P CA    1 
ATOM 1052 C C     . SER B 2 100 ? 26.490  14.591  22.560  1.00 30.15 ? 100 SER P C     1 
ATOM 1053 O O     . SER B 2 100 ? 26.945  15.723  22.743  1.00 30.26 ? 100 SER P O     1 
ATOM 1054 C CB    . SER B 2 100 ? 24.042  14.695  22.792  1.00 28.21 ? 100 SER P CB    1 
ATOM 1055 O OG    . SER B 2 100 ? 23.826  14.166  21.491  1.00 20.37 ? 100 SER P OG    1 
ATOM 1056 H H     . SER B 2 100 ? 24.945  15.197  25.170  0.00 0.00  ? 100 SER P H     1 
ATOM 1057 H HG    . SER B 2 100 ? 24.526  14.312  20.831  0.00 0.00  ? 100 SER P HG    1 
ATOM 1058 N N     . ARG B 2 101 ? 27.002  13.740  21.672  1.00 33.11 ? 101 ARG P N     1 
ATOM 1059 C CA    . ARG B 2 101 ? 28.111  14.172  20.836  1.00 36.52 ? 101 ARG P CA    1 
ATOM 1060 C C     . ARG B 2 101 ? 27.432  15.298  20.126  1.00 41.86 ? 101 ARG P C     1 
ATOM 1061 O O     . ARG B 2 101 ? 26.435  15.098  19.415  1.00 43.62 ? 101 ARG P O     1 
ATOM 1062 C CB    . ARG B 2 101 ? 28.534  13.133  19.815  1.00 31.32 ? 101 ARG P CB    1 
ATOM 1063 C CG    . ARG B 2 101 ? 30.022  13.191  19.515  1.00 21.77 ? 101 ARG P CG    1 
ATOM 1064 C CD    . ARG B 2 101 ? 30.819  12.705  20.707  1.00 12.35 ? 101 ARG P CD    1 
ATOM 1065 N NE    . ARG B 2 101 ? 30.120  11.627  21.395  1.00 8.18  ? 101 ARG P NE    1 
ATOM 1066 C CZ    . ARG B 2 101 ? 29.739  10.484  20.840  1.00 13.09 ? 101 ARG P CZ    1 
ATOM 1067 N NH1   . ARG B 2 101 ? 29.987  10.241  19.562  1.00 17.44 ? 101 ARG P NH1   1 
ATOM 1068 N NH2   . ARG B 2 101 ? 29.101  9.583   21.565  1.00 9.48  ? 101 ARG P NH2   1 
ATOM 1069 H H     . ARG B 2 101 ? 26.602  12.859  21.545  0.00 0.00  ? 101 ARG P H     1 
ATOM 1070 H HE    . ARG B 2 101 ? 29.904  11.755  22.342  0.00 0.00  ? 101 ARG P HE    1 
ATOM 1071 H HH11  . ARG B 2 101 ? 30.472  10.908  18.999  0.00 0.00  ? 101 ARG P HH11  1 
ATOM 1072 H HH12  . ARG B 2 101 ? 29.689  9.379   19.157  0.00 0.00  ? 101 ARG P HH12  1 
ATOM 1073 H HH21  . ARG B 2 101 ? 28.909  9.766   22.529  0.00 0.00  ? 101 ARG P HH21  1 
ATOM 1074 H HH22  . ARG B 2 101 ? 28.812  8.720   21.145  0.00 0.00  ? 101 ARG P HH22  1 
ATOM 1075 N N     . PRO B 2 102 ? 27.914  16.511  20.368  1.00 42.33 ? 102 PRO P N     1 
ATOM 1076 C CA    . PRO B 2 102 ? 27.290  17.661  19.727  1.00 43.00 ? 102 PRO P CA    1 
ATOM 1077 C C     . PRO B 2 102 ? 27.360  17.756  18.151  1.00 48.48 ? 102 PRO P C     1 
ATOM 1078 O O     . PRO B 2 102 ? 26.440  18.311  17.512  1.00 49.31 ? 102 PRO P O     1 
ATOM 1079 C CB    . PRO B 2 102 ? 27.960  18.836  20.467  1.00 43.92 ? 102 PRO P CB    1 
ATOM 1080 C CG    . PRO B 2 102 ? 28.548  18.197  21.765  1.00 31.46 ? 102 PRO P CG    1 
ATOM 1081 C CD    . PRO B 2 102 ? 29.038  16.914  21.236  1.00 35.59 ? 102 PRO P CD    1 
ATOM 1082 N N     . THR B 2 103 ? 28.366  17.116  17.537  1.00 50.44 ? 103 THR P N     1 
ATOM 1083 C CA    . THR B 2 103 ? 28.627  17.149  16.073  1.00 52.36 ? 103 THR P CA    1 
ATOM 1084 C C     . THR B 2 103 ? 27.690  16.560  15.011  1.00 52.33 ? 103 THR P C     1 
ATOM 1085 O O     . THR B 2 103 ? 28.146  16.207  13.924  1.00 48.31 ? 103 THR P O     1 
ATOM 1086 C CB    . THR B 2 103 ? 30.038  16.592  15.782  1.00 56.06 ? 103 THR P CB    1 
ATOM 1087 O OG1   . THR B 2 103 ? 30.398  15.622  16.784  1.00 56.31 ? 103 THR P OG1   1 
ATOM 1088 C CG2   . THR B 2 103 ? 31.061  17.723  15.762  1.00 58.53 ? 103 THR P CG2   1 
ATOM 1089 H H     . THR B 2 103 ? 28.982  16.558  18.052  0.00 0.00  ? 103 THR P H     1 
ATOM 1090 H HG1   . THR B 2 103 ? 31.181  15.175  16.436  0.00 0.00  ? 103 THR P HG1   1 
ATOM 1091 N N     . THR B 2 104 ? 26.388  16.522  15.273  1.00 53.29 ? 104 THR P N     1 
ATOM 1092 C CA    . THR B 2 104 ? 25.442  15.954  14.310  1.00 52.02 ? 104 THR P CA    1 
ATOM 1093 C C     . THR B 2 104 ? 25.409  16.836  13.079  1.00 51.40 ? 104 THR P C     1 
ATOM 1094 O O     . THR B 2 104 ? 25.616  16.378  11.955  1.00 50.54 ? 104 THR P O     1 
ATOM 1095 C CB    . THR B 2 104 ? 23.993  15.836  14.881  1.00 51.48 ? 104 THR P CB    1 
ATOM 1096 O OG1   . THR B 2 104 ? 23.986  14.998  16.049  1.00 55.53 ? 104 THR P OG1   1 
ATOM 1097 C CG2   . THR B 2 104 ? 23.045  15.232  13.825  1.00 54.51 ? 104 THR P CG2   1 
ATOM 1098 H H     . THR B 2 104 ? 26.056  16.887  16.121  0.00 0.00  ? 104 THR P H     1 
ATOM 1099 H HG1   . THR B 2 104 ? 24.461  15.376  16.800  0.00 0.00  ? 104 THR P HG1   1 
ATOM 1100 N N     . ALA B 2 105 ? 25.192  18.121  13.308  1.00 49.41 ? 105 ALA P N     1 
ATOM 1101 C CA    . ALA B 2 105 ? 25.129  19.073  12.225  1.00 40.95 ? 105 ALA P CA    1 
ATOM 1102 C C     . ALA B 2 105 ? 26.191  20.136  12.402  1.00 34.80 ? 105 ALA P C     1 
ATOM 1103 O O     . ALA B 2 105 ? 25.972  21.308  12.157  1.00 29.49 ? 105 ALA P O     1 
ATOM 1104 C CB    . ALA B 2 105 ? 23.759  19.663  12.123  1.00 42.10 ? 105 ALA P CB    1 
ATOM 1105 H H     . ALA B 2 105 ? 25.127  18.425  14.227  0.00 0.00  ? 105 ALA P H     1 
ATOM 1106 N N     . GLU B 2 106 ? 27.364  19.681  12.808  1.00 30.11 ? 106 GLU P N     1 
ATOM 1107 C CA    . GLU B 2 106 ? 28.468  20.573  13.029  1.00 30.17 ? 106 GLU P CA    1 
ATOM 1108 C C     . GLU B 2 106 ? 29.610  20.114  12.158  1.00 30.29 ? 106 GLU P C     1 
ATOM 1109 O O     . GLU B 2 106 ? 30.591  20.837  12.054  1.00 33.50 ? 106 GLU P O     1 
ATOM 1110 C CB    . GLU B 2 106 ? 28.846  20.613  14.509  1.00 33.19 ? 106 GLU P CB    1 
ATOM 1111 C CG    . GLU B 2 106 ? 27.663  20.249  15.442  1.00 39.72 ? 106 GLU P CG    1 
ATOM 1112 C CD    . GLU B 2 106 ? 27.424  21.215  16.610  1.00 42.59 ? 106 GLU P CD    1 
ATOM 1113 O OE1   . GLU B 2 106 ? 28.402  21.826  17.098  1.00 43.77 ? 106 GLU P OE1   1 
ATOM 1114 O OE2   . GLU B 2 106 ? 26.249  21.345  17.050  1.00 39.83 ? 106 GLU P OE2   1 
ATOM 1115 H H     . GLU B 2 106 ? 27.480  18.727  12.965  0.00 0.00  ? 106 GLU P H     1 
ATOM 1116 N N     . THR B 2 107 ? 29.486  18.896  11.597  1.00 30.37 ? 107 THR P N     1 
ATOM 1117 C CA    . THR B 2 107 ? 30.428  18.249  10.633  1.00 28.52 ? 107 THR P CA    1 
ATOM 1118 C C     . THR B 2 107 ? 30.129  16.786  10.397  1.00 20.38 ? 107 THR P C     1 
ATOM 1119 O O     . THR B 2 107 ? 30.933  15.950  10.736  1.00 13.32 ? 107 THR P O     1 
ATOM 1120 C CB    . THR B 2 107 ? 31.928  18.274  11.043  1.00 37.95 ? 107 THR P CB    1 
ATOM 1121 O OG1   . THR B 2 107 ? 32.068  18.348  12.466  1.00 45.61 ? 107 THR P OG1   1 
ATOM 1122 C CG2   . THR B 2 107 ? 32.691  19.390  10.329  1.00 38.48 ? 107 THR P CG2   1 
ATOM 1123 H H     . THR B 2 107 ? 28.772  18.329  11.921  0.00 0.00  ? 107 THR P H     1 
ATOM 1124 H HG1   . THR B 2 107 ? 33.007  18.355  12.656  0.00 0.00  ? 107 THR P HG1   1 
ATOM 1125 N N     . LEU B 2 108 ? 29.059  16.448  9.715   1.00 18.49 ? 108 LEU P N     1 
ATOM 1126 C CA    . LEU B 2 108 ? 28.799  15.031  9.585   1.00 20.38 ? 108 LEU P CA    1 
ATOM 1127 C C     . LEU B 2 108 ? 27.858  14.614  8.424   1.00 24.40 ? 108 LEU P C     1 
ATOM 1128 O O     . LEU B 2 108 ? 28.309  14.363  7.295   1.00 21.77 ? 108 LEU P O     1 
ATOM 1129 C CB    . LEU B 2 108 ? 28.314  14.535  10.971  1.00 14.89 ? 108 LEU P CB    1 
ATOM 1130 C CG    . LEU B 2 108 ? 28.420  13.152  11.640  1.00 11.90 ? 108 LEU P CG    1 
ATOM 1131 C CD1   . LEU B 2 108 ? 29.811  12.649  11.785  1.00 5.38  ? 108 LEU P CD1   1 
ATOM 1132 C CD2   . LEU B 2 108 ? 27.829  13.267  13.008  1.00 9.96  ? 108 LEU P CD2   1 
ATOM 1133 H H     . LEU B 2 108 ? 28.513  17.088  9.232   0.00 0.00  ? 108 LEU P H     1 
ATOM 1134 N N     . ASN B 2 109 ? 26.560  14.529  8.710   1.00 25.74 ? 109 ASN P N     1 
ATOM 1135 C CA    . ASN B 2 109 ? 25.527  14.117  7.736   1.00 25.49 ? 109 ASN P CA    1 
ATOM 1136 C C     . ASN B 2 109 ? 25.109  15.331  6.897   1.00 29.31 ? 109 ASN P C     1 
ATOM 1137 O O     . ASN B 2 109 ? 25.825  16.337  6.876   1.00 30.92 ? 109 ASN P O     1 
ATOM 1138 C CB    . ASN B 2 109 ? 24.281  13.576  8.484   1.00 20.26 ? 109 ASN P CB    1 
ATOM 1139 C CG    . ASN B 2 109 ? 24.605  13.004  9.899   1.00 14.77 ? 109 ASN P CG    1 
ATOM 1140 O OD1   . ASN B 2 109 ? 24.605  11.792  10.105  1.00 13.74 ? 109 ASN P OD1   1 
ATOM 1141 N ND2   . ASN B 2 109 ? 24.838  13.884  10.865  1.00 9.52  ? 109 ASN P ND2   1 
ATOM 1142 H H     . ASN B 2 109 ? 26.305  14.793  9.616   0.00 0.00  ? 109 ASN P H     1 
ATOM 1143 H HD21  . ASN B 2 109 ? 24.812  14.851  10.727  0.00 0.00  ? 109 ASN P HD21  1 
ATOM 1144 H HD22  . ASN B 2 109 ? 25.031  13.479  11.738  0.00 0.00  ? 109 ASN P HD22  1 
ATOM 1145 N N     . ALA B 2 110 ? 23.976  15.241  6.186   1.00 31.94 ? 110 ALA P N     1 
ATOM 1146 C CA    . ALA B 2 110 ? 23.460  16.392  5.401   1.00 34.16 ? 110 ALA P CA    1 
ATOM 1147 C C     . ALA B 2 110 ? 22.208  16.887  6.141   1.00 33.07 ? 110 ALA P C     1 
ATOM 1148 O O     . ALA B 2 110 ? 21.300  17.481  5.558   1.00 27.34 ? 110 ALA P O     1 
ATOM 1149 C CB    . ALA B 2 110 ? 23.138  16.007  3.932   1.00 38.21 ? 110 ALA P CB    1 
ATOM 1150 H H     . ALA B 2 110 ? 23.476  14.401  6.160   0.00 0.00  ? 110 ALA P H     1 
ATOM 1151 N N     . THR B 2 111 ? 22.267  16.660  7.458   1.00 34.61 ? 111 THR P N     1 
ATOM 1152 C CA    . THR B 2 111 ? 21.272  16.966  8.487   1.00 36.00 ? 111 THR P CA    1 
ATOM 1153 C C     . THR B 2 111 ? 19.968  17.506  8.045   1.00 31.51 ? 111 THR P C     1 
ATOM 1154 O O     . THR B 2 111 ? 18.917  17.016  8.476   1.00 31.88 ? 111 THR P O     1 
ATOM 1155 C CB    . THR B 2 111 ? 21.806  17.943  9.588   1.00 42.14 ? 111 THR P CB    1 
ATOM 1156 O OG1   . THR B 2 111 ? 20.728  18.363  10.457  1.00 40.88 ? 111 THR P OG1   1 
ATOM 1157 C CG2   . THR B 2 111 ? 22.440  19.160  8.958   1.00 44.77 ? 111 THR P CG2   1 
ATOM 1158 H H     . THR B 2 111 ? 23.090  16.277  7.794   0.00 0.00  ? 111 THR P H     1 
ATOM 1159 H HG1   . THR B 2 111 ? 21.032  19.129  10.953  0.00 0.00  ? 111 THR P HG1   1 
ATOM 1160 N N     . GLN B 2 112 ? 20.025  18.562  7.251   1.00 25.66 ? 112 GLN P N     1 
ATOM 1161 C CA    . GLN B 2 112 ? 18.805  19.170  6.818   1.00 19.59 ? 112 GLN P CA    1 
ATOM 1162 C C     . GLN B 2 112 ? 17.971  18.238  5.951   1.00 16.96 ? 112 GLN P C     1 
ATOM 1163 O O     . GLN B 2 112 ? 16.743  18.260  6.031   1.00 2.00  ? 112 GLN P O     1 
ATOM 1164 C CB    . GLN B 2 112 ? 19.087  20.525  6.173   1.00 15.65 ? 112 GLN P CB    1 
ATOM 1165 C CG    . GLN B 2 112 ? 19.621  21.590  7.151   1.00 10.24 ? 112 GLN P CG    1 
ATOM 1166 C CD    . GLN B 2 112 ? 21.107  21.852  6.971   1.00 12.73 ? 112 GLN P CD    1 
ATOM 1167 O OE1   . GLN B 2 112 ? 21.877  20.919  6.765   1.00 13.26 ? 112 GLN P OE1   1 
ATOM 1168 N NE2   . GLN B 2 112 ? 21.507  23.129  7.006   1.00 12.92 ? 112 GLN P NE2   1 
ATOM 1169 H H     . GLN B 2 112 ? 20.883  18.938  6.941   0.00 0.00  ? 112 GLN P H     1 
ATOM 1170 H HE21  . GLN B 2 112 ? 20.837  23.819  7.154   0.00 0.00  ? 112 GLN P HE21  1 
ATOM 1171 H HE22  . GLN B 2 112 ? 22.448  23.321  6.903   0.00 0.00  ? 112 GLN P HE22  1 
ATOM 1172 N N     . ARG B 2 113 ? 18.638  17.305  5.266   1.00 22.05 ? 113 ARG P N     1 
ATOM 1173 C CA    . ARG B 2 113 ? 17.950  16.356  4.376   1.00 24.55 ? 113 ARG P CA    1 
ATOM 1174 C C     . ARG B 2 113 ? 17.014  15.374  5.115   1.00 25.19 ? 113 ARG P C     1 
ATOM 1175 O O     . ARG B 2 113 ? 16.288  14.558  4.528   1.00 19.97 ? 113 ARG P O     1 
ATOM 1176 C CB    . ARG B 2 113 ? 18.952  15.676  3.423   1.00 22.02 ? 113 ARG P CB    1 
ATOM 1177 C CG    . ARG B 2 113 ? 20.012  14.833  4.067   1.00 27.15 ? 113 ARG P CG    1 
ATOM 1178 C CD    . ARG B 2 113 ? 19.450  13.530  4.568   1.00 22.35 ? 113 ARG P CD    1 
ATOM 1179 N NE    . ARG B 2 113 ? 18.290  13.116  3.780   1.00 23.88 ? 113 ARG P NE    1 
ATOM 1180 C CZ    . ARG B 2 113 ? 17.667  11.957  3.938   1.00 20.74 ? 113 ARG P CZ    1 
ATOM 1181 N NH1   . ARG B 2 113 ? 18.119  11.097  4.846   1.00 19.39 ? 113 ARG P NH1   1 
ATOM 1182 N NH2   . ARG B 2 113 ? 16.545  11.701  3.280   1.00 15.24 ? 113 ARG P NH2   1 
ATOM 1183 H H     . ARG B 2 113 ? 19.590  17.256  5.355   0.00 0.00  ? 113 ARG P H     1 
ATOM 1184 H HE    . ARG B 2 113 ? 17.920  13.667  3.064   0.00 0.00  ? 113 ARG P HE    1 
ATOM 1185 H HH11  . ARG B 2 113 ? 18.919  11.315  5.406   0.00 0.00  ? 113 ARG P HH11  1 
ATOM 1186 H HH12  . ARG B 2 113 ? 17.654  10.220  4.965   0.00 0.00  ? 113 ARG P HH12  1 
ATOM 1187 H HH21  . ARG B 2 113 ? 16.149  12.406  2.696   0.00 0.00  ? 113 ARG P HH21  1 
ATOM 1188 H HH22  . ARG B 2 113 ? 16.079  10.825  3.400   0.00 0.00  ? 113 ARG P HH22  1 
ATOM 1189 N N     . VAL B 2 114 ? 17.039  15.515  6.430   1.00 23.45 ? 114 VAL P N     1 
ATOM 1190 C CA    . VAL B 2 114 ? 16.223  14.751  7.340   1.00 19.97 ? 114 VAL P CA    1 
ATOM 1191 C C     . VAL B 2 114 ? 14.953  15.599  7.268   1.00 21.10 ? 114 VAL P C     1 
ATOM 1192 O O     . VAL B 2 114 ? 13.894  15.113  6.882   1.00 20.96 ? 114 VAL P O     1 
ATOM 1193 C CB    . VAL B 2 114 ? 16.895  14.763  8.785   1.00 24.06 ? 114 VAL P CB    1 
ATOM 1194 C CG1   . VAL B 2 114 ? 16.041  14.065  9.812   1.00 26.15 ? 114 VAL P CG1   1 
ATOM 1195 C CG2   . VAL B 2 114 ? 18.304  14.101  8.740   1.00 28.59 ? 114 VAL P CG2   1 
ATOM 1196 H H     . VAL B 2 114 ? 17.663  16.140  6.844   0.00 0.00  ? 114 VAL P H     1 
ATOM 1197 N N     . ASP B 2 115 ? 15.140  16.910  7.418   1.00 18.22 ? 115 ASP P N     1 
ATOM 1198 C CA    . ASP B 2 115 ? 14.065  17.900  7.406   1.00 9.64  ? 115 ASP P CA    1 
ATOM 1199 C C     . ASP B 2 115 ? 13.346  17.849  6.033   1.00 7.81  ? 115 ASP P C     1 
ATOM 1200 O O     . ASP B 2 115 ? 12.182  18.200  5.893   1.00 5.58  ? 115 ASP P O     1 
ATOM 1201 C CB    . ASP B 2 115 ? 14.650  19.296  7.736   1.00 11.01 ? 115 ASP P CB    1 
ATOM 1202 C CG    . ASP B 2 115 ? 15.712  19.278  8.903   1.00 14.86 ? 115 ASP P CG    1 
ATOM 1203 O OD1   . ASP B 2 115 ? 16.587  18.403  8.910   1.00 16.49 ? 115 ASP P OD1   1 
ATOM 1204 O OD2   . ASP B 2 115 ? 15.739  20.171  9.789   1.00 17.13 ? 115 ASP P OD2   1 
ATOM 1205 H H     . ASP B 2 115 ? 16.066  17.194  7.482   0.00 0.00  ? 115 ASP P H     1 
ATOM 1206 N N     . ASP B 2 116 ? 14.063  17.361  5.027   1.00 7.86  ? 116 ASP P N     1 
ATOM 1207 C CA    . ASP B 2 116 ? 13.538  17.174  3.673   1.00 11.80 ? 116 ASP P CA    1 
ATOM 1208 C C     . ASP B 2 116 ? 12.668  15.854  3.665   1.00 12.51 ? 116 ASP P C     1 
ATOM 1209 O O     . ASP B 2 116 ? 11.472  15.890  3.293   1.00 18.48 ? 116 ASP P O     1 
ATOM 1210 C CB    . ASP B 2 116 ? 14.709  17.076  2.638   1.00 11.64 ? 116 ASP P CB    1 
ATOM 1211 C CG    . ASP B 2 116 ? 15.286  18.478  2.152   1.00 11.00 ? 116 ASP P CG    1 
ATOM 1212 O OD1   . ASP B 2 116 ? 14.542  19.400  1.760   1.00 6.93  ? 116 ASP P OD1   1 
ATOM 1213 O OD2   . ASP B 2 116 ? 16.519  18.636  2.053   1.00 2.00  ? 116 ASP P OD2   1 
ATOM 1214 H H     . ASP B 2 116 ? 14.998  17.154  5.206   0.00 0.00  ? 116 ASP P H     1 
ATOM 1215 N N     . ALA B 2 117 ? 13.251  14.729  4.148   1.00 9.77  ? 117 ALA P N     1 
ATOM 1216 C CA    . ALA B 2 117 ? 12.597  13.384  4.223   1.00 4.98  ? 117 ALA P CA    1 
ATOM 1217 C C     . ALA B 2 117 ? 11.656  13.229  5.382   1.00 4.19  ? 117 ALA P C     1 
ATOM 1218 O O     . ALA B 2 117 ? 11.129  12.158  5.617   1.00 2.00  ? 117 ALA P O     1 
ATOM 1219 C CB    . ALA B 2 117 ? 13.627  12.271  4.272   1.00 9.43  ? 117 ALA P CB    1 
ATOM 1220 H H     . ALA B 2 117 ? 14.173  14.790  4.478   0.00 0.00  ? 117 ALA P H     1 
ATOM 1221 N N     . THR B 2 118 ? 11.500  14.315  6.124   1.00 5.04  ? 118 THR P N     1 
ATOM 1222 C CA    . THR B 2 118 ? 10.608  14.397  7.274   1.00 8.73  ? 118 THR P CA    1 
ATOM 1223 C C     . THR B 2 118 ? 9.178   14.230  6.797   1.00 11.53 ? 118 THR P C     1 
ATOM 1224 O O     . THR B 2 118 ? 8.342   13.540  7.418   1.00 14.21 ? 118 THR P O     1 
ATOM 1225 C CB    . THR B 2 118 ? 10.538  15.821  7.836   1.00 2.00  ? 118 THR P CB    1 
ATOM 1226 O OG1   . THR B 2 118 ? 11.833  16.316  8.160   1.00 2.00  ? 118 THR P OG1   1 
ATOM 1227 C CG2   . THR B 2 118 ? 9.574   15.864  9.001   1.00 2.00  ? 118 THR P CG2   1 
ATOM 1228 H H     . THR B 2 118 ? 12.032  15.107  5.910   0.00 0.00  ? 118 THR P H     1 
ATOM 1229 H HG1   . THR B 2 118 ? 12.435  15.565  8.221   0.00 0.00  ? 118 THR P HG1   1 
ATOM 1230 N N     . VAL B 2 119 ? 8.900   15.043  5.774   1.00 10.52 ? 119 VAL P N     1 
ATOM 1231 C CA    . VAL B 2 119 ? 7.608   15.201  5.156   1.00 10.47 ? 119 VAL P CA    1 
ATOM 1232 C C     . VAL B 2 119 ? 7.113   14.252  4.119   1.00 15.53 ? 119 VAL P C     1 
ATOM 1233 O O     . VAL B 2 119 ? 5.907   14.096  4.000   1.00 18.21 ? 119 VAL P O     1 
ATOM 1234 C CB    . VAL B 2 119 ? 7.486   16.572  4.609   1.00 11.10 ? 119 VAL P CB    1 
ATOM 1235 C CG1   . VAL B 2 119 ? 7.013   17.485  5.695   1.00 10.87 ? 119 VAL P CG1   1 
ATOM 1236 C CG2   . VAL B 2 119 ? 8.825   16.998  4.017   1.00 11.71 ? 119 VAL P CG2   1 
ATOM 1237 H H     . VAL B 2 119 ? 9.692   15.520  5.444   0.00 0.00  ? 119 VAL P H     1 
ATOM 1238 N N     . ALA B 2 120 ? 7.998   13.579  3.393   1.00 20.41 ? 120 ALA P N     1 
ATOM 1239 C CA    . ALA B 2 120 ? 7.544   12.651  2.336   1.00 20.92 ? 120 ALA P CA    1 
ATOM 1240 C C     . ALA B 2 120 ? 6.529   11.576  2.750   1.00 16.59 ? 120 ALA P C     1 
ATOM 1241 O O     . ALA B 2 120 ? 5.972   10.878  1.898   1.00 11.02 ? 120 ALA P O     1 
ATOM 1242 C CB    . ALA B 2 120 ? 8.735   12.054  1.570   1.00 23.06 ? 120 ALA P CB    1 
ATOM 1243 H H     . ALA B 2 120 ? 8.963   13.694  3.523   0.00 0.00  ? 120 ALA P H     1 
ATOM 1244 N N     . ILE B 2 121 ? 6.283   11.500  4.066   1.00 19.88 ? 121 ILE P N     1 
ATOM 1245 C CA    . ILE B 2 121 ? 5.321   10.570  4.709   1.00 22.64 ? 121 ILE P CA    1 
ATOM 1246 C C     . ILE B 2 121 ? 3.996   11.354  4.759   1.00 21.47 ? 121 ILE P C     1 
ATOM 1247 O O     . ILE B 2 121 ? 2.963   10.926  4.227   1.00 24.83 ? 121 ILE P O     1 
ATOM 1248 C CB    . ILE B 2 121 ? 5.718   10.149  6.251   1.00 22.30 ? 121 ILE P CB    1 
ATOM 1249 C CG1   . ILE B 2 121 ? 7.229   9.867   6.422   1.00 16.05 ? 121 ILE P CG1   1 
ATOM 1250 C CG2   . ILE B 2 121 ? 4.916   8.866   6.685   1.00 16.82 ? 121 ILE P CG2   1 
ATOM 1251 C CD1   . ILE B 2 121 ? 8.124   11.048  6.543   1.00 2.00  ? 121 ILE P CD1   1 
ATOM 1252 H H     . ILE B 2 121 ? 6.819   12.064  4.639   0.00 0.00  ? 121 ILE P H     1 
ATOM 1253 N N     . HIS B 2 122 ? 4.064   12.502  5.431   1.00 19.26 ? 122 HIS P N     1 
ATOM 1254 C CA    . HIS B 2 122 ? 2.939   13.392  5.589   1.00 14.77 ? 122 HIS P CA    1 
ATOM 1255 C C     . HIS B 2 122 ? 2.313   13.442  4.180   1.00 8.34  ? 122 HIS P C     1 
ATOM 1256 O O     . HIS B 2 122 ? 1.136   13.110  3.961   1.00 2.00  ? 122 HIS P O     1 
ATOM 1257 C CB    . HIS B 2 122 ? 3.435   14.801  5.999   1.00 20.73 ? 122 HIS P CB    1 
ATOM 1258 C CG    . HIS B 2 122 ? 4.238   14.867  7.276   1.00 27.75 ? 122 HIS P CG    1 
ATOM 1259 N ND1   . HIS B 2 122 ? 5.481   14.270  7.432   1.00 36.11 ? 122 HIS P ND1   1 
ATOM 1260 C CD2   . HIS B 2 122 ? 4.033   15.572  8.421   1.00 34.30 ? 122 HIS P CD2   1 
ATOM 1261 C CE1   . HIS B 2 122 ? 6.004   14.610  8.604   1.00 37.36 ? 122 HIS P CE1   1 
ATOM 1262 N NE2   . HIS B 2 122 ? 5.145   15.401  9.225   1.00 36.82 ? 122 HIS P NE2   1 
ATOM 1263 H H     . HIS B 2 122 ? 4.924   12.713  5.810   0.00 0.00  ? 122 HIS P H     1 
ATOM 1264 H HD1   . HIS B 2 122 ? 5.980   13.702  6.813   0.00 0.00  ? 122 HIS P HD1   1 
ATOM 1265 H HE2   . HIS B 2 122 ? 5.284   15.848  10.093  0.00 0.00  ? 122 HIS P HE2   1 
ATOM 1266 N N     . LYS B 2 123 ? 3.215   13.641  3.222   1.00 4.19  ? 123 LYS P N     1 
ATOM 1267 C CA    . LYS B 2 123 ? 2.893   13.784  1.824   1.00 9.52  ? 123 LYS P CA    1 
ATOM 1268 C C     . LYS B 2 123 ? 2.154   12.687  1.059   1.00 8.13  ? 123 LYS P C     1 
ATOM 1269 O O     . LYS B 2 123 ? 0.921   12.699  1.047   1.00 8.27  ? 123 LYS P O     1 
ATOM 1270 C CB    . LYS B 2 123 ? 4.114   14.282  1.061   1.00 10.78 ? 123 LYS P CB    1 
ATOM 1271 C CG    . LYS B 2 123 ? 4.267   15.790  1.127   1.00 11.14 ? 123 LYS P CG    1 
ATOM 1272 C CD    . LYS B 2 123 ? 4.525   16.271  2.525   1.00 8.56  ? 123 LYS P CD    1 
ATOM 1273 C CE    . LYS B 2 123 ? 4.868   17.754  2.583   1.00 15.49 ? 123 LYS P CE    1 
ATOM 1274 N NZ    . LYS B 2 123 ? 6.067   18.191  1.833   1.00 2.00  ? 123 LYS P NZ    1 
ATOM 1275 H H     . LYS B 2 123 ? 4.155   13.677  3.465   0.00 0.00  ? 123 LYS P H     1 
ATOM 1276 H HZ1   . LYS B 2 123 ? 5.852   18.094  0.826   0.00 0.00  ? 123 LYS P HZ1   1 
ATOM 1277 H HZ2   . LYS B 2 123 ? 6.904   17.635  2.103   0.00 0.00  ? 123 LYS P HZ2   1 
ATOM 1278 H HZ3   . LYS B 2 123 ? 6.203   19.202  2.030   0.00 0.00  ? 123 LYS P HZ3   1 
ATOM 1279 N N     . GLU B 2 124 ? 2.865   11.729  0.468   1.00 6.22  ? 124 GLU P N     1 
ATOM 1280 C CA    . GLU B 2 124 ? 2.218   10.701  -0.339  1.00 2.55  ? 124 GLU P CA    1 
ATOM 1281 C C     . GLU B 2 124 ? 0.860   10.154  0.136   1.00 2.00  ? 124 GLU P C     1 
ATOM 1282 O O     . GLU B 2 124 ? 0.165   9.505   -0.620  1.00 2.00  ? 124 GLU P O     1 
ATOM 1283 C CB    . GLU B 2 124 ? 3.206   9.587   -0.677  1.00 2.00  ? 124 GLU P CB    1 
ATOM 1284 C CG    . GLU B 2 124 ? 4.613   10.102  -1.057  1.00 16.40 ? 124 GLU P CG    1 
ATOM 1285 C CD    . GLU B 2 124 ? 5.101   9.660   -2.451  1.00 24.22 ? 124 GLU P CD    1 
ATOM 1286 O OE1   . GLU B 2 124 ? 6.304   9.893   -2.770  1.00 18.56 ? 124 GLU P OE1   1 
ATOM 1287 O OE2   . GLU B 2 124 ? 4.283   9.085   -3.211  1.00 20.29 ? 124 GLU P OE2   1 
ATOM 1288 H H     . GLU B 2 124 ? 3.827   11.712  0.636   0.00 0.00  ? 124 GLU P H     1 
ATOM 1289 N N     . ILE B 2 125 ? 0.450   10.522  1.348   1.00 2.00  ? 125 ILE P N     1 
ATOM 1290 C CA    . ILE B 2 125 ? -0.803  10.102  1.978   1.00 3.65  ? 125 ILE P CA    1 
ATOM 1291 C C     . ILE B 2 125 ? -2.032  10.656  1.271   1.00 2.00  ? 125 ILE P C     1 
ATOM 1292 O O     . ILE B 2 125 ? -2.966  9.904   1.015   1.00 2.00  ? 125 ILE P O     1 
ATOM 1293 C CB    . ILE B 2 125 ? -0.814  10.439  3.569   1.00 6.49  ? 125 ILE P CB    1 
ATOM 1294 C CG1   . ILE B 2 125 ? -0.097  9.352   4.422   1.00 2.00  ? 125 ILE P CG1   1 
ATOM 1295 C CG2   . ILE B 2 125 ? -2.239  10.566  4.090   1.00 10.17 ? 125 ILE P CG2   1 
ATOM 1296 C CD1   . ILE B 2 125 ? -0.420  9.411   5.898   1.00 2.00  ? 125 ILE P CD1   1 
ATOM 1297 H H     . ILE B 2 125 ? 1.029   11.041  1.923   0.00 0.00  ? 125 ILE P H     1 
ATOM 1298 N N     . ASP B 2 126 ? -2.019  11.963  0.968   1.00 3.06  ? 126 ASP P N     1 
ATOM 1299 C CA    . ASP B 2 126 ? -3.116  12.687  0.255   1.00 2.00  ? 126 ASP P CA    1 
ATOM 1300 C C     . ASP B 2 126 ? -3.117  12.552  -1.274  1.00 3.04  ? 126 ASP P C     1 
ATOM 1301 O O     . ASP B 2 126 ? -4.146  12.733  -1.891  1.00 2.00  ? 126 ASP P O     1 
ATOM 1302 C CB    . ASP B 2 126 ? -3.157  14.185  0.605   1.00 2.00  ? 126 ASP P CB    1 
ATOM 1303 C CG    . ASP B 2 126 ? -1.847  14.937  0.256   1.00 10.15 ? 126 ASP P CG    1 
ATOM 1304 O OD1   . ASP B 2 126 ? -1.690  16.073  0.750   1.00 15.11 ? 126 ASP P OD1   1 
ATOM 1305 O OD2   . ASP B 2 126 ? -0.970  14.433  -0.484  1.00 3.90  ? 126 ASP P OD2   1 
ATOM 1306 H H     . ASP B 2 126 ? -1.214  12.467  1.241   0.00 0.00  ? 126 ASP P H     1 
ATOM 1307 N N     . ASN B 2 127 ? -1.949  12.320  -1.881  1.00 7.59  ? 127 ASN P N     1 
ATOM 1308 C CA    . ASN B 2 127 ? -1.852  12.111  -3.325  1.00 5.33  ? 127 ASN P CA    1 
ATOM 1309 C C     . ASN B 2 127 ? -2.804  10.921  -3.499  1.00 6.33  ? 127 ASN P C     1 
ATOM 1310 O O     . ASN B 2 127 ? -3.786  11.034  -4.233  1.00 8.26  ? 127 ASN P O     1 
ATOM 1311 C CB    . ASN B 2 127 ? -0.411  11.749  -3.790  1.00 2.00  ? 127 ASN P CB    1 
ATOM 1312 C CG    . ASN B 2 127 ? 0.653   12.844  -3.460  1.00 3.01  ? 127 ASN P CG    1 
ATOM 1313 O OD1   . ASN B 2 127 ? 0.365   13.864  -2.851  1.00 2.00  ? 127 ASN P OD1   1 
ATOM 1314 N ND2   . ASN B 2 127 ? 1.896   12.585  -3.831  1.00 2.00  ? 127 ASN P ND2   1 
ATOM 1315 H H     . ASN B 2 127 ? -1.143  12.317  -1.328  0.00 0.00  ? 127 ASN P H     1 
ATOM 1316 H HD21  . ASN B 2 127 ? 2.091   11.733  -4.275  0.00 0.00  ? 127 ASN P HD21  1 
ATOM 1317 H HD22  . ASN B 2 127 ? 2.554   13.284  -3.646  0.00 0.00  ? 127 ASN P HD22  1 
ATOM 1318 N N     . ILE B 2 128 ? -2.582  9.842   -2.718  1.00 11.72 ? 128 ILE P N     1 
ATOM 1319 C CA    . ILE B 2 128 ? -3.431  8.611   -2.721  1.00 12.84 ? 128 ILE P CA    1 
ATOM 1320 C C     . ILE B 2 128 ? -4.690  8.690   -1.899  1.00 9.35  ? 128 ILE P C     1 
ATOM 1321 O O     . ILE B 2 128 ? -5.531  7.817   -1.993  1.00 2.21  ? 128 ILE P O     1 
ATOM 1322 C CB    . ILE B 2 128 ? -2.729  7.315   -2.248  1.00 13.73 ? 128 ILE P CB    1 
ATOM 1323 C CG1   . ILE B 2 128 ? -1.665  7.615   -1.197  1.00 16.81 ? 128 ILE P CG1   1 
ATOM 1324 C CG2   . ILE B 2 128 ? -2.283  6.494   -3.439  1.00 16.40 ? 128 ILE P CG2   1 
ATOM 1325 C CD1   . ILE B 2 128 ? -0.718  6.466   -0.942  1.00 17.71 ? 128 ILE P CD1   1 
ATOM 1326 H H     . ILE B 2 128 ? -1.803  9.861   -2.125  0.00 0.00  ? 128 ILE P H     1 
ATOM 1327 N N     . LEU B 2 129 ? -4.756  9.651   -0.991  1.00 14.20 ? 129 LEU P N     1 
ATOM 1328 C CA    . LEU B 2 129 ? -5.970  9.841   -0.222  1.00 19.08 ? 129 LEU P CA    1 
ATOM 1329 C C     . LEU B 2 129 ? -6.952  10.312  -1.276  1.00 25.25 ? 129 LEU P C     1 
ATOM 1330 O O     . LEU B 2 129 ? -8.135  10.019  -1.180  1.00 26.81 ? 129 LEU P O     1 
ATOM 1331 C CB    . LEU B 2 129 ? -5.800  10.937  0.832   1.00 11.05 ? 129 LEU P CB    1 
ATOM 1332 C CG    . LEU B 2 129 ? -6.021  10.465  2.267   1.00 13.01 ? 129 LEU P CG    1 
ATOM 1333 C CD1   . LEU B 2 129 ? -5.569  11.538  3.211   1.00 12.71 ? 129 LEU P CD1   1 
ATOM 1334 C CD2   . LEU B 2 129 ? -7.483  10.078  2.513   1.00 9.82  ? 129 LEU P CD2   1 
ATOM 1335 H H     . LEU B 2 129 ? -3.974  10.194  -0.788  0.00 0.00  ? 129 LEU P H     1 
ATOM 1336 N N     . LEU B 2 130 ? -6.435  11.068  -2.263  1.00 29.74 ? 130 LEU P N     1 
ATOM 1337 C CA    . LEU B 2 130 ? -7.187  11.673  -3.394  1.00 28.86 ? 130 LEU P CA    1 
ATOM 1338 C C     . LEU B 2 130 ? -7.369  10.787  -4.613  1.00 27.87 ? 130 LEU P C     1 
ATOM 1339 O O     . LEU B 2 130 ? -8.496  10.631  -5.092  1.00 33.11 ? 130 LEU P O     1 
ATOM 1340 C CB    . LEU B 2 130 ? -6.516  12.965  -3.895  1.00 29.97 ? 130 LEU P CB    1 
ATOM 1341 C CG    . LEU B 2 130 ? -6.265  14.211  -3.041  1.00 32.20 ? 130 LEU P CG    1 
ATOM 1342 C CD1   . LEU B 2 130 ? -5.009  14.860  -3.601  1.00 28.03 ? 130 LEU P CD1   1 
ATOM 1343 C CD2   . LEU B 2 130 ? -7.477  15.184  -2.995  1.00 30.70 ? 130 LEU P CD2   1 
ATOM 1344 H H     . LEU B 2 130 ? -5.477  11.262  -2.247  0.00 0.00  ? 130 LEU P H     1 
ATOM 1345 N N     . LEU B 2 131 ? -6.271  10.291  -5.178  1.00 23.54 ? 131 LEU P N     1 
ATOM 1346 C CA    . LEU B 2 131 ? -6.387  9.439   -6.354  1.00 23.28 ? 131 LEU P CA    1 
ATOM 1347 C C     . LEU B 2 131 ? -7.489  8.395   -6.045  1.00 21.14 ? 131 LEU P C     1 
ATOM 1348 O O     . LEU B 2 131 ? -8.467  8.295   -6.802  1.00 20.53 ? 131 LEU P O     1 
ATOM 1349 C CB    . LEU B 2 131 ? -5.005  8.830   -6.732  1.00 24.83 ? 131 LEU P CB    1 
ATOM 1350 C CG    . LEU B 2 131 ? -3.876  9.776   -7.269  1.00 21.27 ? 131 LEU P CG    1 
ATOM 1351 C CD1   . LEU B 2 131 ? -2.567  9.632   -6.491  1.00 12.87 ? 131 LEU P CD1   1 
ATOM 1352 C CD2   . LEU B 2 131 ? -3.584  9.553   -8.768  1.00 15.81 ? 131 LEU P CD2   1 
ATOM 1353 H H     . LEU B 2 131 ? -5.401  10.537  -4.840  0.00 0.00  ? 131 LEU P H     1 
ATOM 1354 N N     . LEU B 2 132 ? -7.415  7.853   -4.810  1.00 21.01 ? 132 LEU P N     1 
ATOM 1355 C CA    . LEU B 2 132 ? -8.313  6.835   -4.178  1.00 21.86 ? 132 LEU P CA    1 
ATOM 1356 C C     . LEU B 2 132 ? -9.661  7.403   -3.666  1.00 24.74 ? 132 LEU P C     1 
ATOM 1357 O O     . LEU B 2 132 ? -10.616 6.627   -3.418  1.00 22.32 ? 132 LEU P O     1 
ATOM 1358 C CB    . LEU B 2 132 ? -7.573  6.176   -2.997  1.00 22.42 ? 132 LEU P CB    1 
ATOM 1359 C CG    . LEU B 2 132 ? -7.975  6.118   -1.493  1.00 16.99 ? 132 LEU P CG    1 
ATOM 1360 C CD1   . LEU B 2 132 ? -6.748  5.635   -0.720  1.00 19.19 ? 132 LEU P CD1   1 
ATOM 1361 C CD2   . LEU B 2 132 ? -8.456  7.393   -0.839  1.00 7.21  ? 132 LEU P CD2   1 
ATOM 1362 H H     . LEU B 2 132 ? -6.675  8.157   -4.246  0.00 0.00  ? 132 LEU P H     1 
ATOM 1363 N N     . GLN B 2 133 ? -9.668  8.729   -3.414  1.00 23.67 ? 133 GLN P N     1 
ATOM 1364 C CA    . GLN B 2 133 ? -10.837 9.522   -2.963  1.00 22.06 ? 133 GLN P CA    1 
ATOM 1365 C C     . GLN B 2 133 ? -11.863 9.489   -4.165  1.00 24.73 ? 133 GLN P C     1 
ATOM 1366 O O     . GLN B 2 133 ? -13.049 9.793   -4.019  1.00 24.55 ? 133 GLN P O     1 
ATOM 1367 C CB    . GLN B 2 133 ? -10.382 10.972  -2.474  1.00 15.02 ? 133 GLN P CB    1 
ATOM 1368 C CG    . GLN B 2 133 ? -10.705 11.365  -0.919  1.00 13.03 ? 133 GLN P CG    1 
ATOM 1369 C CD    . GLN B 2 133 ? -9.663  12.254  -0.075  1.00 7.74  ? 133 GLN P CD    1 
ATOM 1370 O OE1   . GLN B 2 133 ? -10.017 12.862  0.936   1.00 4.44  ? 133 GLN P OE1   1 
ATOM 1371 N NE2   . GLN B 2 133 ? -8.440  12.307  -0.495  1.00 2.00  ? 133 GLN P NE2   1 
ATOM 1372 H H     . GLN B 2 133 ? -8.833  9.207   -3.537  0.00 0.00  ? 133 GLN P H     1 
ATOM 1373 H HE21  . GLN B 2 133 ? -8.352  11.888  -1.351  0.00 0.00  ? 133 GLN P HE21  1 
ATOM 1374 H HE22  . GLN B 2 133 ? -7.746  12.737  0.040   0.00 0.00  ? 133 GLN P HE22  1 
ATOM 1375 N N     . GLY B 2 134 ? -11.385 9.059   -5.336  1.00 25.06 ? 134 GLY P N     1 
ATOM 1376 C CA    . GLY B 2 134 ? -12.226 8.876   -6.505  1.00 27.98 ? 134 GLY P CA    1 
ATOM 1377 C C     . GLY B 2 134 ? -11.986 7.441   -6.997  1.00 30.32 ? 134 GLY P C     1 
ATOM 1378 O O     . GLY B 2 134 ? -10.918 7.157   -7.540  1.00 32.76 ? 134 GLY P O     1 
ATOM 1379 H H     . GLY B 2 134 ? -10.428 8.883   -5.454  0.00 0.00  ? 134 GLY P H     1 
ATOM 1380 N N     . GLY B 2 135 ? -12.952 6.543   -6.785  1.00 28.29 ? 135 GLY P N     1 
ATOM 1381 C CA    . GLY B 2 135 ? -12.863 5.123   -7.167  1.00 25.11 ? 135 GLY P CA    1 
ATOM 1382 C C     . GLY B 2 135 ? -11.857 4.419   -8.093  1.00 20.58 ? 135 GLY P C     1 
ATOM 1383 O O     . GLY B 2 135 ? -12.253 3.582   -8.936  1.00 15.03 ? 135 GLY P O     1 
ATOM 1384 H H     . GLY B 2 135 ? -13.766 6.841   -6.338  0.00 0.00  ? 135 GLY P H     1 
ATOM 1385 N N     . THR B 2 136 ? -10.565 4.611   -7.829  1.00 17.38 ? 136 THR P N     1 
ATOM 1386 C CA    . THR B 2 136 ? -9.497  4.016   -8.643  1.00 17.54 ? 136 THR P CA    1 
ATOM 1387 C C     . THR B 2 136 ? -8.886  2.669   -8.197  1.00 12.93 ? 136 THR P C     1 
ATOM 1388 O O     . THR B 2 136 ? -8.364  2.519   -7.075  1.00 4.02  ? 136 THR P O     1 
ATOM 1389 C CB    . THR B 2 136 ? -8.337  5.013   -8.879  1.00 22.86 ? 136 THR P CB    1 
ATOM 1390 O OG1   . THR B 2 136 ? -8.858  6.282   -9.294  1.00 28.35 ? 136 THR P OG1   1 
ATOM 1391 C CG2   . THR B 2 136 ? -7.415  4.486   -9.943  1.00 21.44 ? 136 THR P CG2   1 
ATOM 1392 H H     . THR B 2 136 ? -10.320 5.192   -7.083  0.00 0.00  ? 136 THR P H     1 
ATOM 1393 H HG1   . THR B 2 136 ? -9.320  6.731   -8.566  0.00 0.00  ? 136 THR P HG1   1 
ATOM 1394 N N     . ALA B 2 137 ? -8.877  1.747   -9.162  1.00 13.39 ? 137 ALA P N     1 
ATOM 1395 C CA    . ALA B 2 137 ? -8.375  0.386   -9.036  1.00 12.65 ? 137 ALA P CA    1 
ATOM 1396 C C     . ALA B 2 137 ? -9.560  -0.445  -8.571  1.00 16.64 ? 137 ALA P C     1 
ATOM 1397 O O     . ALA B 2 137 ? -9.970  -1.409  -9.210  1.00 17.65 ? 137 ALA P O     1 
ATOM 1398 C CB    . ALA B 2 137 ? -7.239  0.326   -8.026  1.00 2.55  ? 137 ALA P CB    1 
ATOM 1399 H H     . ALA B 2 137 ? -9.281  1.990   -10.022 0.00 0.00  ? 137 ALA P H     1 
ATOM 1400 N N     . VAL B 2 138 ? -10.142 0.014   -7.475  1.00 20.27 ? 138 VAL P N     1 
ATOM 1401 C CA    . VAL B 2 138 ? -11.277 -0.606  -6.831  1.00 20.58 ? 138 VAL P CA    1 
ATOM 1402 C C     . VAL B 2 138 ? -12.326 -1.210  -7.737  1.00 26.91 ? 138 VAL P C     1 
ATOM 1403 O O     . VAL B 2 138 ? -12.559 -0.714  -8.825  1.00 24.57 ? 138 VAL P O     1 
ATOM 1404 C CB    . VAL B 2 138 ? -11.979 0.405   -5.856  1.00 16.33 ? 138 VAL P CB    1 
ATOM 1405 C CG1   . VAL B 2 138 ? -11.342 1.747   -5.921  1.00 9.53  ? 138 VAL P CG1   1 
ATOM 1406 C CG2   . VAL B 2 138 ? -13.449 0.559   -6.163  1.00 13.04 ? 138 VAL P CG2   1 
ATOM 1407 H H     . VAL B 2 138 ? -9.695  0.784   -7.088  0.00 0.00  ? 138 VAL P H     1 
ATOM 1408 N N     . TYR B 2 139 ? -12.895 -2.325  -7.288  1.00 33.11 ? 139 TYR P N     1 
ATOM 1409 C CA    . TYR B 2 139 ? -14.015 -3.010  -7.941  1.00 38.30 ? 139 TYR P CA    1 
ATOM 1410 C C     . TYR B 2 139 ? -14.577 -4.331  -7.341  1.00 39.80 ? 139 TYR P C     1 
ATOM 1411 O O     . TYR B 2 139 ? -13.844 -5.207  -6.862  1.00 38.37 ? 139 TYR P O     1 
ATOM 1412 C CB    . TYR B 2 139 ? -13.935 -3.044  -9.491  1.00 38.57 ? 139 TYR P CB    1 
ATOM 1413 C CG    . TYR B 2 139 ? -12.680 -3.597  -10.124 1.00 39.69 ? 139 TYR P CG    1 
ATOM 1414 C CD1   . TYR B 2 139 ? -11.986 -2.857  -11.080 1.00 40.31 ? 139 TYR P CD1   1 
ATOM 1415 C CD2   . TYR B 2 139 ? -12.213 -4.872  -9.816  1.00 40.83 ? 139 TYR P CD2   1 
ATOM 1416 C CE1   . TYR B 2 139 ? -10.855 -3.374  -11.726 1.00 40.97 ? 139 TYR P CE1   1 
ATOM 1417 C CE2   . TYR B 2 139 ? -11.086 -5.391  -10.452 1.00 39.45 ? 139 TYR P CE2   1 
ATOM 1418 C CZ    . TYR B 2 139 ? -10.411 -4.645  -11.409 1.00 38.85 ? 139 TYR P CZ    1 
ATOM 1419 O OH    . TYR B 2 139 ? -9.324  -5.186  -12.071 1.00 35.58 ? 139 TYR P OH    1 
ATOM 1420 H H     . TYR B 2 139 ? -12.503 -2.737  -6.486  0.00 0.00  ? 139 TYR P H     1 
ATOM 1421 H HH    . TYR B 2 139 ? -8.890  -4.509  -12.596 0.00 0.00  ? 139 TYR P HH    1 
ATOM 1422 N N     . ASP B 2 140 ? -15.917 -4.370  -7.317  1.00 42.63 ? 140 ASP P N     1 
ATOM 1423 C CA    . ASP B 2 140 ? -16.794 -5.457  -6.832  1.00 44.65 ? 140 ASP P CA    1 
ATOM 1424 C C     . ASP B 2 140 ? -16.211 -6.886  -6.841  1.00 45.71 ? 140 ASP P C     1 
ATOM 1425 O O     . ASP B 2 140 ? -16.031 -7.500  -5.796  1.00 43.87 ? 140 ASP P O     1 
ATOM 1426 C CB    . ASP B 2 140 ? -18.141 -5.454  -7.639  1.00 45.59 ? 140 ASP P CB    1 
ATOM 1427 C CG    . ASP B 2 140 ? -19.166 -4.348  -7.189  1.00 40.98 ? 140 ASP P CG    1 
ATOM 1428 O OD1   . ASP B 2 140 ? -18.899 -3.126  -7.368  1.00 35.74 ? 140 ASP P OD1   1 
ATOM 1429 O OD2   . ASP B 2 140 ? -20.286 -4.725  -6.721  1.00 40.54 ? 140 ASP P OD2   1 
ATOM 1430 H H     . ASP B 2 140 ? -16.368 -3.567  -7.652  0.00 0.00  ? 140 ASP P H     1 
ATOM 1431 N N     . ARG B 2 141 ? -15.949 -7.391  -8.045  1.00 43.80 ? 141 ARG P N     1 
ATOM 1432 C CA    . ARG B 2 141 ? -15.458 -8.739  -8.292  1.00 39.97 ? 141 ARG P CA    1 
ATOM 1433 C C     . ARG B 2 141 ? -15.537 -9.049  -9.788  1.00 44.68 ? 141 ARG P C     1 
ATOM 1434 O O     . ARG B 2 141 ? -14.568 -9.546  -10.387 1.00 44.46 ? 141 ARG P O     1 
ATOM 1435 C CB    . ARG B 2 141 ? -16.306 -9.738  -7.505  1.00 33.10 ? 141 ARG P CB    1 
ATOM 1436 C CG    . ARG B 2 141 ? -17.827 -9.555  -7.616  1.00 20.53 ? 141 ARG P CG    1 
ATOM 1437 C CD    . ARG B 2 141 ? -18.469 -10.899 -7.550  1.00 7.51  ? 141 ARG P CD    1 
ATOM 1438 N NE    . ARG B 2 141 ? -17.576 -11.874 -8.164  1.00 7.14  ? 141 ARG P NE    1 
ATOM 1439 C CZ    . ARG B 2 141 ? -17.425 -13.116 -7.750  1.00 2.00  ? 141 ARG P CZ    1 
ATOM 1440 N NH1   . ARG B 2 141 ? -18.124 -13.560 -6.723  1.00 2.00  ? 141 ARG P NH1   1 
ATOM 1441 N NH2   . ARG B 2 141 ? -16.482 -13.864 -8.293  1.00 2.00  ? 141 ARG P NH2   1 
ATOM 1442 H H     . ARG B 2 141 ? -16.100 -6.804  -8.805  0.00 0.00  ? 141 ARG P H     1 
ATOM 1443 H HE    . ARG B 2 141 ? -17.056 -11.604 -8.951  0.00 0.00  ? 141 ARG P HE    1 
ATOM 1444 H HH11  . ARG B 2 141 ? -18.781 -12.969 -6.261  0.00 0.00  ? 141 ARG P HH11  1 
ATOM 1445 H HH12  . ARG B 2 141 ? -18.008 -14.506 -6.418  0.00 0.00  ? 141 ARG P HH12  1 
ATOM 1446 H HH21  . ARG B 2 141 ? -15.891 -13.487 -9.007  0.00 0.00  ? 141 ARG P HH21  1 
ATOM 1447 H HH22  . ARG B 2 141 ? -16.343 -14.798 -7.970  0.00 0.00  ? 141 ARG P HH22  1 
ATOM 1448 N N     . THR B 2 142 ? -16.715 -8.708  -10.347 1.00 49.08 ? 142 THR P N     1 
ATOM 1449 C CA    . THR B 2 142 ? -17.151 -8.814  -11.763 1.00 48.51 ? 142 THR P CA    1 
ATOM 1450 C C     . THR B 2 142 ? -16.124 -8.099  -12.680 1.00 49.84 ? 142 THR P C     1 
ATOM 1451 O O     . THR B 2 142 ? -15.846 -8.540  -13.811 1.00 46.34 ? 142 THR P O     1 
ATOM 1452 C CB    . THR B 2 142 ? -18.562 -8.094  -11.936 1.00 49.76 ? 142 THR P CB    1 
ATOM 1453 O OG1   . THR B 2 142 ? -18.580 -6.860  -11.190 1.00 48.44 ? 142 THR P OG1   1 
ATOM 1454 C CG2   . THR B 2 142 ? -19.708 -8.967  -11.433 1.00 48.16 ? 142 THR P CG2   1 
ATOM 1455 H H     . THR B 2 142 ? -17.390 -8.337  -9.740  0.00 0.00  ? 142 THR P H     1 
ATOM 1456 H HG1   . THR B 2 142 ? -19.426 -6.424  -11.372 0.00 0.00  ? 142 THR P HG1   1 
ATOM 1457 N N     . ALA B 2 143 ? -15.606 -6.982  -12.147 1.00 47.27 ? 143 ALA P N     1 
ATOM 1458 C CA    . ALA B 2 143 ? -14.596 -6.121  -12.761 1.00 39.41 ? 143 ALA P CA    1 
ATOM 1459 C C     . ALA B 2 143 ? -13.150 -6.623  -12.515 1.00 38.92 ? 143 ALA P C     1 
ATOM 1460 O O     . ALA B 2 143 ? -12.230 -6.161  -13.191 1.00 36.73 ? 143 ALA P O     1 
ATOM 1461 C CB    . ALA B 2 143 ? -14.771 -4.688  -12.259 1.00 32.49 ? 143 ALA P CB    1 
ATOM 1462 H H     . ALA B 2 143 ? -15.983 -6.715  -11.289 0.00 0.00  ? 143 ALA P H     1 
ATOM 1463 N N     . PHE B 2 144 ? -12.935 -7.514  -11.532 1.00 38.09 ? 144 PHE P N     1 
ATOM 1464 C CA    . PHE B 2 144 ? -11.596 -8.081  -11.295 1.00 37.75 ? 144 PHE P CA    1 
ATOM 1465 C C     . PHE B 2 144 ? -11.268 -8.973  -12.467 1.00 37.49 ? 144 PHE P C     1 
ATOM 1466 O O     . PHE B 2 144 ? -10.388 -8.671  -13.273 1.00 33.59 ? 144 PHE P O     1 
ATOM 1467 C CB    . PHE B 2 144 ? -11.526 -8.947  -10.025 1.00 36.40 ? 144 PHE P CB    1 
ATOM 1468 C CG    . PHE B 2 144 ? -10.212 -9.780  -9.893  1.00 38.06 ? 144 PHE P CG    1 
ATOM 1469 C CD1   . PHE B 2 144 ? -8.949  -9.200  -10.105 1.00 38.35 ? 144 PHE P CD1   1 
ATOM 1470 C CD2   . PHE B 2 144 ? -10.247 -11.129 -9.519  1.00 34.60 ? 144 PHE P CD2   1 
ATOM 1471 C CE1   . PHE B 2 144 ? -7.766  -9.954  -9.941  1.00 33.01 ? 144 PHE P CE1   1 
ATOM 1472 C CE2   . PHE B 2 144 ? -9.071  -11.869 -9.354  1.00 32.02 ? 144 PHE P CE2   1 
ATOM 1473 C CZ    . PHE B 2 144 ? -7.838  -11.285 -9.564  1.00 31.30 ? 144 PHE P CZ    1 
ATOM 1474 H H     . PHE B 2 144 ? -13.673 -7.825  -10.979 0.00 0.00  ? 144 PHE P H     1 
ATOM 1475 N N     . GLU B 2 145 ? -12.018 -10.074 -12.529 1.00 37.43 ? 145 GLU P N     1 
ATOM 1476 C CA    . GLU B 2 145 ? -11.902 -11.098 -13.564 1.00 35.68 ? 145 GLU P CA    1 
ATOM 1477 C C     . GLU B 2 145 ? -11.828 -10.364 -14.922 1.00 37.08 ? 145 GLU P C     1 
ATOM 1478 O O     . GLU B 2 145 ? -11.094 -10.756 -15.824 1.00 36.76 ? 145 GLU P O     1 
ATOM 1479 C CB    . GLU B 2 145 ? -13.123 -12.063 -13.481 1.00 33.36 ? 145 GLU P CB    1 
ATOM 1480 C CG    . GLU B 2 145 ? -13.819 -12.236 -12.049 1.00 30.79 ? 145 GLU P CG    1 
ATOM 1481 C CD    . GLU B 2 145 ? -13.419 -13.506 -11.234 1.00 28.92 ? 145 GLU P CD    1 
ATOM 1482 O OE1   . GLU B 2 145 ? -12.884 -13.365 -10.116 1.00 21.48 ? 145 GLU P OE1   1 
ATOM 1483 O OE2   . GLU B 2 145 ? -13.691 -14.649 -11.672 1.00 33.84 ? 145 GLU P OE2   1 
ATOM 1484 H H     . GLU B 2 145 ? -12.692 -10.177 -11.832 0.00 0.00  ? 145 GLU P H     1 
ATOM 1485 N N     . VAL B 2 146 ? -12.523 -9.235  -15.004 1.00 35.53 ? 146 VAL P N     1 
ATOM 1486 C CA    . VAL B 2 146 ? -12.540 -8.414  -16.195 1.00 30.59 ? 146 VAL P CA    1 
ATOM 1487 C C     . VAL B 2 146 ? -11.259 -7.592  -16.397 1.00 27.61 ? 146 VAL P C     1 
ATOM 1488 O O     . VAL B 2 146 ? -10.444 -7.963  -17.236 1.00 26.30 ? 146 VAL P O     1 
ATOM 1489 C CB    . VAL B 2 146 ? -13.803 -7.527  -16.203 1.00 35.61 ? 146 VAL P CB    1 
ATOM 1490 C CG1   . VAL B 2 146 ? -13.672 -6.365  -17.225 1.00 38.21 ? 146 VAL P CG1   1 
ATOM 1491 C CG2   . VAL B 2 146 ? -15.020 -8.402  -16.517 1.00 37.02 ? 146 VAL P CG2   1 
ATOM 1492 H H     . VAL B 2 146 ? -13.057 -8.957  -14.240 0.00 0.00  ? 146 VAL P H     1 
ATOM 1493 N N     . ALA B 2 147 ? -11.037 -6.551  -15.588 1.00 25.72 ? 147 ALA P N     1 
ATOM 1494 C CA    . ALA B 2 147 ? -9.864  -5.662  -15.718 1.00 22.72 ? 147 ALA P CA    1 
ATOM 1495 C C     . ALA B 2 147 ? -8.494  -6.306  -15.584 1.00 25.27 ? 147 ALA P C     1 
ATOM 1496 O O     . ALA B 2 147 ? -7.465  -5.620  -15.434 1.00 17.58 ? 147 ALA P O     1 
ATOM 1497 C CB    . ALA B 2 147 ? -9.977  -4.503  -14.794 1.00 18.30 ? 147 ALA P CB    1 
ATOM 1498 H H     . ALA B 2 147 ? -11.664 -6.383  -14.869 0.00 0.00  ? 147 ALA P H     1 
ATOM 1499 N N     . SER B 2 148 ? -8.522  -7.633  -15.635 1.00 31.20 ? 148 SER P N     1 
ATOM 1500 C CA    . SER B 2 148 ? -7.370  -8.506  -15.572 1.00 31.84 ? 148 SER P CA    1 
ATOM 1501 C C     . SER B 2 148 ? -7.580  -9.563  -16.653 1.00 32.04 ? 148 SER P C     1 
ATOM 1502 O O     . SER B 2 148 ? -6.622  -10.054 -17.236 1.00 30.66 ? 148 SER P O     1 
ATOM 1503 C CB    . SER B 2 148 ? -7.286  -9.169  -14.197 1.00 29.52 ? 148 SER P CB    1 
ATOM 1504 O OG    . SER B 2 148 ? -8.450  -9.921  -13.925 1.00 20.26 ? 148 SER P OG    1 
ATOM 1505 H H     . SER B 2 148 ? -9.344  -8.135  -15.616 0.00 0.00  ? 148 SER P H     1 
ATOM 1506 H HG    . SER B 2 148 ? -8.453  -10.139 -12.986 0.00 0.00  ? 148 SER P HG    1 
ATOM 1507 N N     . GLY B 2 149 ? -8.840  -9.925  -16.887 1.00 32.71 ? 149 GLY P N     1 
ATOM 1508 C CA    . GLY B 2 149 ? -9.176  -10.908 -17.907 1.00 34.89 ? 149 GLY P CA    1 
ATOM 1509 C C     . GLY B 2 149 ? -9.262  -12.368 -17.484 1.00 37.90 ? 149 GLY P C     1 
ATOM 1510 O O     . GLY B 2 149 ? -9.831  -13.186 -18.218 1.00 30.05 ? 149 GLY P O     1 
ATOM 1511 H H     . GLY B 2 149 ? -9.574  -9.570  -16.352 0.00 0.00  ? 149 GLY P H     1 
ATOM 1512 N N     . LEU B 2 150 ? -8.695  -12.686 -16.311 1.00 45.81 ? 150 LEU P N     1 
ATOM 1513 C CA    . LEU B 2 150 ? -8.656  -14.050 -15.738 1.00 54.58 ? 150 LEU P CA    1 
ATOM 1514 C C     . LEU B 2 150 ? -10.008 -14.721 -15.594 1.00 58.12 ? 150 LEU P C     1 
ATOM 1515 O O     . LEU B 2 150 ? -10.810 -14.384 -14.717 1.00 58.29 ? 150 LEU P O     1 
ATOM 1516 C CB    . LEU B 2 150 ? -7.909  -14.068 -14.406 1.00 56.67 ? 150 LEU P CB    1 
ATOM 1517 C CG    . LEU B 2 150 ? -8.134  -12.850 -13.523 1.00 59.60 ? 150 LEU P CG    1 
ATOM 1518 C CD1   . LEU B 2 150 ? -9.305  -13.094 -12.611 1.00 58.06 ? 150 LEU P CD1   1 
ATOM 1519 C CD2   . LEU B 2 150 ? -6.887  -12.535 -12.733 1.00 57.72 ? 150 LEU P CD2   1 
ATOM 1520 H H     . LEU B 2 150 ? -8.316  -11.937 -15.808 0.00 0.00  ? 150 LEU P H     1 
ATOM 1521 N N     . SER B 2 151 ? -10.214 -15.708 -16.459 1.00 62.93 ? 151 SER P N     1 
ATOM 1522 C CA    . SER B 2 151 ? -11.453 -16.472 -16.562 1.00 67.18 ? 151 SER P CA    1 
ATOM 1523 C C     . SER B 2 151 ? -11.699 -17.547 -15.461 1.00 69.93 ? 151 SER P C     1 
ATOM 1524 O O     . SER B 2 151 ? -10.857 -18.429 -15.241 1.00 73.83 ? 151 SER P O     1 
ATOM 1525 C CB    . SER B 2 151 ? -11.504 -17.087 -17.984 1.00 67.66 ? 151 SER P CB    1 
ATOM 1526 O OG    . SER B 2 151 ? -10.636 -16.385 -18.900 1.00 65.36 ? 151 SER P OG    1 
ATOM 1527 H H     . SER B 2 151 ? -9.528  -15.915 -17.123 0.00 0.00  ? 151 SER P H     1 
ATOM 1528 H HG    . SER B 2 151 ? -10.781 -16.690 -19.799 0.00 0.00  ? 151 SER P HG    1 
ATOM 1529 N N     . TRP B 2 152 ? -12.836 -17.444 -14.757 1.00 67.90 ? 152 TRP P N     1 
ATOM 1530 C CA    . TRP B 2 152 ? -13.200 -18.413 -13.707 1.00 64.76 ? 152 TRP P CA    1 
ATOM 1531 C C     . TRP B 2 152 ? -13.835 -19.703 -14.277 1.00 64.92 ? 152 TRP P C     1 
ATOM 1532 O O     . TRP B 2 152 ? -14.703 -19.648 -15.175 1.00 70.67 ? 152 TRP P O     1 
ATOM 1533 C CB    . TRP B 2 152 ? -14.142 -17.774 -12.649 1.00 60.49 ? 152 TRP P CB    1 
ATOM 1534 C CG    . TRP B 2 152 ? -15.252 -18.719 -12.089 1.00 59.08 ? 152 TRP P CG    1 
ATOM 1535 C CD1   . TRP B 2 152 ? -16.533 -18.852 -12.572 1.00 56.56 ? 152 TRP P CD1   1 
ATOM 1536 C CD2   . TRP B 2 152 ? -15.162 -19.635 -10.966 1.00 56.54 ? 152 TRP P CD2   1 
ATOM 1537 N NE1   . TRP B 2 152 ? -17.237 -19.783 -11.830 1.00 54.59 ? 152 TRP P NE1   1 
ATOM 1538 C CE2   . TRP B 2 152 ? -16.426 -20.277 -10.841 1.00 56.28 ? 152 TRP P CE2   1 
ATOM 1539 C CE3   . TRP B 2 152 ? -14.141 -19.976 -10.061 1.00 53.56 ? 152 TRP P CE3   1 
ATOM 1540 C CZ2   . TRP B 2 152 ? -16.689 -21.230 -9.848  1.00 55.91 ? 152 TRP P CZ2   1 
ATOM 1541 C CZ3   . TRP B 2 152 ? -14.403 -20.921 -9.080  1.00 52.23 ? 152 TRP P CZ3   1 
ATOM 1542 C CH2   . TRP B 2 152 ? -15.670 -21.537 -8.982  1.00 55.88 ? 152 TRP P CH2   1 
ATOM 1543 H H     . TRP B 2 152 ? -13.452 -16.713 -14.962 0.00 0.00  ? 152 TRP P H     1 
ATOM 1544 H HE1   . TRP B 2 152 ? -18.162 -20.076 -11.994 0.00 0.00  ? 152 TRP P HE1   1 
ATOM 1545 N N     . ALA B 2 153 ? -13.383 -20.851 -13.758 1.00 60.56 ? 153 ALA P N     1 
ATOM 1546 C CA    . ALA B 2 153 ? -13.909 -22.166 -14.153 1.00 55.70 ? 153 ALA P CA    1 
ATOM 1547 C C     . ALA B 2 153 ? -14.763 -22.787 -13.049 1.00 52.66 ? 153 ALA P C     1 
ATOM 1548 O O     . ALA B 2 153 ? -14.569 -22.505 -11.862 1.00 50.66 ? 153 ALA P O     1 
ATOM 1549 C CB    . ALA B 2 153 ? -12.776 -23.137 -14.537 1.00 52.81 ? 153 ALA P CB    1 
ATOM 1550 H H     . ALA B 2 153 ? -12.650 -20.807 -13.120 0.00 0.00  ? 153 ALA P H     1 
ATOM 1551 N N     . ASP B 2 154 ? -15.672 -23.656 -13.481 1.00 50.68 ? 154 ASP P N     1 
ATOM 1552 C CA    . ASP B 2 154 ? -16.614 -24.414 -12.653 1.00 49.35 ? 154 ASP P CA    1 
ATOM 1553 C C     . ASP B 2 154 ? -18.077 -23.940 -12.738 1.00 51.39 ? 154 ASP P C     1 
ATOM 1554 O O     . ASP B 2 154 ? -18.420 -22.833 -12.308 1.00 52.01 ? 154 ASP P O     1 
ATOM 1555 C CB    . ASP B 2 154 ? -16.151 -24.590 -11.167 1.00 38.12 ? 154 ASP P CB    1 
ATOM 1556 C CG    . ASP B 2 154 ? -16.356 -26.036 -10.630 1.00 26.12 ? 154 ASP P CG    1 
ATOM 1557 O OD1   . ASP B 2 154 ? -15.585 -26.943 -11.044 1.00 21.58 ? 154 ASP P OD1   1 
ATOM 1558 O OD2   . ASP B 2 154 ? -17.280 -26.257 -9.798  1.00 21.75 ? 154 ASP P OD2   1 
ATOM 1559 H H     . ASP B 2 154 ? -15.745 -23.766 -14.450 0.00 0.00  ? 154 ASP P H     1 
ATOM 1560 N N     . PRO B 2 155 ? -18.913 -24.728 -13.451 1.00 51.98 ? 155 PRO P N     1 
ATOM 1561 C CA    . PRO B 2 155 ? -20.356 -24.549 -13.680 1.00 50.71 ? 155 PRO P CA    1 
ATOM 1562 C C     . PRO B 2 155 ? -21.186 -24.833 -12.402 1.00 49.48 ? 155 PRO P C     1 
ATOM 1563 O O     . PRO B 2 155 ? -21.753 -25.930 -12.184 1.00 49.85 ? 155 PRO P O     1 
ATOM 1564 C CB    . PRO B 2 155 ? -20.673 -25.549 -14.824 1.00 53.68 ? 155 PRO P CB    1 
ATOM 1565 C CG    . PRO B 2 155 ? -19.557 -26.569 -14.743 1.00 49.55 ? 155 PRO P CG    1 
ATOM 1566 C CD    . PRO B 2 155 ? -18.362 -25.646 -14.468 1.00 52.59 ? 155 PRO P CD    1 
ATOM 1567 N N     . THR B 2 156 ? -21.237 -23.803 -11.573 1.00 46.35 ? 156 THR P N     1 
ATOM 1568 C CA    . THR B 2 156 ? -21.969 -23.819 -10.340 1.00 46.02 ? 156 THR P CA    1 
ATOM 1569 C C     . THR B 2 156 ? -23.429 -23.397 -10.626 1.00 47.17 ? 156 THR P C     1 
ATOM 1570 O O     . THR B 2 156 ? -24.199 -23.167 -9.705  1.00 46.95 ? 156 THR P O     1 
ATOM 1571 C CB    . THR B 2 156 ? -21.287 -22.835 -9.352  1.00 50.31 ? 156 THR P CB    1 
ATOM 1572 O OG1   . THR B 2 156 ? -20.894 -21.657 -10.061 1.00 49.21 ? 156 THR P OG1   1 
ATOM 1573 C CG2   . THR B 2 156 ? -20.019 -23.462 -8.698  1.00 48.12 ? 156 THR P CG2   1 
ATOM 1574 H H     . THR B 2 156 ? -20.736 -22.972 -11.774 0.00 0.00  ? 156 THR P H     1 
ATOM 1575 H HG1   . THR B 2 156 ? -20.890 -20.938 -9.411  0.00 0.00  ? 156 THR P HG1   1 
ATOM 1576 N N     . THR B 2 157 ? -23.821 -23.369 -11.903 1.00 47.76 ? 157 THR P N     1 
ATOM 1577 C CA    . THR B 2 157 ? -25.169 -22.944 -12.343 1.00 49.38 ? 157 THR P CA    1 
ATOM 1578 C C     . THR B 2 157 ? -26.373 -23.369 -11.473 1.00 54.42 ? 157 THR P C     1 
ATOM 1579 O O     . THR B 2 157 ? -27.269 -22.540 -11.212 1.00 56.13 ? 157 THR P O     1 
ATOM 1580 C CB    . THR B 2 157 ? -25.428 -23.228 -13.902 1.00 51.15 ? 157 THR P CB    1 
ATOM 1581 O OG1   . THR B 2 157 ? -24.808 -22.201 -14.700 1.00 43.93 ? 157 THR P OG1   1 
ATOM 1582 C CG2   . THR B 2 157 ? -26.937 -23.256 -14.240 1.00 50.11 ? 157 THR P CG2   1 
ATOM 1583 H H     . THR B 2 157 ? -23.195 -23.636 -12.598 0.00 0.00  ? 157 THR P H     1 
ATOM 1584 H HG1   . THR B 2 157 ? -23.842 -22.219 -14.770 0.00 0.00  ? 157 THR P HG1   1 
ATOM 1585 N N     . THR B 2 158 ? -26.397 -24.622 -11.002 1.00 57.63 ? 158 THR P N     1 
ATOM 1586 C CA    . THR B 2 158 ? -27.511 -25.085 -10.158 1.00 59.19 ? 158 THR P CA    1 
ATOM 1587 C C     . THR B 2 158 ? -27.188 -24.854 -8.658  1.00 60.47 ? 158 THR P C     1 
ATOM 1588 O O     . THR B 2 158 ? -26.428 -25.614 -8.030  1.00 62.00 ? 158 THR P O     1 
ATOM 1589 C CB    . THR B 2 158 ? -27.928 -26.576 -10.484 1.00 60.10 ? 158 THR P CB    1 
ATOM 1590 O OG1   . THR B 2 158 ? -28.209 -26.706 -11.888 1.00 54.64 ? 158 THR P OG1   1 
ATOM 1591 C CG2   . THR B 2 158 ? -29.199 -26.971 -9.714  1.00 59.10 ? 158 THR P CG2   1 
ATOM 1592 H H     . THR B 2 158 ? -25.679 -25.257 -11.194 0.00 0.00  ? 158 THR P H     1 
ATOM 1593 H HG1   . THR B 2 158 ? -28.470 -27.613 -12.074 0.00 0.00  ? 158 THR P HG1   1 
ATOM 1594 N N     . SER B 2 159 ? -27.725 -23.740 -8.144  1.00 55.90 ? 159 SER P N     1 
ATOM 1595 C CA    . SER B 2 159 ? -27.571 -23.257 -6.756  1.00 49.46 ? 159 SER P CA    1 
ATOM 1596 C C     . SER B 2 159 ? -26.390 -22.269 -6.498  1.00 49.03 ? 159 SER P C     1 
ATOM 1597 O O     . SER B 2 159 ? -26.232 -21.770 -5.377  1.00 52.75 ? 159 SER P O     1 
ATOM 1598 C CB    . SER B 2 159 ? -27.614 -24.415 -5.729  1.00 44.49 ? 159 SER P CB    1 
ATOM 1599 O OG    . SER B 2 159 ? -28.938 -24.926 -5.581  1.00 40.06 ? 159 SER P OG    1 
ATOM 1600 H H     . SER B 2 159 ? -28.268 -23.192 -8.746  0.00 0.00  ? 159 SER P H     1 
ATOM 1601 H HG    . SER B 2 159 ? -28.911 -25.629 -4.926  0.00 0.00  ? 159 SER P HG    1 
ATOM 1602 N N     . THR B 2 160 ? -25.618 -21.937 -7.544  1.00 44.48 ? 160 THR P N     1 
ATOM 1603 C CA    . THR B 2 160 ? -24.479 -21.002 -7.444  1.00 38.03 ? 160 THR P CA    1 
ATOM 1604 C C     . THR B 2 160 ? -23.935 -20.526 -8.834  1.00 41.48 ? 160 THR P C     1 
ATOM 1605 O O     . THR B 2 160 ? -22.732 -20.319 -9.010  1.00 39.55 ? 160 THR P O     1 
ATOM 1606 C CB    . THR B 2 160 ? -23.347 -21.585 -6.483  1.00 34.34 ? 160 THR P CB    1 
ATOM 1607 O OG1   . THR B 2 160 ? -22.064 -21.024 -6.801  1.00 28.87 ? 160 THR P OG1   1 
ATOM 1608 C CG2   . THR B 2 160 ? -23.295 -23.144 -6.510  1.00 28.86 ? 160 THR P CG2   1 
ATOM 1609 H H     . THR B 2 160 ? -25.771 -22.368 -8.411  0.00 0.00  ? 160 THR P H     1 
ATOM 1610 H HG1   . THR B 2 160 ? -22.145 -20.094 -7.036  0.00 0.00  ? 160 THR P HG1   1 
ATOM 1611 N N     . THR B 2 161 ? -24.864 -20.237 -9.757  1.00 40.13 ? 161 THR P N     1 
ATOM 1612 C CA    . THR B 2 161 ? -24.608 -19.814 -11.157 1.00 36.41 ? 161 THR P CA    1 
ATOM 1613 C C     . THR B 2 161 ? -23.300 -19.150 -11.651 1.00 37.79 ? 161 THR P C     1 
ATOM 1614 O O     . THR B 2 161 ? -22.743 -18.237 -11.018 1.00 36.95 ? 161 THR P O     1 
ATOM 1615 C CB    . THR B 2 161 ? -25.810 -18.980 -11.740 1.00 40.02 ? 161 THR P CB    1 
ATOM 1616 O OG1   . THR B 2 161 ? -27.058 -19.534 -11.290 1.00 35.94 ? 161 THR P OG1   1 
ATOM 1617 C CG2   . THR B 2 161 ? -25.783 -18.986 -13.294 1.00 36.81 ? 161 THR P CG2   1 
ATOM 1618 H H     . THR B 2 161 ? -25.807 -20.280 -9.510  0.00 0.00  ? 161 THR P H     1 
ATOM 1619 H HG1   . THR B 2 161 ? -27.208 -20.405 -11.683 0.00 0.00  ? 161 THR P HG1   1 
ATOM 1620 N N     . THR B 2 162 ? -22.900 -19.632 -12.834 1.00 36.69 ? 162 THR P N     1 
ATOM 1621 C CA    . THR B 2 162 ? -21.749 -19.253 -13.671 1.00 32.53 ? 162 THR P CA    1 
ATOM 1622 C C     . THR B 2 162 ? -21.691 -20.389 -14.731 1.00 32.14 ? 162 THR P C     1 
ATOM 1623 O O     . THR B 2 162 ? -20.613 -20.936 -15.055 1.00 34.45 ? 162 THR P O     1 
ATOM 1624 C CB    . THR B 2 162 ? -20.370 -19.063 -12.903 1.00 31.14 ? 162 THR P CB    1 
ATOM 1625 O OG1   . THR B 2 162 ? -20.462 -17.984 -11.964 1.00 20.28 ? 162 THR P OG1   1 
ATOM 1626 C CG2   . THR B 2 162 ? -19.266 -18.691 -13.885 1.00 24.36 ? 162 THR P CG2   1 
ATOM 1627 O OXT   . THR B 2 162 ? -22.780 -20.752 -15.228 1.00 24.09 ? 162 THR P OXT   1 
ATOM 1628 H H     . THR B 2 162 ? -23.425 -20.340 -13.260 0.00 0.00  ? 162 THR P H     1 
ATOM 1629 H HG1   . THR B 2 162 ? -20.968 -18.305 -11.216 0.00 0.00  ? 162 THR P HG1   1 
# 
